data_2YVK
#
_entry.id   2YVK
#
_cell.length_a   79.987
_cell.length_b   84.444
_cell.length_c   95.299
_cell.angle_alpha   90.00
_cell.angle_beta   92.34
_cell.angle_gamma   90.00
#
_symmetry.space_group_name_H-M   'P 1 21 1'
#
loop_
_entity.id
_entity.type
_entity.pdbx_description
1 polymer 'Methylthioribose-1-phosphate isomerase'
2 non-polymer 5-S-METHYL-1-O-PHOSPHONO-5-THIO-D-RIBULOSE
3 water water
#
_entity_poly.entity_id   1
_entity_poly.type   'polypeptide(L)'
_entity_poly.pdbx_seq_one_letter_code
;MGSSHHHHHHSSGLVPRGSHMMTHSFAVPRSVEWKETAITILNQQKLPDETEYLELTTKEDVFDAIVTLKVRGAPAIGIT
AAFGLALAAKDIETDNVTEFRRRLEDIKQYLNSSRPTAINLSWALERLSHSVENAISVNEAKTNLVHEAIQIQVEDEETC
RLIGQNALQLFKKGDRIMTICNAGSIATSRYGTALAPFYLAKQKDLGLHIYACETRPVLQGSRLTAWELMQGGIDVTLIT
DSMAAHTMKEKQISAVIVGADRIAKNGDTANKIGTYGLAILANAFDIPFFVAAPLSTFDTKVKCGADIPIEERDPEEVRQ
ISGVRTAPSNVPVFNPAFDITPHDLISGIITEKGIMTGNYEEEIEQLFKGEKVH
;
_entity_poly.pdbx_strand_id   A,B,C,D
#
loop_
_chem_comp.id
_chem_comp.type
_chem_comp.name
_chem_comp.formula
MRU non-polymer 5-S-METHYL-1-O-PHOSPHONO-5-THIO-D-RIBULOSE 'C6 H13 O7 P S'
#
# COMPACT_ATOMS: atom_id res chain seq x y z
N MET A 22 -42.30 20.26 -0.10
CA MET A 22 -43.10 19.28 -0.89
C MET A 22 -42.21 18.17 -1.41
N THR A 23 -42.30 17.01 -0.79
CA THR A 23 -41.50 15.87 -1.21
C THR A 23 -41.77 15.45 -2.66
N HIS A 24 -43.03 15.45 -3.06
CA HIS A 24 -43.40 15.05 -4.42
C HIS A 24 -43.13 16.08 -5.50
N SER A 25 -42.44 17.15 -5.14
CA SER A 25 -42.14 18.20 -6.10
C SER A 25 -41.27 17.69 -7.24
N PHE A 26 -40.53 16.62 -6.99
CA PHE A 26 -39.66 16.04 -8.02
C PHE A 26 -40.47 15.35 -9.13
N ALA A 27 -41.68 14.90 -8.79
CA ALA A 27 -42.53 14.21 -9.76
C ALA A 27 -43.29 15.16 -10.69
N VAL A 28 -42.99 16.44 -10.60
CA VAL A 28 -43.63 17.44 -11.45
C VAL A 28 -42.58 18.31 -12.15
N PRO A 29 -42.81 18.64 -13.43
CA PRO A 29 -41.89 19.47 -14.24
C PRO A 29 -41.70 20.85 -13.64
N ARG A 30 -40.45 21.23 -13.45
CA ARG A 30 -40.12 22.54 -12.89
C ARG A 30 -39.04 23.21 -13.71
N SER A 31 -38.21 22.40 -14.35
CA SER A 31 -37.11 22.92 -15.14
C SER A 31 -37.55 23.67 -16.37
N VAL A 32 -38.38 23.05 -17.19
CA VAL A 32 -38.83 23.67 -18.41
C VAL A 32 -40.23 23.19 -18.76
N GLU A 33 -41.05 24.12 -19.25
CA GLU A 33 -42.43 23.83 -19.60
C GLU A 33 -42.85 24.66 -20.82
N TRP A 34 -43.39 23.99 -21.83
CA TRP A 34 -43.82 24.65 -23.06
C TRP A 34 -45.15 25.36 -22.87
N LYS A 35 -45.27 26.55 -23.45
CA LYS A 35 -46.51 27.31 -23.34
C LYS A 35 -47.00 27.95 -24.64
N GLU A 36 -46.82 27.26 -25.76
CA GLU A 36 -47.25 27.75 -27.06
C GLU A 36 -46.52 29.01 -27.49
N THR A 37 -46.65 30.09 -26.72
CA THR A 37 -45.99 31.34 -27.07
C THR A 37 -44.99 31.74 -25.99
N ALA A 38 -44.47 30.74 -25.28
CA ALA A 38 -43.50 31.02 -24.23
C ALA A 38 -43.00 29.73 -23.59
N ILE A 39 -41.75 29.78 -23.11
CA ILE A 39 -41.12 28.64 -22.46
C ILE A 39 -40.78 29.08 -21.04
N THR A 40 -41.37 28.41 -20.06
CA THR A 40 -41.12 28.74 -18.66
C THR A 40 -40.07 27.80 -18.07
N ILE A 41 -39.12 28.38 -17.37
CA ILE A 41 -38.07 27.58 -16.75
C ILE A 41 -37.89 28.06 -15.32
N LEU A 42 -37.21 27.25 -14.52
CA LEU A 42 -36.88 27.63 -13.18
C LEU A 42 -35.56 28.37 -13.31
N ASN A 43 -35.44 29.53 -12.67
CA ASN A 43 -34.19 30.28 -12.73
C ASN A 43 -33.24 29.60 -11.75
N GLN A 44 -32.45 28.67 -12.24
CA GLN A 44 -31.55 27.95 -11.36
C GLN A 44 -30.45 28.79 -10.70
N GLN A 45 -30.21 30.00 -11.19
CA GLN A 45 -29.20 30.85 -10.58
C GLN A 45 -29.58 31.21 -9.16
N LYS A 46 -30.88 31.39 -8.92
CA LYS A 46 -31.37 31.80 -7.61
C LYS A 46 -31.52 30.74 -6.54
N LEU A 47 -31.44 29.47 -6.92
CA LEU A 47 -31.55 28.42 -5.92
C LEU A 47 -30.27 28.42 -5.12
N PRO A 48 -30.34 27.98 -3.85
CA PRO A 48 -31.55 27.50 -3.18
C PRO A 48 -32.29 28.64 -2.47
N ASP A 49 -31.67 29.82 -2.49
CA ASP A 49 -32.22 31.00 -1.86
C ASP A 49 -33.71 31.12 -2.18
N GLU A 50 -34.03 31.27 -3.46
CA GLU A 50 -35.42 31.38 -3.89
C GLU A 50 -35.75 30.59 -5.15
N THR A 51 -37.03 30.28 -5.28
CA THR A 51 -37.55 29.54 -6.42
C THR A 51 -38.32 30.52 -7.31
N GLU A 52 -37.78 30.78 -8.50
CA GLU A 52 -38.38 31.72 -9.44
C GLU A 52 -38.44 31.16 -10.87
N TYR A 53 -39.53 31.44 -11.56
CA TYR A 53 -39.71 30.99 -12.93
C TYR A 53 -39.65 32.18 -13.87
N LEU A 54 -38.97 32.02 -15.00
CA LEU A 54 -38.86 33.08 -15.98
C LEU A 54 -39.56 32.65 -17.26
N GLU A 55 -39.97 33.63 -18.06
CA GLU A 55 -40.65 33.34 -19.31
C GLU A 55 -39.66 33.62 -20.45
N LEU A 56 -39.42 32.61 -21.28
CA LEU A 56 -38.51 32.76 -22.41
C LEU A 56 -39.38 32.87 -23.66
N THR A 57 -39.16 33.91 -24.45
CA THR A 57 -39.97 34.11 -25.65
C THR A 57 -39.18 34.32 -26.92
N THR A 58 -37.86 34.40 -26.83
CA THR A 58 -37.06 34.61 -28.02
C THR A 58 -35.89 33.63 -28.09
N LYS A 59 -35.27 33.51 -29.26
CA LYS A 59 -34.14 32.61 -29.43
C LYS A 59 -32.95 33.09 -28.61
N GLU A 60 -32.87 34.41 -28.41
CA GLU A 60 -31.78 35.02 -27.64
C GLU A 60 -31.96 34.67 -26.15
N ASP A 61 -33.20 34.62 -25.69
CA ASP A 61 -33.51 34.27 -24.31
C ASP A 61 -33.04 32.86 -24.02
N VAL A 62 -33.56 31.89 -24.77
CA VAL A 62 -33.16 30.51 -24.57
C VAL A 62 -31.64 30.44 -24.55
N PHE A 63 -31.00 31.20 -25.44
CA PHE A 63 -29.55 31.25 -25.54
C PHE A 63 -28.91 31.84 -24.27
N ASP A 64 -29.56 32.84 -23.68
CA ASP A 64 -29.05 33.45 -22.45
C ASP A 64 -29.13 32.48 -21.27
N ALA A 65 -30.32 31.89 -21.09
CA ALA A 65 -30.57 30.97 -19.99
C ALA A 65 -29.58 29.83 -19.98
N ILE A 66 -29.20 29.37 -21.16
CA ILE A 66 -28.27 28.25 -21.26
C ILE A 66 -26.85 28.65 -20.89
N VAL A 67 -26.35 29.70 -21.52
CA VAL A 67 -24.99 30.13 -21.24
C VAL A 67 -24.82 30.59 -19.80
N THR A 68 -25.86 31.19 -19.22
CA THR A 68 -25.80 31.69 -17.85
C THR A 68 -26.26 30.69 -16.80
N LEU A 69 -26.54 29.47 -17.23
CA LEU A 69 -26.95 28.40 -16.33
C LEU A 69 -28.22 28.69 -15.53
N LYS A 70 -29.21 29.30 -16.19
CA LYS A 70 -30.49 29.57 -15.57
C LYS A 70 -31.26 28.27 -15.68
N VAL A 71 -30.83 27.45 -16.64
CA VAL A 71 -31.39 26.14 -16.88
C VAL A 71 -30.15 25.32 -17.24
N ARG A 72 -29.97 24.19 -16.58
CA ARG A 72 -28.80 23.35 -16.86
C ARG A 72 -29.04 21.87 -16.61
N GLY A 73 -28.06 21.05 -16.94
CA GLY A 73 -28.21 19.61 -16.84
C GLY A 73 -28.48 19.20 -18.28
N ALA A 74 -27.68 18.29 -18.82
CA ALA A 74 -27.81 17.86 -20.21
C ALA A 74 -29.22 17.68 -20.78
N PRO A 75 -30.03 16.78 -20.22
CA PRO A 75 -31.38 16.65 -20.81
C PRO A 75 -32.23 17.91 -20.79
N ALA A 76 -32.27 18.61 -19.66
CA ALA A 76 -33.09 19.83 -19.60
C ALA A 76 -32.61 20.84 -20.63
N ILE A 77 -31.30 20.86 -20.89
CA ILE A 77 -30.74 21.78 -21.87
C ILE A 77 -31.26 21.40 -23.26
N GLY A 78 -31.30 20.09 -23.53
CA GLY A 78 -31.81 19.61 -24.80
C GLY A 78 -33.27 19.97 -24.95
N ILE A 79 -34.07 19.58 -23.97
CA ILE A 79 -35.50 19.85 -24.00
C ILE A 79 -35.76 21.35 -24.17
N THR A 80 -34.99 22.15 -23.45
CA THR A 80 -35.16 23.59 -23.52
C THR A 80 -34.72 24.13 -24.87
N ALA A 81 -33.59 23.64 -25.40
CA ALA A 81 -33.11 24.12 -26.69
C ALA A 81 -34.11 23.77 -27.78
N ALA A 82 -34.66 22.56 -27.72
CA ALA A 82 -35.62 22.09 -28.70
C ALA A 82 -36.82 23.04 -28.76
N PHE A 83 -37.35 23.39 -27.59
CA PHE A 83 -38.51 24.28 -27.52
C PHE A 83 -38.20 25.65 -28.08
N GLY A 84 -36.98 26.12 -27.88
CA GLY A 84 -36.61 27.42 -28.41
C GLY A 84 -36.56 27.37 -29.93
N LEU A 85 -35.94 26.34 -30.49
CA LEU A 85 -35.87 26.23 -31.94
C LEU A 85 -37.29 26.27 -32.49
N ALA A 86 -38.15 25.41 -31.95
CA ALA A 86 -39.54 25.33 -32.39
C ALA A 86 -40.23 26.68 -32.23
N LEU A 87 -39.91 27.35 -31.12
CA LEU A 87 -40.53 28.63 -30.84
C LEU A 87 -40.10 29.71 -31.83
N ALA A 88 -38.80 29.79 -32.12
CA ALA A 88 -38.27 30.78 -33.03
C ALA A 88 -38.66 30.51 -34.48
N ALA A 89 -38.92 29.25 -34.80
CA ALA A 89 -39.30 28.89 -36.16
C ALA A 89 -40.63 29.50 -36.58
N LYS A 90 -41.44 29.88 -35.60
CA LYS A 90 -42.75 30.48 -35.89
C LYS A 90 -42.64 31.88 -36.47
N ASP A 91 -41.52 32.54 -36.21
CA ASP A 91 -41.32 33.89 -36.71
C ASP A 91 -40.85 33.87 -38.17
N ILE A 92 -40.40 32.71 -38.63
CA ILE A 92 -39.93 32.56 -40.00
C ILE A 92 -41.04 32.78 -41.01
N GLU A 93 -40.90 33.87 -41.75
CA GLU A 93 -41.88 34.28 -42.76
C GLU A 93 -41.50 33.71 -44.12
N THR A 94 -42.26 32.74 -44.61
CA THR A 94 -41.96 32.16 -45.91
C THR A 94 -42.92 31.07 -46.34
N ASP A 95 -43.27 31.09 -47.62
CA ASP A 95 -44.18 30.12 -48.21
C ASP A 95 -43.34 28.94 -48.72
N ASN A 96 -42.04 29.18 -48.90
CA ASN A 96 -41.09 28.19 -49.41
C ASN A 96 -40.50 27.32 -48.29
N VAL A 97 -40.92 26.06 -48.26
CA VAL A 97 -40.47 25.12 -47.24
C VAL A 97 -38.95 24.93 -47.22
N THR A 98 -38.33 24.91 -48.39
CA THR A 98 -36.88 24.75 -48.44
C THR A 98 -36.18 25.99 -47.91
N GLU A 99 -36.79 27.16 -48.10
CA GLU A 99 -36.18 28.38 -47.59
C GLU A 99 -36.37 28.33 -46.09
N PHE A 100 -37.48 27.69 -45.68
CA PHE A 100 -37.80 27.54 -44.27
C PHE A 100 -36.73 26.73 -43.52
N ARG A 101 -36.46 25.54 -44.04
CA ARG A 101 -35.47 24.66 -43.43
C ARG A 101 -34.11 25.34 -43.42
N ARG A 102 -33.79 26.01 -44.51
CA ARG A 102 -32.52 26.74 -44.61
C ARG A 102 -32.40 27.74 -43.47
N ARG A 103 -33.49 28.42 -43.17
CA ARG A 103 -33.50 29.41 -42.10
C ARG A 103 -33.41 28.74 -40.73
N LEU A 104 -34.15 27.66 -40.60
CA LEU A 104 -34.21 26.89 -39.39
C LEU A 104 -32.77 26.55 -39.01
N GLU A 105 -31.92 26.38 -40.01
CA GLU A 105 -30.51 26.07 -39.79
C GLU A 105 -29.68 27.20 -39.18
N ASP A 106 -30.01 28.45 -39.47
CA ASP A 106 -29.24 29.55 -38.89
C ASP A 106 -29.55 29.62 -37.40
N ILE A 107 -30.83 29.50 -37.08
CA ILE A 107 -31.30 29.54 -35.69
C ILE A 107 -30.73 28.34 -34.94
N LYS A 108 -30.61 27.22 -35.64
CA LYS A 108 -30.10 25.99 -35.05
C LYS A 108 -28.63 26.10 -34.68
N GLN A 109 -27.82 26.71 -35.53
CA GLN A 109 -26.40 26.87 -35.27
C GLN A 109 -26.25 27.78 -34.05
N TYR A 110 -26.96 28.90 -34.08
CA TYR A 110 -26.94 29.87 -33.00
C TYR A 110 -27.24 29.22 -31.65
N LEU A 111 -28.32 28.45 -31.58
CA LEU A 111 -28.71 27.77 -30.34
C LEU A 111 -27.66 26.73 -29.96
N ASN A 112 -27.06 26.08 -30.96
CA ASN A 112 -26.06 25.06 -30.70
C ASN A 112 -24.71 25.55 -30.17
N SER A 113 -24.27 26.72 -30.63
CA SER A 113 -23.00 27.27 -30.20
C SER A 113 -23.14 27.80 -28.76
N SER A 114 -24.23 27.42 -28.12
CA SER A 114 -24.57 27.80 -26.75
C SER A 114 -23.47 27.30 -25.82
N ARG A 115 -23.39 25.98 -25.71
CA ARG A 115 -22.39 25.32 -24.88
C ARG A 115 -21.98 24.12 -25.72
N PRO A 116 -20.71 23.70 -25.63
CA PRO A 116 -20.19 22.57 -26.41
C PRO A 116 -20.23 21.14 -25.88
N THR A 117 -20.01 20.94 -24.59
CA THR A 117 -19.93 19.58 -24.03
C THR A 117 -21.13 18.64 -24.05
N ALA A 118 -22.32 19.09 -23.64
CA ALA A 118 -23.48 18.18 -23.63
C ALA A 118 -24.07 17.92 -25.01
N ILE A 119 -24.06 16.66 -25.42
CA ILE A 119 -24.59 16.32 -26.73
C ILE A 119 -26.11 16.45 -26.85
N ASN A 120 -26.83 16.32 -25.74
CA ASN A 120 -28.30 16.42 -25.76
C ASN A 120 -28.81 17.65 -26.48
N LEU A 121 -28.01 18.72 -26.47
CA LEU A 121 -28.41 19.97 -27.13
C LEU A 121 -28.44 19.74 -28.63
N SER A 122 -27.30 19.32 -29.16
CA SER A 122 -27.15 19.05 -30.58
C SER A 122 -28.13 17.97 -31.02
N TRP A 123 -28.26 16.96 -30.17
CA TRP A 123 -29.14 15.82 -30.43
C TRP A 123 -30.59 16.25 -30.60
N ALA A 124 -31.08 17.06 -29.68
CA ALA A 124 -32.46 17.53 -29.74
C ALA A 124 -32.65 18.47 -30.93
N LEU A 125 -31.71 19.39 -31.10
CA LEU A 125 -31.75 20.36 -32.19
C LEU A 125 -31.68 19.61 -33.52
N GLU A 126 -30.83 18.58 -33.56
CA GLU A 126 -30.66 17.78 -34.75
C GLU A 126 -31.91 16.91 -34.95
N ARG A 127 -32.49 16.43 -33.87
CA ARG A 127 -33.68 15.61 -33.98
C ARG A 127 -34.85 16.42 -34.51
N LEU A 128 -34.92 17.70 -34.13
CA LEU A 128 -35.99 18.57 -34.60
C LEU A 128 -35.81 18.93 -36.07
N SER A 129 -34.56 19.14 -36.46
CA SER A 129 -34.26 19.50 -37.84
C SER A 129 -34.71 18.38 -38.79
N HIS A 130 -34.47 17.14 -38.37
CA HIS A 130 -34.83 15.95 -39.13
C HIS A 130 -36.34 15.78 -39.26
N SER A 131 -37.07 16.28 -38.27
CA SER A 131 -38.51 16.16 -38.27
C SER A 131 -39.17 16.96 -39.39
N VAL A 132 -38.45 17.93 -39.94
CA VAL A 132 -39.01 18.75 -41.03
C VAL A 132 -38.40 18.50 -42.41
N GLU A 133 -37.41 17.61 -42.51
CA GLU A 133 -36.78 17.40 -43.79
C GLU A 133 -37.70 16.83 -44.89
N ASN A 134 -38.87 16.32 -44.52
CA ASN A 134 -39.81 15.79 -45.50
C ASN A 134 -41.03 16.71 -45.61
N ALA A 135 -41.11 17.67 -44.70
CA ALA A 135 -42.21 18.63 -44.68
C ALA A 135 -42.53 19.12 -46.09
N ILE A 136 -43.82 19.15 -46.40
CA ILE A 136 -44.30 19.60 -47.71
C ILE A 136 -44.75 21.05 -47.59
N SER A 137 -45.06 21.44 -46.35
CA SER A 137 -45.56 22.76 -46.04
C SER A 137 -44.83 23.43 -44.89
N VAL A 138 -44.85 24.75 -44.88
CA VAL A 138 -44.21 25.51 -43.81
C VAL A 138 -45.03 25.39 -42.53
N ASN A 139 -46.35 25.32 -42.66
CA ASN A 139 -47.19 25.19 -41.48
C ASN A 139 -47.10 23.78 -40.91
N GLU A 140 -46.88 22.81 -41.78
CA GLU A 140 -46.74 21.44 -41.33
C GLU A 140 -45.42 21.31 -40.56
N ALA A 141 -44.36 21.82 -41.17
CA ALA A 141 -43.03 21.78 -40.58
C ALA A 141 -43.03 22.39 -39.19
N LYS A 142 -43.60 23.58 -39.07
CA LYS A 142 -43.67 24.26 -37.79
C LYS A 142 -44.40 23.39 -36.76
N THR A 143 -45.58 22.90 -37.11
CA THR A 143 -46.33 22.05 -36.20
C THR A 143 -45.44 20.88 -35.81
N ASN A 144 -44.71 20.38 -36.82
CA ASN A 144 -43.80 19.27 -36.65
C ASN A 144 -42.77 19.55 -35.55
N LEU A 145 -42.12 20.71 -35.63
CA LEU A 145 -41.11 21.08 -34.67
C LEU A 145 -41.64 21.06 -33.24
N VAL A 146 -42.82 21.63 -33.02
CA VAL A 146 -43.40 21.67 -31.68
C VAL A 146 -43.68 20.25 -31.16
N HIS A 147 -44.46 19.48 -31.91
CA HIS A 147 -44.79 18.09 -31.55
C HIS A 147 -43.53 17.29 -31.23
N GLU A 148 -42.50 17.51 -32.02
CA GLU A 148 -41.25 16.79 -31.84
C GLU A 148 -40.59 17.25 -30.55
N ALA A 149 -40.64 18.56 -30.31
CA ALA A 149 -40.03 19.12 -29.11
C ALA A 149 -40.70 18.51 -27.88
N ILE A 150 -42.02 18.58 -27.86
CA ILE A 150 -42.81 18.03 -26.74
C ILE A 150 -42.56 16.54 -26.55
N GLN A 151 -42.55 15.78 -27.64
CA GLN A 151 -42.31 14.35 -27.58
C GLN A 151 -40.95 14.04 -26.94
N ILE A 152 -39.95 14.89 -27.19
CA ILE A 152 -38.63 14.66 -26.60
C ILE A 152 -38.76 14.82 -25.10
N GLN A 153 -39.57 15.78 -24.69
CA GLN A 153 -39.81 16.06 -23.29
C GLN A 153 -40.54 14.92 -22.59
N VAL A 154 -41.62 14.44 -23.23
CA VAL A 154 -42.41 13.36 -22.66
C VAL A 154 -41.60 12.06 -22.60
N GLU A 155 -40.71 11.88 -23.56
CA GLU A 155 -39.87 10.68 -23.61
C GLU A 155 -38.79 10.69 -22.54
N ASP A 156 -38.24 11.87 -22.22
CA ASP A 156 -37.20 11.98 -21.22
C ASP A 156 -37.74 11.61 -19.84
N GLU A 157 -39.00 11.99 -19.61
CA GLU A 157 -39.69 11.70 -18.35
C GLU A 157 -39.72 10.19 -18.15
N GLU A 158 -40.12 9.46 -19.18
CA GLU A 158 -40.20 8.02 -19.08
C GLU A 158 -38.84 7.38 -18.91
N THR A 159 -37.81 7.95 -19.56
CA THR A 159 -36.48 7.39 -19.44
C THR A 159 -35.94 7.60 -18.03
N CYS A 160 -36.23 8.78 -17.46
CA CYS A 160 -35.83 9.09 -16.10
C CYS A 160 -36.43 8.08 -15.15
N ARG A 161 -37.71 7.77 -15.37
CA ARG A 161 -38.42 6.79 -14.54
C ARG A 161 -37.70 5.44 -14.57
N LEU A 162 -37.49 4.90 -15.77
CA LEU A 162 -36.81 3.61 -15.91
C LEU A 162 -35.44 3.60 -15.26
N ILE A 163 -34.68 4.67 -15.46
CA ILE A 163 -33.34 4.78 -14.90
C ILE A 163 -33.34 4.81 -13.37
N GLY A 164 -34.30 5.51 -12.78
CA GLY A 164 -34.37 5.55 -11.34
C GLY A 164 -34.69 4.16 -10.83
N GLN A 165 -35.53 3.48 -11.58
CA GLN A 165 -35.98 2.15 -11.25
C GLN A 165 -34.93 1.07 -11.57
N ASN A 166 -34.03 1.38 -12.50
CA ASN A 166 -32.97 0.44 -12.89
C ASN A 166 -31.76 0.54 -11.97
N ALA A 167 -31.44 1.76 -11.55
CA ALA A 167 -30.30 1.97 -10.67
C ALA A 167 -30.65 1.59 -9.25
N LEU A 168 -31.93 1.59 -8.92
CA LEU A 168 -32.32 1.22 -7.56
C LEU A 168 -31.97 -0.24 -7.29
N GLN A 169 -31.90 -1.06 -8.33
CA GLN A 169 -31.56 -2.45 -8.12
C GLN A 169 -30.15 -2.53 -7.56
N LEU A 170 -29.32 -1.55 -7.87
CA LEU A 170 -27.94 -1.53 -7.41
C LEU A 170 -27.76 -1.18 -5.92
N PHE A 171 -28.77 -0.62 -5.29
CA PHE A 171 -28.61 -0.23 -3.89
C PHE A 171 -29.45 -0.97 -2.88
N LYS A 172 -28.93 -1.05 -1.66
CA LYS A 172 -29.61 -1.74 -0.59
C LYS A 172 -29.91 -0.83 0.59
N LYS A 173 -30.78 -1.31 1.47
CA LYS A 173 -31.18 -0.59 2.65
C LYS A 173 -30.03 -0.21 3.56
N GLY A 174 -29.95 1.06 3.90
CA GLY A 174 -28.91 1.57 4.79
C GLY A 174 -27.53 1.83 4.22
N ASP A 175 -27.35 1.75 2.91
CA ASP A 175 -26.01 1.98 2.37
C ASP A 175 -25.75 3.44 1.98
N ARG A 176 -24.51 3.87 2.16
CA ARG A 176 -24.10 5.25 1.86
C ARG A 176 -23.66 5.44 0.41
N ILE A 177 -24.23 6.44 -0.24
CA ILE A 177 -23.92 6.71 -1.64
C ILE A 177 -23.43 8.15 -1.85
N MET A 178 -22.38 8.29 -2.65
CA MET A 178 -21.82 9.60 -2.93
C MET A 178 -22.11 10.00 -4.37
N THR A 179 -22.49 11.26 -4.58
CA THR A 179 -22.73 11.74 -5.93
C THR A 179 -22.13 13.13 -6.10
N ILE A 180 -22.12 13.64 -7.32
CA ILE A 180 -21.57 14.96 -7.57
C ILE A 180 -22.48 15.70 -8.53
N CYS A 181 -22.35 17.03 -8.57
CA CYS A 181 -23.18 17.86 -9.43
C CYS A 181 -24.65 17.66 -9.10
N ASN A 182 -25.54 17.87 -10.08
CA ASN A 182 -26.98 17.74 -9.89
C ASN A 182 -27.73 17.09 -11.06
N ALA A 183 -27.65 15.77 -11.13
CA ALA A 183 -28.33 14.99 -12.19
C ALA A 183 -29.69 14.51 -11.69
N GLY A 184 -30.58 15.45 -11.38
CA GLY A 184 -31.87 15.08 -10.88
C GLY A 184 -33.11 15.74 -11.47
N SER A 185 -34.06 15.98 -10.59
CA SER A 185 -35.36 16.55 -10.88
C SER A 185 -35.42 17.82 -11.76
N ILE A 186 -34.52 18.76 -11.54
CA ILE A 186 -34.55 20.00 -12.32
C ILE A 186 -33.53 20.06 -13.46
N ALA A 187 -32.72 19.01 -13.60
CA ALA A 187 -31.74 18.99 -14.69
C ALA A 187 -32.28 18.13 -15.82
N THR A 188 -33.46 17.58 -15.60
CA THR A 188 -34.15 16.77 -16.59
C THR A 188 -35.60 17.24 -16.58
N SER A 189 -36.45 16.52 -17.29
CA SER A 189 -37.87 16.88 -17.36
C SER A 189 -38.46 16.82 -15.97
N ARG A 190 -38.29 15.69 -15.30
CA ARG A 190 -38.79 15.47 -13.94
C ARG A 190 -38.10 14.20 -13.47
N TYR A 191 -38.20 13.90 -12.19
CA TYR A 191 -37.61 12.67 -11.63
C TYR A 191 -36.08 12.67 -11.61
N GLY A 192 -35.44 12.98 -12.74
CA GLY A 192 -33.98 12.99 -12.79
C GLY A 192 -33.35 11.68 -13.24
N THR A 193 -32.04 11.54 -13.03
CA THR A 193 -31.34 10.32 -13.41
C THR A 193 -30.57 9.73 -12.24
N ALA A 194 -29.37 10.23 -11.96
CA ALA A 194 -28.61 9.70 -10.83
C ALA A 194 -29.41 9.84 -9.54
N LEU A 195 -30.18 10.92 -9.43
CA LEU A 195 -30.96 11.18 -8.22
C LEU A 195 -32.32 10.48 -8.25
N ALA A 196 -32.73 10.02 -9.42
CA ALA A 196 -34.01 9.35 -9.57
C ALA A 196 -34.18 8.20 -8.57
N PRO A 197 -33.19 7.29 -8.49
CA PRO A 197 -33.35 6.18 -7.54
C PRO A 197 -33.46 6.62 -6.07
N PHE A 198 -32.90 7.76 -5.71
CA PHE A 198 -33.00 8.20 -4.32
C PHE A 198 -34.44 8.56 -4.00
N TYR A 199 -35.15 9.14 -4.95
CA TYR A 199 -36.56 9.48 -4.74
C TYR A 199 -37.40 8.22 -4.70
N LEU A 200 -37.11 7.29 -5.61
CA LEU A 200 -37.84 6.03 -5.67
C LEU A 200 -37.58 5.19 -4.42
N ALA A 201 -36.37 5.28 -3.90
CA ALA A 201 -36.03 4.56 -2.69
C ALA A 201 -36.78 5.17 -1.51
N LYS A 202 -36.98 6.49 -1.58
CA LYS A 202 -37.66 7.21 -0.51
C LYS A 202 -39.15 6.89 -0.45
N GLN A 203 -39.76 6.66 -1.61
CA GLN A 203 -41.18 6.35 -1.65
C GLN A 203 -41.47 4.93 -1.21
N LYS A 204 -40.45 4.08 -1.20
CA LYS A 204 -40.64 2.71 -0.75
C LYS A 204 -39.96 2.49 0.60
N ASP A 205 -39.50 3.58 1.21
CA ASP A 205 -38.86 3.54 2.52
C ASP A 205 -37.53 2.79 2.61
N LEU A 206 -36.77 2.77 1.52
CA LEU A 206 -35.47 2.10 1.54
C LEU A 206 -34.51 3.12 2.14
N GLY A 207 -34.03 2.85 3.35
CA GLY A 207 -33.14 3.79 4.01
C GLY A 207 -31.84 4.07 3.28
N LEU A 208 -31.78 5.20 2.58
CA LEU A 208 -30.56 5.57 1.88
C LEU A 208 -29.98 6.90 2.37
N HIS A 209 -28.67 6.91 2.60
CA HIS A 209 -27.97 8.10 3.06
C HIS A 209 -27.15 8.64 1.90
N ILE A 210 -27.51 9.82 1.39
CA ILE A 210 -26.76 10.39 0.27
C ILE A 210 -25.72 11.39 0.71
N TYR A 211 -24.54 11.29 0.11
CA TYR A 211 -23.44 12.19 0.38
C TYR A 211 -23.21 12.98 -0.89
N ALA A 212 -23.53 14.26 -0.85
CA ALA A 212 -23.37 15.12 -2.01
C ALA A 212 -22.19 16.06 -1.93
N CYS A 213 -21.42 16.09 -3.01
CA CYS A 213 -20.27 16.99 -3.09
C CYS A 213 -20.83 18.33 -3.54
N GLU A 214 -20.51 19.41 -2.84
CA GLU A 214 -21.03 20.72 -3.20
C GLU A 214 -20.84 21.03 -4.68
N THR A 215 -19.81 20.47 -5.28
CA THR A 215 -19.50 20.67 -6.70
C THR A 215 -19.08 22.08 -7.11
N ARG A 216 -17.85 22.48 -6.80
CA ARG A 216 -17.32 23.80 -7.16
C ARG A 216 -17.03 23.86 -8.68
N PRO A 217 -17.01 25.06 -9.27
CA PRO A 217 -17.25 26.39 -8.71
C PRO A 217 -18.70 26.88 -8.79
N VAL A 218 -19.53 26.21 -9.60
CA VAL A 218 -20.93 26.62 -9.74
C VAL A 218 -21.80 26.16 -8.56
N LEU A 219 -21.36 25.11 -7.87
CA LEU A 219 -22.06 24.60 -6.71
C LEU A 219 -23.42 23.98 -6.98
N GLN A 220 -23.53 23.24 -8.07
CA GLN A 220 -24.79 22.60 -8.39
C GLN A 220 -25.18 21.57 -7.33
N GLY A 221 -24.18 21.05 -6.62
CA GLY A 221 -24.47 20.05 -5.60
C GLY A 221 -24.97 20.68 -4.32
N SER A 222 -24.43 21.85 -4.04
CA SER A 222 -24.77 22.62 -2.85
C SER A 222 -26.12 23.33 -2.98
N ARG A 223 -26.30 24.07 -4.07
CA ARG A 223 -27.51 24.83 -4.33
C ARG A 223 -28.69 24.08 -4.94
N LEU A 224 -28.42 22.99 -5.64
CA LEU A 224 -29.49 22.26 -6.32
C LEU A 224 -29.75 20.86 -5.77
N THR A 225 -28.74 20.02 -5.76
CA THR A 225 -28.92 18.67 -5.26
C THR A 225 -29.33 18.65 -3.79
N ALA A 226 -28.54 19.27 -2.92
CA ALA A 226 -28.88 19.29 -1.50
C ALA A 226 -30.27 19.91 -1.30
N TRP A 227 -30.65 20.83 -2.19
CA TRP A 227 -31.94 21.50 -2.11
C TRP A 227 -33.13 20.62 -2.48
N GLU A 228 -33.03 19.91 -3.58
CA GLU A 228 -34.16 19.08 -3.98
C GLU A 228 -34.29 17.80 -3.18
N LEU A 229 -33.17 17.31 -2.65
CA LEU A 229 -33.18 16.08 -1.86
C LEU A 229 -33.80 16.29 -0.48
N MET A 230 -33.55 17.45 0.12
CA MET A 230 -34.09 17.77 1.43
C MET A 230 -35.57 18.00 1.24
N GLN A 231 -35.84 18.67 0.12
CA GLN A 231 -37.18 19.04 -0.28
C GLN A 231 -37.93 17.79 -0.72
N GLY A 232 -37.32 16.63 -0.50
CA GLY A 232 -37.96 15.38 -0.86
C GLY A 232 -37.87 14.43 0.32
N GLY A 233 -37.27 14.89 1.40
CA GLY A 233 -37.13 14.07 2.58
C GLY A 233 -36.06 13.01 2.44
N ILE A 234 -35.14 13.23 1.51
CA ILE A 234 -34.03 12.31 1.29
C ILE A 234 -33.00 12.63 2.37
N ASP A 235 -32.33 11.62 2.92
CA ASP A 235 -31.32 11.89 3.94
C ASP A 235 -30.02 12.20 3.24
N VAL A 236 -29.71 13.49 3.12
CA VAL A 236 -28.51 13.90 2.44
C VAL A 236 -27.55 14.63 3.36
N THR A 237 -26.26 14.46 3.09
CA THR A 237 -25.21 15.12 3.85
C THR A 237 -24.30 15.86 2.87
N LEU A 238 -24.04 17.12 3.16
CA LEU A 238 -23.19 17.94 2.31
C LEU A 238 -21.72 17.93 2.72
N ILE A 239 -20.83 17.78 1.74
CA ILE A 239 -19.37 17.79 1.94
C ILE A 239 -18.77 18.60 0.81
N THR A 240 -17.50 18.97 0.95
CA THR A 240 -16.83 19.71 -0.11
C THR A 240 -16.26 18.67 -1.04
N ASP A 241 -15.87 19.08 -2.23
CA ASP A 241 -15.31 18.14 -3.17
C ASP A 241 -14.04 17.48 -2.66
N SER A 242 -13.23 18.23 -1.93
CA SER A 242 -11.98 17.70 -1.37
C SER A 242 -12.16 16.69 -0.23
N MET A 243 -13.38 16.57 0.31
CA MET A 243 -13.62 15.62 1.40
C MET A 243 -13.91 14.19 0.95
N ALA A 244 -14.15 14.01 -0.34
CA ALA A 244 -14.48 12.71 -0.90
C ALA A 244 -13.60 11.52 -0.45
N ALA A 245 -12.29 11.68 -0.51
CA ALA A 245 -11.39 10.59 -0.13
C ALA A 245 -11.54 10.22 1.35
N HIS A 246 -11.58 11.24 2.21
CA HIS A 246 -11.71 11.03 3.63
C HIS A 246 -13.08 10.46 3.98
N THR A 247 -14.09 10.81 3.18
CA THR A 247 -15.46 10.35 3.37
C THR A 247 -15.69 8.92 2.89
N MET A 248 -15.09 8.56 1.76
CA MET A 248 -15.25 7.20 1.23
C MET A 248 -14.69 6.19 2.18
N LYS A 249 -13.67 6.61 2.92
CA LYS A 249 -13.02 5.74 3.88
C LYS A 249 -13.69 5.81 5.25
N GLU A 250 -13.89 7.05 5.74
CA GLU A 250 -14.50 7.27 7.06
C GLU A 250 -15.98 6.93 7.16
N LYS A 251 -16.72 7.07 6.07
CA LYS A 251 -18.15 6.78 6.09
C LYS A 251 -18.44 5.45 5.39
N GLN A 252 -17.37 4.75 5.04
CA GLN A 252 -17.48 3.47 4.38
C GLN A 252 -18.46 3.55 3.19
N ILE A 253 -18.29 4.55 2.34
CA ILE A 253 -19.15 4.71 1.18
C ILE A 253 -19.27 3.36 0.46
N SER A 254 -20.48 3.01 0.00
CA SER A 254 -20.64 1.76 -0.68
C SER A 254 -20.70 1.91 -2.21
N ALA A 255 -20.86 3.14 -2.69
CA ALA A 255 -20.91 3.34 -4.14
C ALA A 255 -20.97 4.80 -4.57
N VAL A 256 -20.80 5.01 -5.87
CA VAL A 256 -20.85 6.32 -6.46
C VAL A 256 -21.72 6.28 -7.71
N ILE A 257 -22.62 7.24 -7.83
CA ILE A 257 -23.48 7.32 -8.98
C ILE A 257 -23.56 8.77 -9.39
N VAL A 258 -23.25 9.01 -10.67
CA VAL A 258 -23.24 10.35 -11.25
C VAL A 258 -24.08 10.34 -12.52
N GLY A 259 -24.35 11.53 -13.04
CA GLY A 259 -25.11 11.64 -14.27
C GLY A 259 -24.07 11.70 -15.39
N ALA A 260 -24.45 12.23 -16.56
CA ALA A 260 -23.52 12.32 -17.66
C ALA A 260 -23.90 13.42 -18.66
N ASP A 261 -22.89 14.07 -19.23
CA ASP A 261 -23.11 15.12 -20.21
C ASP A 261 -22.86 14.60 -21.63
N ARG A 262 -22.11 13.51 -21.71
CA ARG A 262 -21.82 12.88 -23.00
C ARG A 262 -20.98 11.63 -22.85
N ILE A 263 -21.51 10.50 -23.32
CA ILE A 263 -20.80 9.23 -23.28
C ILE A 263 -20.40 8.87 -24.71
N ALA A 264 -19.13 8.56 -24.93
CA ALA A 264 -18.67 8.20 -26.26
C ALA A 264 -18.96 6.72 -26.53
N LYS A 265 -18.89 6.31 -27.79
CA LYS A 265 -19.16 4.90 -28.13
C LYS A 265 -18.24 4.00 -27.33
N ASN A 266 -17.20 4.62 -26.79
CA ASN A 266 -16.17 3.99 -25.98
C ASN A 266 -16.69 3.71 -24.57
N GLY A 267 -17.60 4.56 -24.11
CA GLY A 267 -18.13 4.42 -22.78
C GLY A 267 -17.57 5.58 -21.97
N ASP A 268 -16.48 6.16 -22.47
CA ASP A 268 -15.83 7.30 -21.83
C ASP A 268 -16.89 8.33 -21.52
N THR A 269 -17.07 8.63 -20.25
CA THR A 269 -18.09 9.58 -19.85
C THR A 269 -17.61 11.00 -19.55
N ALA A 270 -18.23 11.97 -20.20
CA ALA A 270 -17.89 13.37 -19.96
C ALA A 270 -18.95 13.80 -18.94
N ASN A 271 -18.52 14.33 -17.80
CA ASN A 271 -19.43 14.77 -16.77
C ASN A 271 -18.81 15.93 -15.99
N LYS A 272 -19.58 16.50 -15.07
CA LYS A 272 -19.12 17.64 -14.28
C LYS A 272 -17.71 17.50 -13.73
N ILE A 273 -16.92 18.55 -13.86
CA ILE A 273 -15.56 18.54 -13.36
C ILE A 273 -15.55 17.99 -11.92
N GLY A 274 -14.70 17.00 -11.69
CA GLY A 274 -14.61 16.38 -10.39
C GLY A 274 -15.01 14.93 -10.49
N THR A 275 -15.87 14.60 -11.43
CA THR A 275 -16.31 13.22 -11.59
C THR A 275 -15.11 12.32 -11.77
N TYR A 276 -14.23 12.70 -12.69
CA TYR A 276 -13.03 11.95 -12.99
C TYR A 276 -12.25 11.56 -11.75
N GLY A 277 -11.93 12.52 -10.90
CA GLY A 277 -11.21 12.23 -9.67
C GLY A 277 -12.04 11.33 -8.78
N LEU A 278 -13.34 11.58 -8.74
CA LEU A 278 -14.25 10.76 -7.94
C LEU A 278 -14.16 9.30 -8.41
N ALA A 279 -14.18 9.11 -9.71
CA ALA A 279 -14.09 7.78 -10.30
C ALA A 279 -12.78 7.11 -9.92
N ILE A 280 -11.68 7.86 -9.90
CA ILE A 280 -10.40 7.28 -9.54
C ILE A 280 -10.27 7.06 -8.04
N LEU A 281 -10.93 7.90 -7.23
CA LEU A 281 -10.85 7.67 -5.78
C LEU A 281 -11.65 6.41 -5.52
N ALA A 282 -12.78 6.28 -6.22
CA ALA A 282 -13.66 5.13 -6.07
C ALA A 282 -12.95 3.83 -6.41
N ASN A 283 -12.14 3.84 -7.46
CA ASN A 283 -11.43 2.63 -7.87
C ASN A 283 -10.37 2.24 -6.84
N ALA A 284 -9.73 3.23 -6.22
CA ALA A 284 -8.72 2.98 -5.22
C ALA A 284 -9.35 2.31 -4.02
N PHE A 285 -10.50 2.84 -3.61
CA PHE A 285 -11.23 2.31 -2.48
C PHE A 285 -12.07 1.12 -2.90
N ASP A 286 -11.88 0.68 -4.14
CA ASP A 286 -12.61 -0.46 -4.67
C ASP A 286 -14.11 -0.28 -4.48
N ILE A 287 -14.57 0.96 -4.63
CA ILE A 287 -15.99 1.29 -4.51
C ILE A 287 -16.59 1.35 -5.91
N PRO A 288 -17.65 0.59 -6.18
CA PRO A 288 -18.25 0.62 -7.53
C PRO A 288 -18.61 2.03 -7.99
N PHE A 289 -18.36 2.31 -9.28
CA PHE A 289 -18.65 3.61 -9.86
C PHE A 289 -19.74 3.47 -10.96
N PHE A 290 -20.84 4.19 -10.81
CA PHE A 290 -21.94 4.12 -11.76
C PHE A 290 -22.28 5.42 -12.47
N VAL A 291 -22.59 5.30 -13.76
CA VAL A 291 -22.98 6.45 -14.56
C VAL A 291 -24.42 6.17 -15.01
N ALA A 292 -25.31 7.10 -14.70
CA ALA A 292 -26.72 6.97 -15.07
C ALA A 292 -26.99 8.04 -16.12
N ALA A 293 -27.56 7.63 -17.26
CA ALA A 293 -27.88 8.57 -18.33
C ALA A 293 -28.67 7.93 -19.45
N PRO A 294 -29.66 8.66 -19.99
CA PRO A 294 -30.53 8.22 -21.08
C PRO A 294 -29.78 8.11 -22.40
N LEU A 295 -30.34 7.35 -23.33
CA LEU A 295 -29.72 7.15 -24.63
C LEU A 295 -29.37 8.45 -25.33
N SER A 296 -30.23 9.47 -25.19
CA SER A 296 -29.99 10.75 -25.85
C SER A 296 -28.69 11.41 -25.42
N THR A 297 -28.04 10.85 -24.40
CA THR A 297 -26.81 11.43 -23.91
C THR A 297 -25.57 10.71 -24.49
N PHE A 298 -25.81 9.64 -25.23
CA PHE A 298 -24.71 8.90 -25.84
C PHE A 298 -24.37 9.56 -27.17
N ASP A 299 -23.10 9.49 -27.57
CA ASP A 299 -22.65 10.08 -28.83
C ASP A 299 -21.84 9.03 -29.58
N THR A 300 -22.46 8.36 -30.55
CA THR A 300 -21.75 7.33 -31.30
C THR A 300 -20.86 7.88 -32.41
N LYS A 301 -20.84 9.19 -32.57
CA LYS A 301 -20.02 9.81 -33.62
C LYS A 301 -18.56 10.03 -33.19
N VAL A 302 -18.32 10.03 -31.88
CA VAL A 302 -16.96 10.22 -31.36
C VAL A 302 -16.48 8.86 -30.82
N LYS A 303 -15.23 8.50 -31.10
CA LYS A 303 -14.75 7.20 -30.63
C LYS A 303 -14.21 7.14 -29.21
N CYS A 304 -13.96 8.29 -28.60
CA CYS A 304 -13.47 8.31 -27.24
C CYS A 304 -13.54 9.69 -26.61
N GLY A 305 -13.23 9.76 -25.31
CA GLY A 305 -13.25 11.01 -24.57
C GLY A 305 -12.40 12.16 -25.10
N ALA A 306 -11.27 11.85 -25.73
CA ALA A 306 -10.41 12.91 -26.27
C ALA A 306 -11.14 13.71 -27.33
N ASP A 307 -12.15 13.10 -27.92
CA ASP A 307 -12.92 13.77 -28.97
C ASP A 307 -14.06 14.60 -28.41
N ILE A 308 -14.16 14.68 -27.09
CA ILE A 308 -15.24 15.44 -26.47
C ILE A 308 -14.85 16.83 -26.00
N PRO A 309 -15.49 17.86 -26.58
CA PRO A 309 -15.24 19.26 -26.25
C PRO A 309 -15.49 19.55 -24.76
N ILE A 310 -14.46 20.02 -24.07
CA ILE A 310 -14.59 20.38 -22.66
C ILE A 310 -14.69 21.89 -22.61
N GLU A 311 -15.85 22.38 -22.23
CA GLU A 311 -16.09 23.80 -22.12
C GLU A 311 -15.26 24.42 -20.98
N GLU A 312 -14.73 25.61 -21.22
CA GLU A 312 -13.98 26.31 -20.19
C GLU A 312 -14.79 27.58 -19.94
N ARG A 313 -15.21 27.79 -18.69
CA ARG A 313 -16.04 28.95 -18.36
C ARG A 313 -15.32 30.13 -17.76
N ASP A 314 -15.91 31.31 -17.94
CA ASP A 314 -15.34 32.54 -17.42
C ASP A 314 -14.69 32.28 -16.07
N PRO A 315 -13.40 32.62 -15.93
CA PRO A 315 -12.64 32.43 -14.69
C PRO A 315 -13.21 33.12 -13.45
N GLU A 316 -14.19 34.00 -13.62
CA GLU A 316 -14.79 34.70 -12.49
C GLU A 316 -15.55 33.75 -11.56
N GLU A 317 -16.08 32.64 -12.10
CA GLU A 317 -16.82 31.68 -11.30
C GLU A 317 -15.94 31.13 -10.17
N VAL A 318 -14.63 31.16 -10.41
CA VAL A 318 -13.66 30.66 -9.44
C VAL A 318 -13.04 31.71 -8.54
N ARG A 319 -12.97 32.95 -9.01
CA ARG A 319 -12.37 34.03 -8.23
C ARG A 319 -13.37 34.67 -7.28
N GLN A 320 -14.64 34.57 -7.57
CA GLN A 320 -15.62 35.17 -6.68
C GLN A 320 -16.92 34.44 -6.75
N ILE A 321 -17.90 34.94 -6.00
CA ILE A 321 -19.25 34.34 -6.03
C ILE A 321 -20.18 35.40 -5.49
N SER A 322 -21.25 35.69 -6.21
CA SER A 322 -22.26 36.69 -5.87
C SER A 322 -21.60 38.11 -5.59
N GLY A 323 -20.44 38.40 -6.20
CA GLY A 323 -19.77 39.70 -5.99
C GLY A 323 -18.75 39.63 -4.85
N VAL A 324 -18.76 38.51 -4.10
CA VAL A 324 -17.80 38.35 -3.01
C VAL A 324 -16.60 37.56 -3.51
N ARG A 325 -15.50 38.27 -3.75
CA ARG A 325 -14.28 37.62 -4.22
C ARG A 325 -13.72 36.70 -3.14
N THR A 326 -13.02 35.67 -3.57
CA THR A 326 -12.44 34.71 -2.66
C THR A 326 -10.99 34.49 -3.04
N ALA A 327 -10.49 35.35 -3.92
CA ALA A 327 -9.11 35.27 -4.38
C ALA A 327 -8.69 36.61 -4.95
N PRO A 328 -7.39 36.76 -5.26
CA PRO A 328 -6.91 38.03 -5.83
C PRO A 328 -7.64 38.17 -7.16
N SER A 329 -8.23 39.34 -7.42
CA SER A 329 -9.01 39.54 -8.62
C SER A 329 -8.37 39.25 -9.97
N ASN A 330 -7.05 39.15 -10.03
CA ASN A 330 -6.46 38.87 -11.32
C ASN A 330 -5.60 37.61 -11.35
N VAL A 331 -5.73 36.75 -10.34
CA VAL A 331 -4.95 35.53 -10.31
C VAL A 331 -5.42 34.66 -11.44
N PRO A 332 -4.48 34.07 -12.19
CA PRO A 332 -4.79 33.20 -13.31
C PRO A 332 -5.64 32.00 -12.86
N VAL A 333 -6.57 31.61 -13.72
CA VAL A 333 -7.47 30.50 -13.44
C VAL A 333 -7.62 29.54 -14.63
N PHE A 334 -7.94 28.29 -14.31
CA PHE A 334 -8.19 27.24 -15.29
C PHE A 334 -9.57 26.75 -14.86
N ASN A 335 -10.59 27.02 -15.65
CA ASN A 335 -11.94 26.65 -15.27
C ASN A 335 -12.70 25.70 -16.18
N PRO A 336 -12.29 24.42 -16.21
CA PRO A 336 -12.97 23.43 -17.05
C PRO A 336 -14.20 23.03 -16.27
N ALA A 337 -15.33 22.96 -16.95
CA ALA A 337 -16.59 22.61 -16.30
C ALA A 337 -16.86 21.12 -16.38
N PHE A 338 -15.98 20.40 -17.08
CA PHE A 338 -16.12 18.94 -17.22
C PHE A 338 -14.76 18.30 -17.35
N ASP A 339 -14.75 16.98 -17.15
CA ASP A 339 -13.55 16.15 -17.31
C ASP A 339 -14.05 14.82 -17.88
N ILE A 340 -13.15 13.91 -18.18
CA ILE A 340 -13.52 12.63 -18.75
C ILE A 340 -13.17 11.46 -17.84
N THR A 341 -14.12 10.55 -17.68
CA THR A 341 -13.88 9.36 -16.86
C THR A 341 -13.71 8.22 -17.85
N PRO A 342 -12.52 7.60 -17.87
CA PRO A 342 -12.28 6.48 -18.79
C PRO A 342 -13.20 5.32 -18.44
N HIS A 343 -13.80 4.71 -19.45
CA HIS A 343 -14.73 3.60 -19.22
C HIS A 343 -14.18 2.52 -18.31
N ASP A 344 -12.86 2.42 -18.22
CA ASP A 344 -12.22 1.41 -17.39
C ASP A 344 -12.51 1.62 -15.91
N LEU A 345 -12.69 2.87 -15.51
CA LEU A 345 -12.97 3.19 -14.12
C LEU A 345 -14.48 3.18 -13.87
N ILE A 346 -15.23 2.65 -14.81
CA ILE A 346 -16.69 2.63 -14.68
C ILE A 346 -17.26 1.24 -14.44
N SER A 347 -17.86 1.07 -13.26
CA SER A 347 -18.47 -0.22 -12.89
C SER A 347 -19.73 -0.49 -13.71
N GLY A 348 -20.48 0.56 -14.01
CA GLY A 348 -21.70 0.36 -14.78
C GLY A 348 -22.40 1.60 -15.30
N ILE A 349 -23.09 1.44 -16.41
CA ILE A 349 -23.84 2.51 -17.02
C ILE A 349 -25.32 2.13 -17.05
N ILE A 350 -26.16 2.97 -16.48
CA ILE A 350 -27.60 2.72 -16.40
C ILE A 350 -28.38 3.59 -17.38
N THR A 351 -29.17 2.96 -18.24
CA THR A 351 -29.99 3.69 -19.21
C THR A 351 -31.39 3.14 -19.08
N GLU A 352 -32.31 3.66 -19.88
CA GLU A 352 -33.68 3.19 -19.85
C GLU A 352 -33.70 1.70 -20.22
N LYS A 353 -32.58 1.21 -20.74
CA LYS A 353 -32.46 -0.18 -21.14
C LYS A 353 -31.96 -1.12 -20.07
N GLY A 354 -31.45 -0.56 -18.98
CA GLY A 354 -30.96 -1.42 -17.93
C GLY A 354 -29.51 -1.11 -17.64
N ILE A 355 -28.79 -2.09 -17.12
CA ILE A 355 -27.40 -1.89 -16.76
C ILE A 355 -26.37 -2.60 -17.62
N MET A 356 -25.32 -1.86 -17.99
CA MET A 356 -24.21 -2.37 -18.78
C MET A 356 -23.01 -2.40 -17.86
N THR A 357 -22.27 -3.51 -17.84
CA THR A 357 -21.13 -3.61 -16.95
C THR A 357 -19.73 -3.68 -17.57
N GLY A 358 -19.62 -3.53 -18.87
CA GLY A 358 -18.30 -3.59 -19.49
C GLY A 358 -18.37 -3.93 -20.96
N ASN A 359 -17.22 -3.95 -21.63
CA ASN A 359 -17.22 -4.25 -23.07
C ASN A 359 -18.29 -3.29 -23.61
N TYR A 360 -18.15 -2.03 -23.22
CA TYR A 360 -19.09 -0.97 -23.57
C TYR A 360 -19.33 -0.70 -25.04
N GLU A 361 -18.26 -0.52 -25.82
CA GLU A 361 -18.43 -0.24 -27.25
C GLU A 361 -19.40 -1.24 -27.87
N GLU A 362 -19.01 -2.51 -27.82
CA GLU A 362 -19.83 -3.57 -28.36
C GLU A 362 -21.22 -3.46 -27.76
N GLU A 363 -21.27 -3.18 -26.46
CA GLU A 363 -22.52 -3.07 -25.72
C GLU A 363 -23.41 -1.89 -26.13
N ILE A 364 -22.87 -0.68 -26.22
CA ILE A 364 -23.72 0.44 -26.60
C ILE A 364 -24.01 0.35 -28.10
N GLU A 365 -23.18 -0.41 -28.80
CA GLU A 365 -23.35 -0.61 -30.24
C GLU A 365 -24.66 -1.40 -30.38
N GLN A 366 -24.77 -2.48 -29.61
CA GLN A 366 -25.97 -3.31 -29.63
C GLN A 366 -27.14 -2.42 -29.26
N LEU A 367 -26.91 -1.60 -28.25
CA LEU A 367 -27.90 -0.68 -27.73
C LEU A 367 -28.63 0.15 -28.78
N PHE A 368 -27.87 0.84 -29.63
CA PHE A 368 -28.46 1.69 -30.63
C PHE A 368 -29.06 1.07 -31.88
N LYS A 369 -29.06 -0.26 -31.97
CA LYS A 369 -29.65 -0.90 -33.14
C LYS A 369 -31.07 -1.36 -32.80
N GLY A 370 -31.98 -0.40 -32.74
CA GLY A 370 -33.37 -0.68 -32.44
C GLY A 370 -34.26 0.18 -33.31
N MET B 22 7.57 44.43 -3.27
CA MET B 22 6.61 43.65 -2.45
C MET B 22 6.79 42.15 -2.67
N THR B 23 7.63 41.81 -3.63
CA THR B 23 7.89 40.41 -3.92
C THR B 23 8.84 39.85 -2.88
N HIS B 24 9.21 40.66 -1.88
CA HIS B 24 10.09 40.20 -0.81
C HIS B 24 9.34 40.05 0.51
N SER B 25 8.06 40.40 0.50
CA SER B 25 7.23 40.33 1.69
C SER B 25 7.26 38.99 2.44
N PHE B 26 7.50 37.91 1.70
CA PHE B 26 7.55 36.58 2.29
C PHE B 26 8.73 36.38 3.25
N ALA B 27 9.80 37.16 3.07
CA ALA B 27 10.99 37.04 3.91
C ALA B 27 10.92 37.90 5.16
N VAL B 28 9.77 38.50 5.39
CA VAL B 28 9.60 39.35 6.57
C VAL B 28 8.48 38.75 7.40
N PRO B 29 8.62 38.78 8.73
CA PRO B 29 7.58 38.22 9.59
C PRO B 29 6.28 39.01 9.48
N ARG B 30 5.19 38.32 9.15
CA ARG B 30 3.90 38.97 9.02
C ARG B 30 2.83 38.27 9.87
N SER B 31 2.90 36.95 9.94
CA SER B 31 1.95 36.16 10.70
C SER B 31 1.87 36.49 12.19
N VAL B 32 3.01 36.56 12.85
CA VAL B 32 3.03 36.84 14.28
C VAL B 32 4.31 37.52 14.76
N GLU B 33 4.13 38.53 15.59
CA GLU B 33 5.26 39.29 16.09
C GLU B 33 5.12 39.60 17.57
N TRP B 34 6.21 39.35 18.30
CA TRP B 34 6.25 39.61 19.72
C TRP B 34 6.53 41.09 19.96
N LYS B 35 5.69 41.73 20.77
CA LYS B 35 5.84 43.15 21.08
C LYS B 35 6.10 43.40 22.56
N GLU B 36 6.42 42.34 23.29
CA GLU B 36 6.70 42.41 24.73
C GLU B 36 5.44 42.54 25.57
N THR B 37 4.58 43.50 25.23
CA THR B 37 3.33 43.71 25.97
C THR B 37 2.14 43.29 25.11
N ALA B 38 2.41 43.01 23.84
CA ALA B 38 1.36 42.59 22.91
C ALA B 38 1.88 41.58 21.91
N ILE B 39 0.96 40.85 21.28
CA ILE B 39 1.31 39.87 20.26
C ILE B 39 0.55 40.30 19.01
N THR B 40 1.27 40.82 18.02
CA THR B 40 0.62 41.26 16.79
C THR B 40 0.53 40.16 15.75
N ILE B 41 -0.68 39.94 15.26
CA ILE B 41 -0.91 38.91 14.26
C ILE B 41 -1.64 39.43 13.04
N LEU B 42 -1.24 38.96 11.87
CA LEU B 42 -1.92 39.35 10.63
C LEU B 42 -3.27 38.62 10.69
N ASN B 43 -4.34 39.30 10.32
CA ASN B 43 -5.65 38.67 10.36
C ASN B 43 -5.87 37.95 9.03
N GLN B 44 -5.70 36.64 9.05
CA GLN B 44 -5.84 35.87 7.83
C GLN B 44 -7.25 35.70 7.32
N GLN B 45 -8.25 35.98 8.16
CA GLN B 45 -9.61 35.83 7.68
C GLN B 45 -10.03 37.01 6.82
N LYS B 46 -9.28 38.10 6.87
CA LYS B 46 -9.63 39.26 6.05
C LYS B 46 -8.91 39.32 4.71
N LEU B 47 -8.08 38.32 4.43
CA LEU B 47 -7.38 38.26 3.15
C LEU B 47 -8.33 37.51 2.23
N PRO B 48 -8.21 37.71 0.91
CA PRO B 48 -7.26 38.55 0.18
C PRO B 48 -7.62 40.05 0.14
N ASP B 49 -8.88 40.37 0.36
CA ASP B 49 -9.35 41.75 0.33
C ASP B 49 -8.52 42.77 1.11
N GLU B 50 -8.53 42.67 2.43
CA GLU B 50 -7.78 43.62 3.25
C GLU B 50 -6.65 42.96 4.04
N THR B 51 -5.60 43.74 4.32
CA THR B 51 -4.47 43.24 5.11
C THR B 51 -4.52 44.02 6.43
N GLU B 52 -5.04 43.37 7.47
CA GLU B 52 -5.18 43.99 8.77
C GLU B 52 -4.40 43.27 9.86
N TYR B 53 -3.99 44.01 10.87
CA TYR B 53 -3.23 43.46 11.99
C TYR B 53 -3.96 43.66 13.33
N LEU B 54 -3.94 42.63 14.17
CA LEU B 54 -4.61 42.69 15.47
C LEU B 54 -3.58 42.75 16.60
N GLU B 55 -4.06 43.15 17.77
CA GLU B 55 -3.22 43.24 18.96
C GLU B 55 -3.81 42.31 20.01
N LEU B 56 -3.23 41.13 20.15
CA LEU B 56 -3.71 40.18 21.13
C LEU B 56 -3.05 40.54 22.45
N THR B 57 -3.86 40.71 23.49
CA THR B 57 -3.38 41.10 24.82
C THR B 57 -3.61 40.07 25.92
N THR B 58 -4.65 39.25 25.76
CA THR B 58 -4.96 38.24 26.77
C THR B 58 -5.00 36.88 26.11
N LYS B 59 -4.91 35.82 26.90
CA LYS B 59 -4.95 34.48 26.32
C LYS B 59 -6.32 34.20 25.71
N GLU B 60 -7.35 34.94 26.14
CA GLU B 60 -8.66 34.74 25.55
C GLU B 60 -8.54 35.18 24.10
N ASP B 61 -7.77 36.24 23.87
CA ASP B 61 -7.57 36.75 22.52
C ASP B 61 -6.84 35.71 21.68
N VAL B 62 -5.75 35.19 22.23
CA VAL B 62 -4.96 34.18 21.54
C VAL B 62 -5.81 32.95 21.26
N PHE B 63 -6.55 32.49 22.26
CA PHE B 63 -7.43 31.33 22.12
C PHE B 63 -8.40 31.58 20.97
N ASP B 64 -8.96 32.78 20.94
CA ASP B 64 -9.91 33.16 19.91
C ASP B 64 -9.30 33.25 18.51
N ALA B 65 -8.08 33.76 18.42
CA ALA B 65 -7.43 33.90 17.12
C ALA B 65 -7.14 32.52 16.53
N ILE B 66 -6.70 31.60 17.36
CA ILE B 66 -6.38 30.24 16.91
C ILE B 66 -7.66 29.53 16.46
N VAL B 67 -8.62 29.43 17.37
CA VAL B 67 -9.87 28.75 17.10
C VAL B 67 -10.64 29.26 15.89
N THR B 68 -10.67 30.57 15.68
CA THR B 68 -11.41 31.12 14.54
C THR B 68 -10.55 31.39 13.31
N LEU B 69 -9.32 30.86 13.34
CA LEU B 69 -8.39 30.98 12.23
C LEU B 69 -7.90 32.38 11.87
N LYS B 70 -7.93 33.31 12.81
CA LYS B 70 -7.41 34.64 12.52
C LYS B 70 -5.92 34.43 12.28
N VAL B 71 -5.41 33.37 12.88
CA VAL B 71 -4.03 32.97 12.71
C VAL B 71 -4.09 31.46 12.48
N ARG B 72 -3.49 30.98 11.39
CA ARG B 72 -3.52 29.54 11.15
C ARG B 72 -2.25 29.01 10.53
N GLY B 73 -2.18 27.70 10.37
CA GLY B 73 -0.98 27.07 9.88
C GLY B 73 -0.32 26.59 11.15
N ALA B 74 0.03 25.31 11.19
CA ALA B 74 0.62 24.68 12.38
C ALA B 74 1.82 25.38 13.03
N PRO B 75 2.88 25.65 12.26
CA PRO B 75 4.04 26.32 12.87
C PRO B 75 3.69 27.66 13.51
N ALA B 76 2.98 28.51 12.77
CA ALA B 76 2.60 29.81 13.27
C ALA B 76 1.65 29.69 14.47
N ILE B 77 0.89 28.61 14.53
CA ILE B 77 -0.03 28.45 15.64
C ILE B 77 0.79 28.11 16.90
N GLY B 78 1.85 27.36 16.72
CA GLY B 78 2.72 27.00 17.84
C GLY B 78 3.38 28.26 18.36
N ILE B 79 3.96 29.04 17.46
CA ILE B 79 4.61 30.28 17.87
C ILE B 79 3.65 31.19 18.65
N THR B 80 2.46 31.42 18.11
CA THR B 80 1.49 32.28 18.77
C THR B 80 1.08 31.71 20.13
N ALA B 81 0.76 30.42 20.16
CA ALA B 81 0.40 29.80 21.42
C ALA B 81 1.51 30.06 22.44
N ALA B 82 2.75 29.92 21.99
CA ALA B 82 3.92 30.13 22.86
C ALA B 82 3.97 31.58 23.34
N PHE B 83 3.97 32.54 22.42
CA PHE B 83 4.01 33.94 22.83
C PHE B 83 2.80 34.19 23.72
N GLY B 84 1.73 33.45 23.44
CA GLY B 84 0.50 33.59 24.20
C GLY B 84 0.63 33.18 25.66
N LEU B 85 1.26 32.03 25.88
CA LEU B 85 1.48 31.51 27.23
C LEU B 85 2.43 32.44 28.00
N ALA B 86 3.45 32.94 27.31
CA ALA B 86 4.44 33.85 27.92
C ALA B 86 3.85 35.21 28.32
N LEU B 87 3.08 35.81 27.41
CA LEU B 87 2.46 37.09 27.66
C LEU B 87 1.53 36.95 28.86
N ALA B 88 0.72 35.88 28.84
CA ALA B 88 -0.24 35.63 29.90
C ALA B 88 0.41 35.30 31.26
N ALA B 89 1.63 34.73 31.23
CA ALA B 89 2.32 34.39 32.47
C ALA B 89 2.79 35.64 33.24
N LYS B 90 2.82 36.77 32.56
CA LYS B 90 3.24 38.01 33.20
C LYS B 90 2.35 38.28 34.41
N ASP B 91 1.07 38.51 34.14
CA ASP B 91 0.09 38.81 35.16
C ASP B 91 -0.13 37.72 36.20
N ILE B 92 0.74 36.72 36.23
CA ILE B 92 0.62 35.67 37.23
C ILE B 92 1.36 36.13 38.48
N GLU B 93 0.77 37.09 39.19
CA GLU B 93 1.38 37.61 40.39
C GLU B 93 1.38 36.57 41.50
N THR B 94 2.52 35.94 41.74
CA THR B 94 2.64 34.94 42.78
C THR B 94 3.96 34.97 43.51
N ASP B 95 3.94 34.40 44.70
CA ASP B 95 5.11 34.33 45.56
C ASP B 95 5.94 33.10 45.20
N ASN B 96 5.26 31.97 45.19
CA ASN B 96 5.87 30.68 44.92
C ASN B 96 6.08 30.36 43.44
N VAL B 97 7.09 29.53 43.17
CA VAL B 97 7.41 29.13 41.81
C VAL B 97 6.62 27.87 41.48
N THR B 98 6.33 27.09 42.52
CA THR B 98 5.56 25.87 42.36
C THR B 98 4.14 26.33 42.06
N GLU B 99 3.67 27.34 42.79
CA GLU B 99 2.36 27.92 42.61
C GLU B 99 2.33 28.55 41.22
N PHE B 100 3.46 29.16 40.84
CA PHE B 100 3.57 29.80 39.53
C PHE B 100 3.33 28.74 38.47
N ARG B 101 4.00 27.61 38.62
CA ARG B 101 3.85 26.49 37.68
C ARG B 101 2.40 26.01 37.66
N ARG B 102 1.82 25.86 38.85
CA ARG B 102 0.45 25.40 38.99
C ARG B 102 -0.46 26.31 38.16
N ARG B 103 -0.28 27.61 38.34
CA ARG B 103 -1.07 28.60 37.60
C ARG B 103 -0.75 28.51 36.11
N LEU B 104 0.53 28.41 35.77
CA LEU B 104 0.95 28.34 34.38
C LEU B 104 0.34 27.16 33.62
N GLU B 105 0.22 26.03 34.31
CA GLU B 105 -0.32 24.82 33.73
C GLU B 105 -1.78 25.01 33.39
N ASP B 106 -2.49 25.81 34.18
CA ASP B 106 -3.90 26.08 33.92
C ASP B 106 -4.09 26.86 32.61
N ILE B 107 -3.25 27.86 32.39
CA ILE B 107 -3.33 28.67 31.17
C ILE B 107 -2.93 27.82 29.97
N LYS B 108 -1.99 26.92 30.17
CA LYS B 108 -1.53 26.07 29.09
C LYS B 108 -2.65 25.16 28.61
N GLN B 109 -3.24 24.41 29.53
CA GLN B 109 -4.33 23.49 29.18
C GLN B 109 -5.38 24.26 28.38
N TYR B 110 -5.66 25.47 28.81
CA TYR B 110 -6.64 26.33 28.16
C TYR B 110 -6.34 26.61 26.69
N LEU B 111 -5.15 27.16 26.41
CA LEU B 111 -4.76 27.48 25.05
C LEU B 111 -4.54 26.22 24.22
N ASN B 112 -4.24 25.12 24.89
CA ASN B 112 -4.00 23.86 24.20
C ASN B 112 -5.31 23.22 23.71
N SER B 113 -6.42 23.59 24.33
CA SER B 113 -7.72 23.04 23.94
C SER B 113 -8.35 23.79 22.77
N SER B 114 -7.60 24.67 22.12
CA SER B 114 -8.16 25.43 21.01
C SER B 114 -8.39 24.51 19.81
N ARG B 115 -7.33 23.93 19.30
CA ARG B 115 -7.45 23.02 18.16
C ARG B 115 -6.61 21.80 18.46
N PRO B 116 -7.12 20.61 18.12
CA PRO B 116 -6.49 19.31 18.34
C PRO B 116 -5.33 18.85 17.45
N THR B 117 -5.62 18.67 16.17
CA THR B 117 -4.68 18.14 15.19
C THR B 117 -3.24 18.61 15.14
N ALA B 118 -3.01 19.92 14.97
CA ALA B 118 -1.65 20.45 14.89
C ALA B 118 -0.81 20.16 16.13
N ILE B 119 0.14 19.25 16.00
CA ILE B 119 1.00 18.91 17.12
C ILE B 119 1.76 20.14 17.62
N ASN B 120 2.24 20.96 16.68
CA ASN B 120 3.01 22.16 17.02
C ASN B 120 2.43 22.97 18.18
N LEU B 121 1.11 22.97 18.31
CA LEU B 121 0.45 23.71 19.38
C LEU B 121 0.91 23.20 20.74
N SER B 122 0.66 21.91 20.97
CA SER B 122 1.02 21.26 22.22
C SER B 122 2.54 21.29 22.40
N TRP B 123 3.26 21.01 21.33
CA TRP B 123 4.73 21.01 21.34
C TRP B 123 5.31 22.33 21.84
N ALA B 124 4.77 23.45 21.38
CA ALA B 124 5.27 24.76 21.80
C ALA B 124 5.01 24.97 23.30
N LEU B 125 3.77 24.72 23.70
CA LEU B 125 3.35 24.87 25.09
C LEU B 125 4.15 23.99 26.03
N GLU B 126 4.37 22.75 25.62
CA GLU B 126 5.10 21.80 26.43
C GLU B 126 6.57 22.23 26.53
N ARG B 127 7.08 22.90 25.50
CA ARG B 127 8.46 23.35 25.49
C ARG B 127 8.63 24.49 26.49
N LEU B 128 7.69 25.43 26.48
CA LEU B 128 7.74 26.54 27.42
C LEU B 128 7.52 26.04 28.83
N SER B 129 6.71 24.99 28.96
CA SER B 129 6.44 24.43 30.28
C SER B 129 7.69 23.81 30.88
N HIS B 130 8.45 23.10 30.04
CA HIS B 130 9.65 22.43 30.50
C HIS B 130 10.78 23.41 30.78
N SER B 131 10.69 24.61 30.22
CA SER B 131 11.74 25.61 30.41
C SER B 131 11.74 26.24 31.80
N VAL B 132 10.72 25.96 32.60
CA VAL B 132 10.65 26.51 33.95
C VAL B 132 10.56 25.42 35.00
N GLU B 133 10.74 24.17 34.57
CA GLU B 133 10.66 23.02 35.48
C GLU B 133 11.70 23.06 36.59
N ASN B 134 12.82 23.68 36.30
CA ASN B 134 13.88 23.76 37.29
C ASN B 134 13.99 25.19 37.77
N ALA B 135 13.12 26.06 37.28
CA ALA B 135 13.15 27.44 37.69
C ALA B 135 13.22 27.52 39.21
N ILE B 136 13.84 28.58 39.71
CA ILE B 136 13.97 28.79 41.13
C ILE B 136 13.14 29.98 41.57
N SER B 137 12.92 30.92 40.68
CA SER B 137 12.13 32.09 41.03
C SER B 137 11.07 32.39 39.98
N VAL B 138 10.09 33.20 40.37
CA VAL B 138 9.01 33.59 39.47
C VAL B 138 9.55 34.42 38.32
N ASN B 139 10.30 35.48 38.63
CA ASN B 139 10.85 36.34 37.59
C ASN B 139 11.75 35.58 36.60
N GLU B 140 12.50 34.60 37.09
CA GLU B 140 13.37 33.81 36.23
C GLU B 140 12.51 32.99 35.26
N ALA B 141 11.36 32.55 35.76
CA ALA B 141 10.43 31.76 34.96
C ALA B 141 9.84 32.61 33.85
N LYS B 142 9.25 33.75 34.23
CA LYS B 142 8.66 34.65 33.25
C LYS B 142 9.65 34.83 32.11
N THR B 143 10.86 35.26 32.45
CA THR B 143 11.92 35.48 31.46
C THR B 143 12.12 34.22 30.63
N ASN B 144 12.24 33.07 31.29
CA ASN B 144 12.42 31.81 30.59
C ASN B 144 11.34 31.66 29.51
N LEU B 145 10.09 31.81 29.91
CA LEU B 145 8.99 31.69 28.97
C LEU B 145 9.17 32.60 27.76
N VAL B 146 9.48 33.88 27.99
CA VAL B 146 9.63 34.80 26.88
C VAL B 146 10.78 34.40 25.95
N HIS B 147 11.92 34.10 26.54
CA HIS B 147 13.11 33.69 25.81
C HIS B 147 12.85 32.40 25.03
N GLU B 148 12.16 31.46 25.65
CA GLU B 148 11.87 30.20 25.00
C GLU B 148 10.89 30.42 23.83
N ALA B 149 9.91 31.30 24.03
CA ALA B 149 8.95 31.57 22.98
C ALA B 149 9.71 32.10 21.78
N ILE B 150 10.44 33.19 21.99
CA ILE B 150 11.21 33.82 20.93
C ILE B 150 12.17 32.85 20.26
N GLN B 151 12.84 32.00 21.04
CA GLN B 151 13.77 31.06 20.46
C GLN B 151 13.02 30.17 19.49
N ILE B 152 11.79 29.79 19.85
CA ILE B 152 11.00 28.92 18.99
C ILE B 152 10.75 29.56 17.63
N GLN B 153 10.48 30.86 17.63
CA GLN B 153 10.22 31.60 16.39
C GLN B 153 11.45 31.72 15.50
N VAL B 154 12.58 32.06 16.11
CA VAL B 154 13.83 32.20 15.35
C VAL B 154 14.26 30.84 14.82
N GLU B 155 14.00 29.79 15.58
CA GLU B 155 14.35 28.43 15.16
C GLU B 155 13.49 28.02 13.98
N ASP B 156 12.21 28.38 14.01
CA ASP B 156 11.30 28.02 12.93
C ASP B 156 11.78 28.67 11.64
N GLU B 157 12.30 29.90 11.78
CA GLU B 157 12.79 30.66 10.62
C GLU B 157 13.93 29.94 9.92
N GLU B 158 14.82 29.34 10.68
CA GLU B 158 15.93 28.65 10.06
C GLU B 158 15.44 27.38 9.34
N THR B 159 14.62 26.59 10.01
CA THR B 159 14.12 25.37 9.39
C THR B 159 13.39 25.68 8.08
N CYS B 160 12.51 26.67 8.10
CA CYS B 160 11.79 27.01 6.90
C CYS B 160 12.79 27.28 5.80
N ARG B 161 13.81 28.07 6.13
CA ARG B 161 14.87 28.44 5.20
C ARG B 161 15.58 27.18 4.65
N LEU B 162 15.84 26.20 5.52
CA LEU B 162 16.49 24.97 5.09
C LEU B 162 15.53 24.04 4.36
N ILE B 163 14.25 24.11 4.72
CA ILE B 163 13.22 23.30 4.09
C ILE B 163 13.06 23.79 2.65
N GLY B 164 13.11 25.11 2.48
CA GLY B 164 12.98 25.69 1.16
C GLY B 164 14.11 25.19 0.29
N GLN B 165 15.32 25.20 0.83
CA GLN B 165 16.49 24.74 0.10
C GLN B 165 16.41 23.24 -0.24
N ASN B 166 16.35 22.39 0.78
CA ASN B 166 16.29 20.94 0.54
C ASN B 166 15.26 20.51 -0.50
N ALA B 167 14.06 21.06 -0.42
CA ALA B 167 12.99 20.69 -1.35
C ALA B 167 13.20 21.08 -2.82
N LEU B 168 13.70 22.29 -3.06
CA LEU B 168 13.91 22.73 -4.45
C LEU B 168 14.72 21.70 -5.25
N GLN B 169 15.47 20.87 -4.55
CA GLN B 169 16.29 19.84 -5.22
C GLN B 169 15.41 18.88 -6.01
N LEU B 170 14.15 18.79 -5.60
CA LEU B 170 13.20 17.89 -6.25
C LEU B 170 12.57 18.41 -7.54
N PHE B 171 12.85 19.65 -7.91
CA PHE B 171 12.26 20.20 -9.12
C PHE B 171 13.25 20.66 -10.19
N LYS B 172 12.88 20.42 -11.43
CA LYS B 172 13.72 20.83 -12.55
C LYS B 172 13.05 22.07 -13.13
N LYS B 173 13.79 22.82 -13.93
CA LYS B 173 13.25 24.04 -14.53
C LYS B 173 11.95 23.84 -15.29
N GLY B 174 10.99 24.71 -15.03
CA GLY B 174 9.70 24.64 -15.69
C GLY B 174 8.69 23.66 -15.14
N ASP B 175 9.03 22.96 -14.06
CA ASP B 175 8.09 22.01 -13.49
C ASP B 175 6.78 22.68 -13.08
N ARG B 176 5.70 21.92 -13.20
CA ARG B 176 4.38 22.39 -12.82
C ARG B 176 4.04 21.62 -11.55
N ILE B 177 4.03 22.35 -10.43
CA ILE B 177 3.78 21.77 -9.11
C ILE B 177 2.39 22.05 -8.55
N MET B 178 1.73 21.00 -8.05
CA MET B 178 0.42 21.18 -7.46
C MET B 178 0.57 21.26 -5.95
N THR B 179 -0.32 22.04 -5.32
CA THR B 179 -0.28 22.17 -3.89
C THR B 179 -1.68 22.42 -3.32
N ILE B 180 -1.80 22.30 -2.01
CA ILE B 180 -3.10 22.48 -1.37
C ILE B 180 -2.92 23.25 -0.07
N CYS B 181 -3.99 23.89 0.39
CA CYS B 181 -3.95 24.70 1.59
C CYS B 181 -2.93 25.85 1.40
N ASN B 182 -2.44 26.41 2.50
CA ASN B 182 -1.47 27.50 2.45
C ASN B 182 -0.33 27.28 3.44
N ALA B 183 0.73 26.58 3.01
CA ALA B 183 1.87 26.30 3.87
C ALA B 183 3.03 27.23 3.52
N GLY B 184 2.72 28.52 3.52
CA GLY B 184 3.72 29.52 3.15
C GLY B 184 4.23 30.44 4.23
N SER B 185 4.55 31.67 3.84
CA SER B 185 5.12 32.69 4.72
C SER B 185 4.30 33.19 5.89
N ILE B 186 2.99 33.13 5.81
CA ILE B 186 2.17 33.57 6.92
C ILE B 186 1.67 32.37 7.75
N ALA B 187 1.99 31.17 7.32
CA ALA B 187 1.60 29.97 8.05
C ALA B 187 2.75 29.61 8.98
N THR B 188 3.85 30.32 8.81
CA THR B 188 5.07 30.12 9.58
C THR B 188 5.57 31.51 9.96
N SER B 189 6.75 31.56 10.58
CA SER B 189 7.32 32.84 10.96
C SER B 189 7.46 33.67 9.69
N ARG B 190 7.97 33.04 8.64
CA ARG B 190 8.16 33.64 7.33
C ARG B 190 8.82 32.59 6.44
N TYR B 191 8.93 32.88 5.14
CA TYR B 191 9.52 31.95 4.19
C TYR B 191 8.53 30.83 3.89
N GLY B 192 8.12 30.08 4.92
CA GLY B 192 7.17 29.00 4.72
C GLY B 192 7.84 27.64 4.67
N THR B 193 7.08 26.61 4.29
CA THR B 193 7.63 25.26 4.18
C THR B 193 7.36 24.74 2.78
N ALA B 194 6.16 24.25 2.53
CA ALA B 194 5.86 23.72 1.19
C ALA B 194 6.01 24.78 0.10
N LEU B 195 5.67 26.02 0.39
CA LEU B 195 5.78 27.07 -0.61
C LEU B 195 7.18 27.67 -0.68
N ALA B 196 7.96 27.46 0.37
CA ALA B 196 9.31 28.01 0.47
C ALA B 196 10.18 27.78 -0.77
N PRO B 197 10.26 26.53 -1.26
CA PRO B 197 11.08 26.27 -2.45
C PRO B 197 10.63 27.09 -3.66
N PHE B 198 9.35 27.48 -3.73
CA PHE B 198 8.87 28.28 -4.85
C PHE B 198 9.49 29.67 -4.81
N TYR B 199 9.72 30.18 -3.61
CA TYR B 199 10.32 31.50 -3.49
C TYR B 199 11.79 31.45 -3.90
N LEU B 200 12.44 30.32 -3.60
CA LEU B 200 13.85 30.15 -3.94
C LEU B 200 14.02 29.93 -5.44
N ALA B 201 13.20 29.06 -6.00
CA ALA B 201 13.27 28.76 -7.43
C ALA B 201 13.10 30.04 -8.24
N LYS B 202 12.24 30.93 -7.78
CA LYS B 202 12.01 32.18 -8.48
C LYS B 202 13.26 33.04 -8.38
N GLN B 203 14.11 32.69 -7.42
CA GLN B 203 15.34 33.42 -7.21
C GLN B 203 16.39 32.86 -8.15
N LYS B 204 16.34 31.55 -8.37
CA LYS B 204 17.28 30.86 -9.25
C LYS B 204 16.77 30.70 -10.67
N ASP B 205 15.81 31.55 -11.04
CA ASP B 205 15.24 31.55 -12.39
C ASP B 205 14.96 30.19 -13.03
N LEU B 206 14.04 29.40 -12.48
CA LEU B 206 13.76 28.12 -13.10
C LEU B 206 12.32 27.96 -13.58
N GLY B 207 11.67 29.09 -13.83
CA GLY B 207 10.30 29.10 -14.32
C GLY B 207 9.34 28.04 -13.82
N LEU B 208 9.21 27.90 -12.51
CA LEU B 208 8.30 26.91 -11.95
C LEU B 208 6.86 27.41 -12.07
N HIS B 209 5.94 26.50 -12.35
CA HIS B 209 4.54 26.85 -12.47
C HIS B 209 3.78 26.09 -11.40
N ILE B 210 3.06 26.80 -10.56
CA ILE B 210 2.33 26.09 -9.52
C ILE B 210 0.82 26.23 -9.61
N TYR B 211 0.13 25.13 -9.34
CA TYR B 211 -1.32 25.07 -9.36
C TYR B 211 -1.84 24.90 -7.94
N ALA B 212 -2.46 25.96 -7.43
CA ALA B 212 -2.98 25.95 -6.08
C ALA B 212 -4.47 25.62 -5.98
N CYS B 213 -4.79 24.53 -5.31
CA CYS B 213 -6.18 24.15 -5.11
C CYS B 213 -6.74 25.20 -4.14
N GLU B 214 -7.96 25.69 -4.38
CA GLU B 214 -8.54 26.71 -3.53
C GLU B 214 -8.69 26.31 -2.06
N THR B 215 -8.77 25.01 -1.82
CA THR B 215 -8.89 24.47 -0.47
C THR B 215 -10.16 24.83 0.29
N ARG B 216 -11.30 24.25 -0.10
CA ARG B 216 -12.56 24.53 0.58
C ARG B 216 -12.61 23.75 1.91
N PRO B 217 -13.47 24.17 2.83
CA PRO B 217 -14.42 25.29 2.78
C PRO B 217 -13.79 26.64 3.14
N VAL B 218 -12.74 26.60 3.96
CA VAL B 218 -12.09 27.83 4.42
C VAL B 218 -11.26 28.55 3.35
N LEU B 219 -11.11 27.91 2.20
CA LEU B 219 -10.38 28.47 1.07
C LEU B 219 -8.97 29.03 1.31
N GLN B 220 -8.16 28.33 2.11
CA GLN B 220 -6.80 28.81 2.36
C GLN B 220 -5.95 28.89 1.08
N GLY B 221 -6.33 28.11 0.06
CA GLY B 221 -5.60 28.10 -1.19
C GLY B 221 -5.74 29.33 -2.09
N SER B 222 -6.98 29.77 -2.30
CA SER B 222 -7.24 30.93 -3.14
C SER B 222 -7.15 32.23 -2.37
N ARG B 223 -7.41 32.18 -1.06
CA ARG B 223 -7.38 33.38 -0.24
C ARG B 223 -6.02 33.77 0.31
N LEU B 224 -5.18 32.78 0.60
CA LEU B 224 -3.86 33.05 1.14
C LEU B 224 -2.76 32.64 0.17
N THR B 225 -2.83 31.40 -0.31
CA THR B 225 -1.82 30.92 -1.24
C THR B 225 -1.79 31.72 -2.54
N ALA B 226 -2.92 31.80 -3.23
CA ALA B 226 -2.97 32.58 -4.47
C ALA B 226 -2.50 34.00 -4.15
N TRP B 227 -2.84 34.48 -2.96
CA TRP B 227 -2.44 35.81 -2.55
C TRP B 227 -0.93 36.00 -2.38
N GLU B 228 -0.28 35.23 -1.48
CA GLU B 228 1.15 35.42 -1.26
C GLU B 228 2.08 35.10 -2.45
N LEU B 229 1.73 34.14 -3.29
CA LEU B 229 2.60 33.82 -4.42
C LEU B 229 2.50 34.89 -5.49
N MET B 230 1.32 35.47 -5.65
CA MET B 230 1.15 36.54 -6.64
C MET B 230 2.00 37.70 -6.14
N GLN B 231 1.99 37.88 -4.83
CA GLN B 231 2.74 38.93 -4.18
C GLN B 231 4.24 38.73 -4.45
N GLY B 232 4.69 37.48 -4.47
CA GLY B 232 6.09 37.20 -4.72
C GLY B 232 6.49 37.11 -6.19
N GLY B 233 5.56 37.39 -7.09
CA GLY B 233 5.89 37.31 -8.51
C GLY B 233 6.11 35.88 -8.94
N ILE B 234 5.42 34.96 -8.28
CA ILE B 234 5.50 33.54 -8.57
C ILE B 234 4.36 33.18 -9.53
N ASP B 235 4.63 32.26 -10.47
CA ASP B 235 3.59 31.85 -11.40
C ASP B 235 2.67 30.85 -10.71
N VAL B 236 1.44 31.28 -10.46
CA VAL B 236 0.46 30.44 -9.79
C VAL B 236 -0.90 30.47 -10.47
N THR B 237 -1.47 29.30 -10.71
CA THR B 237 -2.79 29.20 -11.31
C THR B 237 -3.73 28.56 -10.31
N LEU B 238 -4.87 29.21 -10.10
CA LEU B 238 -5.88 28.72 -9.18
C LEU B 238 -6.81 27.72 -9.88
N ILE B 239 -7.29 26.75 -9.10
CA ILE B 239 -8.21 25.73 -9.59
C ILE B 239 -9.01 25.26 -8.38
N THR B 240 -10.19 24.70 -8.61
CA THR B 240 -10.99 24.19 -7.53
C THR B 240 -10.32 22.88 -7.19
N ASP B 241 -10.69 22.28 -6.06
CA ASP B 241 -10.09 21.03 -5.63
C ASP B 241 -10.53 19.86 -6.50
N SER B 242 -11.79 19.87 -6.87
CA SER B 242 -12.35 18.82 -7.72
C SER B 242 -11.66 18.77 -9.09
N MET B 243 -10.90 19.80 -9.45
CA MET B 243 -10.21 19.85 -10.74
C MET B 243 -8.83 19.16 -10.76
N ALA B 244 -8.36 18.76 -9.58
CA ALA B 244 -7.05 18.13 -9.45
C ALA B 244 -6.76 17.07 -10.51
N ALA B 245 -7.49 15.97 -10.46
CA ALA B 245 -7.29 14.89 -11.40
C ALA B 245 -7.20 15.39 -12.85
N HIS B 246 -8.24 16.08 -13.31
CA HIS B 246 -8.25 16.56 -14.68
C HIS B 246 -7.07 17.48 -14.97
N THR B 247 -6.56 18.14 -13.95
CA THR B 247 -5.42 19.04 -14.11
C THR B 247 -4.09 18.28 -14.17
N MET B 248 -3.99 17.20 -13.40
CA MET B 248 -2.76 16.42 -13.41
C MET B 248 -2.55 15.86 -14.81
N LYS B 249 -3.65 15.52 -15.47
CA LYS B 249 -3.61 14.94 -16.81
C LYS B 249 -3.43 15.99 -17.89
N GLU B 250 -4.39 16.91 -17.94
CA GLU B 250 -4.40 17.99 -18.92
C GLU B 250 -3.14 18.86 -18.85
N LYS B 251 -2.71 19.19 -17.63
CA LYS B 251 -1.53 20.03 -17.43
C LYS B 251 -0.23 19.28 -17.22
N GLN B 252 -0.31 17.96 -17.06
CA GLN B 252 0.89 17.15 -16.85
C GLN B 252 1.77 17.71 -15.72
N ILE B 253 1.18 17.93 -14.55
CA ILE B 253 1.97 18.46 -13.44
C ILE B 253 3.07 17.46 -13.13
N SER B 254 4.20 17.97 -12.63
CA SER B 254 5.35 17.12 -12.33
C SER B 254 5.31 16.52 -10.93
N ALA B 255 4.73 17.25 -10.00
CA ALA B 255 4.67 16.73 -8.64
C ALA B 255 3.65 17.43 -7.75
N VAL B 256 3.54 16.93 -6.53
CA VAL B 256 2.62 17.49 -5.55
C VAL B 256 3.37 17.66 -4.24
N ILE B 257 3.40 18.89 -3.74
CA ILE B 257 4.07 19.14 -2.47
C ILE B 257 3.12 19.82 -1.48
N VAL B 258 3.09 19.30 -0.27
CA VAL B 258 2.22 19.83 0.80
C VAL B 258 2.92 19.89 2.15
N GLY B 259 2.33 20.67 3.06
CA GLY B 259 2.88 20.79 4.40
C GLY B 259 2.24 19.72 5.25
N ALA B 260 2.19 19.91 6.56
CA ALA B 260 1.56 18.94 7.44
C ALA B 260 1.22 19.52 8.81
N ASP B 261 0.24 18.93 9.49
CA ASP B 261 -0.16 19.41 10.82
C ASP B 261 0.33 18.43 11.87
N ARG B 262 0.61 17.23 11.42
CA ARG B 262 1.13 16.20 12.29
C ARG B 262 1.53 14.99 11.49
N ILE B 263 2.74 14.52 11.76
CA ILE B 263 3.26 13.34 11.11
C ILE B 263 3.42 12.30 12.21
N ALA B 264 2.84 11.12 11.99
CA ALA B 264 2.94 10.02 12.97
C ALA B 264 4.33 9.39 12.89
N LYS B 265 4.69 8.62 13.90
CA LYS B 265 6.00 7.97 13.94
C LYS B 265 6.28 7.10 12.72
N ASN B 266 5.24 6.78 11.96
CA ASN B 266 5.39 5.91 10.79
C ASN B 266 5.32 6.62 9.44
N GLY B 267 5.08 7.93 9.44
CA GLY B 267 5.01 8.68 8.19
C GLY B 267 3.61 9.14 7.85
N ASP B 268 2.61 8.56 8.51
CA ASP B 268 1.22 8.94 8.29
C ASP B 268 1.10 10.44 8.57
N THR B 269 0.66 11.20 7.59
CA THR B 269 0.54 12.63 7.76
C THR B 269 -0.89 13.16 7.74
N ALA B 270 -1.26 13.84 8.82
CA ALA B 270 -2.56 14.45 8.92
C ALA B 270 -2.28 15.85 8.43
N ASN B 271 -3.02 16.28 7.41
CA ASN B 271 -2.83 17.59 6.83
C ASN B 271 -4.21 18.09 6.43
N LYS B 272 -4.27 19.24 5.78
CA LYS B 272 -5.56 19.81 5.38
C LYS B 272 -6.41 18.78 4.66
N ILE B 273 -7.71 18.83 4.89
CA ILE B 273 -8.63 17.91 4.23
C ILE B 273 -8.48 18.11 2.72
N GLY B 274 -8.32 17.00 2.01
CA GLY B 274 -8.14 17.06 0.58
C GLY B 274 -6.80 16.44 0.23
N THR B 275 -5.80 16.69 1.08
CA THR B 275 -4.45 16.16 0.88
C THR B 275 -4.46 14.65 0.60
N TYR B 276 -5.25 13.92 1.39
CA TYR B 276 -5.35 12.48 1.23
C TYR B 276 -5.90 12.12 -0.14
N GLY B 277 -6.82 12.94 -0.66
CA GLY B 277 -7.40 12.68 -1.97
C GLY B 277 -6.38 12.99 -3.06
N LEU B 278 -5.53 13.98 -2.78
CA LEU B 278 -4.50 14.39 -3.73
C LEU B 278 -3.40 13.32 -3.82
N ALA B 279 -3.04 12.76 -2.65
CA ALA B 279 -2.00 11.74 -2.59
C ALA B 279 -2.42 10.49 -3.35
N ILE B 280 -3.68 10.10 -3.22
CA ILE B 280 -4.17 8.92 -3.94
C ILE B 280 -4.23 9.25 -5.42
N LEU B 281 -4.51 10.50 -5.73
CA LEU B 281 -4.59 10.94 -7.11
C LEU B 281 -3.18 10.95 -7.72
N ALA B 282 -2.21 11.42 -6.95
CA ALA B 282 -0.85 11.50 -7.43
C ALA B 282 -0.32 10.11 -7.78
N ASN B 283 -0.57 9.15 -6.89
CA ASN B 283 -0.11 7.79 -7.12
C ASN B 283 -0.71 7.21 -8.40
N ALA B 284 -2.00 7.45 -8.62
CA ALA B 284 -2.68 6.96 -9.80
C ALA B 284 -2.01 7.48 -11.07
N PHE B 285 -1.63 8.74 -11.04
CA PHE B 285 -0.96 9.37 -12.18
C PHE B 285 0.55 9.16 -12.06
N ASP B 286 0.92 8.41 -11.03
CA ASP B 286 2.32 8.13 -10.72
C ASP B 286 3.13 9.42 -10.68
N ILE B 287 2.60 10.41 -9.98
CA ILE B 287 3.28 11.67 -9.80
C ILE B 287 3.75 11.65 -8.34
N PRO B 288 5.05 11.90 -8.11
CA PRO B 288 5.55 11.87 -6.73
C PRO B 288 4.81 12.84 -5.82
N PHE B 289 4.55 12.40 -4.60
CA PHE B 289 3.83 13.21 -3.62
C PHE B 289 4.84 13.55 -2.53
N PHE B 290 5.03 14.83 -2.26
CA PHE B 290 5.99 15.26 -1.24
C PHE B 290 5.39 16.06 -0.09
N VAL B 291 5.84 15.74 1.11
CA VAL B 291 5.40 16.43 2.33
C VAL B 291 6.60 17.14 2.94
N ALA B 292 6.42 18.42 3.26
CA ALA B 292 7.48 19.22 3.85
C ALA B 292 7.01 19.75 5.19
N ALA B 293 7.83 19.57 6.22
CA ALA B 293 7.48 20.03 7.55
C ALA B 293 8.67 19.84 8.48
N PRO B 294 8.88 20.78 9.40
CA PRO B 294 10.00 20.68 10.34
C PRO B 294 9.77 19.62 11.40
N LEU B 295 10.80 19.32 12.17
CA LEU B 295 10.72 18.33 13.23
C LEU B 295 9.60 18.64 14.24
N SER B 296 9.40 19.93 14.50
CA SER B 296 8.36 20.38 15.46
C SER B 296 6.96 19.89 15.13
N THR B 297 6.74 19.45 13.89
CA THR B 297 5.43 18.97 13.48
C THR B 297 5.33 17.44 13.54
N PHE B 298 6.44 16.80 13.93
CA PHE B 298 6.47 15.35 14.05
C PHE B 298 5.97 14.93 15.44
N ASP B 299 5.35 13.77 15.51
CA ASP B 299 4.80 13.25 16.75
C ASP B 299 5.31 11.82 16.87
N THR B 300 6.41 11.63 17.57
CA THR B 300 6.98 10.29 17.71
C THR B 300 6.22 9.38 18.67
N LYS B 301 5.30 9.92 19.44
CA LYS B 301 4.57 9.06 20.36
C LYS B 301 3.25 8.55 19.81
N VAL B 302 2.85 9.04 18.63
CA VAL B 302 1.63 8.56 18.02
C VAL B 302 2.11 7.53 17.03
N LYS B 303 1.68 6.29 17.21
CA LYS B 303 2.11 5.20 16.36
C LYS B 303 1.73 5.31 14.88
N CYS B 304 0.48 5.64 14.61
CA CYS B 304 0.03 5.78 13.22
C CYS B 304 -0.99 6.90 13.07
N GLY B 305 -1.29 7.24 11.82
CA GLY B 305 -2.25 8.30 11.56
C GLY B 305 -3.61 8.05 12.18
N ALA B 306 -3.99 6.79 12.27
CA ALA B 306 -5.29 6.41 12.83
C ALA B 306 -5.51 6.93 14.25
N ASP B 307 -4.42 7.22 14.97
CA ASP B 307 -4.52 7.74 16.34
C ASP B 307 -4.44 9.26 16.42
N ILE B 308 -4.38 9.91 15.26
CA ILE B 308 -4.31 11.36 15.23
C ILE B 308 -5.70 11.98 15.29
N PRO B 309 -5.93 12.85 16.27
CA PRO B 309 -7.23 13.51 16.41
C PRO B 309 -7.53 14.38 15.20
N ILE B 310 -8.68 14.15 14.58
CA ILE B 310 -9.08 14.92 13.42
C ILE B 310 -10.15 15.90 13.87
N GLU B 311 -9.85 17.19 13.73
CA GLU B 311 -10.78 18.25 14.09
C GLU B 311 -11.92 18.38 13.08
N GLU B 312 -13.13 18.57 13.60
CA GLU B 312 -14.34 18.76 12.81
C GLU B 312 -14.86 20.13 13.24
N ARG B 313 -14.89 21.05 12.29
CA ARG B 313 -15.31 22.40 12.60
C ARG B 313 -16.77 22.75 12.33
N ASP B 314 -17.16 23.90 12.85
CA ASP B 314 -18.52 24.44 12.69
C ASP B 314 -19.02 24.09 11.29
N PRO B 315 -20.19 23.45 11.19
CA PRO B 315 -20.76 23.08 9.90
C PRO B 315 -21.07 24.21 8.92
N GLU B 316 -21.42 25.39 9.43
CA GLU B 316 -21.75 26.53 8.56
C GLU B 316 -20.61 26.91 7.63
N GLU B 317 -19.46 26.32 7.88
CA GLU B 317 -18.27 26.54 7.08
C GLU B 317 -18.61 26.08 5.65
N VAL B 318 -19.21 24.90 5.56
CA VAL B 318 -19.58 24.29 4.29
C VAL B 318 -20.89 24.82 3.69
N ARG B 319 -21.78 25.33 4.53
CA ARG B 319 -23.07 25.84 4.07
C ARG B 319 -22.99 27.25 3.54
N GLN B 320 -21.97 27.97 3.97
CA GLN B 320 -21.80 29.34 3.56
C GLN B 320 -20.37 29.61 3.17
N ILE B 321 -20.13 30.82 2.68
CA ILE B 321 -18.81 31.26 2.31
C ILE B 321 -18.78 32.77 2.37
N SER B 322 -17.61 33.28 2.74
CA SER B 322 -17.36 34.70 2.85
C SER B 322 -18.60 35.56 3.03
N GLY B 323 -19.60 35.04 3.76
CA GLY B 323 -20.78 35.85 3.98
C GLY B 323 -22.17 35.28 3.72
N VAL B 324 -22.43 34.76 2.52
CA VAL B 324 -23.77 34.27 2.25
C VAL B 324 -23.97 32.84 1.75
N ARG B 325 -25.25 32.45 1.69
CA ARG B 325 -25.71 31.11 1.30
C ARG B 325 -25.31 30.45 0.00
N THR B 326 -24.93 29.18 0.15
CA THR B 326 -24.55 28.33 -0.95
C THR B 326 -25.21 26.97 -0.73
N ALA B 327 -26.00 26.88 0.34
CA ALA B 327 -26.73 25.64 0.66
C ALA B 327 -27.92 25.92 1.57
N PRO B 328 -28.92 25.02 1.56
CA PRO B 328 -30.04 25.29 2.45
C PRO B 328 -29.56 25.33 3.91
N SER B 329 -30.22 26.13 4.73
CA SER B 329 -29.87 26.31 6.14
C SER B 329 -29.68 25.09 7.03
N ASN B 330 -30.61 24.15 6.95
CA ASN B 330 -30.56 22.98 7.80
C ASN B 330 -29.90 21.73 7.20
N VAL B 331 -29.21 21.87 6.08
CA VAL B 331 -28.61 20.69 5.47
C VAL B 331 -27.52 20.18 6.40
N PRO B 332 -27.48 18.87 6.62
CA PRO B 332 -26.46 18.26 7.49
C PRO B 332 -25.16 18.24 6.71
N VAL B 333 -24.04 18.51 7.37
CA VAL B 333 -22.76 18.50 6.68
C VAL B 333 -21.71 17.73 7.48
N PHE B 334 -20.73 17.18 6.78
CA PHE B 334 -19.65 16.47 7.41
C PHE B 334 -18.49 17.42 7.16
N ASN B 335 -18.03 18.08 8.21
CA ASN B 335 -16.97 19.05 8.04
C ASN B 335 -15.61 18.77 8.67
N PRO B 336 -14.91 17.71 8.22
CA PRO B 336 -13.58 17.42 8.80
C PRO B 336 -12.55 18.39 8.21
N ALA B 337 -11.67 18.93 9.05
CA ALA B 337 -10.66 19.88 8.58
C ALA B 337 -9.33 19.24 8.21
N PHE B 338 -9.24 17.93 8.33
CA PHE B 338 -8.01 17.23 7.98
C PHE B 338 -8.34 15.79 7.62
N ASP B 339 -7.40 15.14 6.94
CA ASP B 339 -7.55 13.74 6.60
C ASP B 339 -6.18 13.13 6.87
N ILE B 340 -6.02 11.85 6.60
CA ILE B 340 -4.74 11.19 6.84
C ILE B 340 -4.19 10.54 5.59
N THR B 341 -2.97 10.93 5.23
CA THR B 341 -2.34 10.36 4.06
C THR B 341 -1.35 9.30 4.54
N PRO B 342 -1.62 8.03 4.19
CA PRO B 342 -0.74 6.92 4.57
C PRO B 342 0.66 7.16 4.03
N HIS B 343 1.67 6.84 4.84
CA HIS B 343 3.07 7.05 4.49
C HIS B 343 3.50 6.35 3.21
N ASP B 344 2.73 5.37 2.79
CA ASP B 344 3.10 4.62 1.61
C ASP B 344 2.77 5.35 0.31
N LEU B 345 1.95 6.38 0.41
CA LEU B 345 1.59 7.17 -0.75
C LEU B 345 2.49 8.41 -0.76
N ILE B 346 3.40 8.46 0.20
CA ILE B 346 4.30 9.59 0.31
C ILE B 346 5.65 9.26 -0.29
N SER B 347 6.03 9.99 -1.33
CA SER B 347 7.29 9.77 -2.02
C SER B 347 8.47 10.33 -1.24
N GLY B 348 8.19 11.25 -0.32
CA GLY B 348 9.25 11.84 0.45
C GLY B 348 8.77 12.94 1.38
N ILE B 349 9.45 13.09 2.51
CA ILE B 349 9.13 14.10 3.51
C ILE B 349 10.37 14.97 3.65
N ILE B 350 10.21 16.28 3.47
CA ILE B 350 11.33 17.20 3.57
C ILE B 350 11.33 17.97 4.88
N THR B 351 12.44 17.89 5.59
CA THR B 351 12.60 18.59 6.86
C THR B 351 13.84 19.47 6.79
N GLU B 352 14.19 20.12 7.90
CA GLU B 352 15.38 20.97 7.93
C GLU B 352 16.64 20.12 7.82
N LYS B 353 16.56 18.89 8.33
CA LYS B 353 17.71 17.98 8.30
C LYS B 353 17.94 17.29 6.96
N GLY B 354 16.93 17.32 6.09
CA GLY B 354 17.06 16.68 4.80
C GLY B 354 15.81 16.01 4.29
N ILE B 355 15.94 15.19 3.25
CA ILE B 355 14.80 14.50 2.67
C ILE B 355 14.76 13.00 2.93
N MET B 356 13.70 12.54 3.60
CA MET B 356 13.56 11.11 3.87
C MET B 356 12.72 10.46 2.76
N THR B 357 12.98 9.19 2.50
CA THR B 357 12.25 8.43 1.47
C THR B 357 11.86 7.03 1.91
N GLY B 358 12.87 6.22 2.24
CA GLY B 358 12.62 4.84 2.65
C GLY B 358 11.73 4.62 3.85
N ASN B 359 12.07 3.62 4.67
CA ASN B 359 11.29 3.30 5.86
C ASN B 359 11.24 4.49 6.81
N TYR B 360 10.08 5.15 6.84
CA TYR B 360 9.90 6.32 7.67
C TYR B 360 10.05 6.08 9.16
N GLU B 361 9.57 4.95 9.66
CA GLU B 361 9.68 4.68 11.10
C GLU B 361 11.14 4.68 11.51
N GLU B 362 11.97 4.10 10.66
CA GLU B 362 13.40 4.01 10.87
C GLU B 362 14.04 5.38 10.66
N GLU B 363 13.54 6.10 9.67
CA GLU B 363 14.03 7.42 9.33
C GLU B 363 13.65 8.46 10.37
N ILE B 364 12.40 8.43 10.83
CA ILE B 364 11.91 9.36 11.84
C ILE B 364 12.79 9.25 13.05
N GLU B 365 13.04 8.01 13.48
CA GLU B 365 13.85 7.76 14.66
C GLU B 365 15.27 8.28 14.50
N GLN B 366 16.02 7.73 13.55
CA GLN B 366 17.39 8.14 13.32
C GLN B 366 17.47 9.67 13.21
N LEU B 367 16.32 10.29 12.95
CA LEU B 367 16.24 11.74 12.80
C LEU B 367 16.25 12.47 14.14
N PHE B 368 15.72 11.83 15.17
CA PHE B 368 15.70 12.44 16.51
C PHE B 368 16.80 11.85 17.39
N LYS B 369 18.04 11.93 16.92
CA LYS B 369 19.18 11.42 17.67
C LYS B 369 19.48 12.34 18.84
N GLY B 370 19.20 13.62 18.66
CA GLY B 370 19.46 14.59 19.71
C GLY B 370 18.47 15.74 19.72
N MET C 22 40.16 -3.15 1.85
CA MET C 22 38.66 -3.20 1.98
C MET C 22 38.20 -4.66 2.02
N THR C 23 38.99 -5.53 1.40
CA THR C 23 38.69 -6.94 1.42
C THR C 23 39.32 -7.39 2.73
N HIS C 24 39.83 -6.41 3.49
CA HIS C 24 40.48 -6.64 4.78
C HIS C 24 39.60 -6.22 5.97
N SER C 25 38.47 -5.55 5.68
CA SER C 25 37.56 -5.09 6.71
C SER C 25 37.18 -6.15 7.74
N PHE C 26 37.25 -7.42 7.35
CA PHE C 26 36.90 -8.47 8.27
C PHE C 26 37.98 -8.59 9.34
N ALA C 27 39.18 -8.12 9.01
CA ALA C 27 40.32 -8.20 9.93
C ALA C 27 40.33 -7.20 11.07
N VAL C 28 39.38 -6.27 11.10
CA VAL C 28 39.31 -5.30 12.19
C VAL C 28 37.94 -5.30 12.84
N PRO C 29 37.89 -5.08 14.16
CA PRO C 29 36.63 -5.06 14.88
C PRO C 29 35.61 -4.06 14.33
N ARG C 30 34.37 -4.53 14.16
CA ARG C 30 33.29 -3.73 13.66
C ARG C 30 32.09 -3.98 14.55
N SER C 31 31.94 -5.23 14.96
CA SER C 31 30.83 -5.63 15.80
C SER C 31 30.75 -4.78 17.06
N VAL C 32 31.84 -4.74 17.82
CA VAL C 32 31.83 -3.99 19.06
C VAL C 32 33.19 -3.50 19.55
N GLU C 33 33.21 -2.27 20.06
CA GLU C 33 34.43 -1.68 20.57
C GLU C 33 34.21 -0.91 21.87
N TRP C 34 35.16 -1.07 22.78
CA TRP C 34 35.14 -0.40 24.08
C TRP C 34 35.74 0.99 23.94
N LYS C 35 35.19 1.95 24.67
CA LYS C 35 35.70 3.31 24.61
C LYS C 35 35.75 3.99 25.96
N GLU C 36 35.90 3.20 27.02
CA GLU C 36 35.98 3.69 28.40
C GLU C 36 34.73 4.43 28.83
N THR C 37 34.25 5.30 27.96
CA THR C 37 33.04 6.09 28.23
C THR C 37 31.80 5.47 27.61
N ALA C 38 31.94 4.84 26.46
CA ALA C 38 30.80 4.24 25.81
C ALA C 38 31.18 2.96 25.07
N ILE C 39 30.16 2.31 24.49
CA ILE C 39 30.37 1.06 23.74
C ILE C 39 29.82 1.27 22.34
N THR C 40 30.68 1.12 21.35
CA THR C 40 30.26 1.30 19.96
C THR C 40 30.02 -0.03 19.27
N ILE C 41 28.85 -0.17 18.67
CA ILE C 41 28.50 -1.40 17.98
C ILE C 41 28.01 -1.07 16.59
N LEU C 42 28.21 -2.02 15.68
CA LEU C 42 27.74 -1.84 14.32
C LEU C 42 26.24 -2.16 14.43
N ASN C 43 25.39 -1.25 13.94
CA ASN C 43 23.95 -1.49 14.00
C ASN C 43 23.61 -2.54 12.97
N GLN C 44 23.76 -3.81 13.33
CA GLN C 44 23.50 -4.88 12.40
C GLN C 44 22.09 -4.96 11.79
N GLN C 45 21.10 -4.38 12.46
CA GLN C 45 19.74 -4.43 11.91
C GLN C 45 19.63 -3.53 10.69
N LYS C 46 20.70 -2.80 10.38
CA LYS C 46 20.69 -1.91 9.23
C LYS C 46 21.43 -2.44 8.00
N LEU C 47 22.14 -3.55 8.15
CA LEU C 47 22.84 -4.13 7.01
C LEU C 47 21.86 -4.81 6.08
N PRO C 48 22.20 -4.93 4.78
CA PRO C 48 23.43 -4.49 4.13
C PRO C 48 23.42 -3.06 3.59
N ASP C 49 22.25 -2.43 3.57
CA ASP C 49 22.12 -1.08 3.03
C ASP C 49 22.97 0.00 3.66
N GLU C 50 22.93 0.11 4.98
CA GLU C 50 23.70 1.13 5.68
C GLU C 50 24.67 0.56 6.70
N THR C 51 25.68 1.34 7.02
CA THR C 51 26.68 0.97 8.01
C THR C 51 26.72 2.08 9.07
N GLU C 52 25.81 2.03 10.03
CA GLU C 52 25.80 3.03 11.07
C GLU C 52 26.37 2.44 12.37
N TYR C 53 27.01 3.27 13.18
CA TYR C 53 27.60 2.82 14.43
C TYR C 53 26.91 3.46 15.62
N LEU C 54 26.39 2.64 16.51
CA LEU C 54 25.68 3.16 17.69
C LEU C 54 26.51 3.13 18.95
N GLU C 55 26.36 4.18 19.76
CA GLU C 55 27.07 4.26 21.03
C GLU C 55 26.15 3.89 22.18
N LEU C 56 26.55 2.88 22.93
CA LEU C 56 25.77 2.39 24.06
C LEU C 56 26.38 2.97 25.32
N THR C 57 25.59 3.69 26.11
CA THR C 57 26.11 4.29 27.32
C THR C 57 25.46 3.74 28.58
N THR C 58 24.40 2.97 28.44
CA THR C 58 23.75 2.43 29.62
C THR C 58 23.40 0.95 29.50
N LYS C 59 23.10 0.35 30.63
CA LYS C 59 22.75 -1.06 30.67
C LYS C 59 21.48 -1.28 29.88
N GLU C 60 20.68 -0.23 29.71
CA GLU C 60 19.44 -0.35 28.96
C GLU C 60 19.74 -0.33 27.45
N ASP C 61 20.77 0.40 27.04
CA ASP C 61 21.14 0.46 25.63
C ASP C 61 21.74 -0.88 25.19
N VAL C 62 22.47 -1.51 26.12
CA VAL C 62 23.12 -2.79 25.85
C VAL C 62 22.06 -3.88 25.77
N PHE C 63 21.14 -3.85 26.73
CA PHE C 63 20.05 -4.80 26.82
C PHE C 63 19.22 -4.76 25.53
N ASP C 64 18.88 -3.55 25.09
CA ASP C 64 18.10 -3.37 23.88
C ASP C 64 18.87 -3.73 22.61
N ALA C 65 20.16 -3.40 22.58
CA ALA C 65 20.99 -3.70 21.42
C ALA C 65 20.96 -5.21 21.19
N ILE C 66 21.10 -5.97 22.27
CA ILE C 66 21.07 -7.42 22.19
C ILE C 66 19.69 -7.98 21.88
N VAL C 67 18.69 -7.52 22.62
CA VAL C 67 17.33 -8.01 22.42
C VAL C 67 16.80 -7.76 21.02
N THR C 68 17.19 -6.62 20.44
CA THR C 68 16.75 -6.22 19.11
C THR C 68 17.60 -6.73 17.94
N LEU C 69 18.79 -7.22 18.24
CA LEU C 69 19.70 -7.76 17.23
C LEU C 69 20.49 -6.69 16.49
N LYS C 70 20.71 -5.57 17.18
CA LYS C 70 21.52 -4.51 16.59
C LYS C 70 22.90 -5.11 16.73
N VAL C 71 22.97 -6.07 17.65
CA VAL C 71 24.16 -6.84 17.96
C VAL C 71 23.68 -8.27 18.13
N ARG C 72 24.36 -9.19 17.46
CA ARG C 72 23.98 -10.60 17.55
C ARG C 72 25.19 -11.46 17.24
N GLY C 73 25.01 -12.77 17.38
CA GLY C 73 26.12 -13.68 17.16
C GLY C 73 26.62 -13.94 18.56
N ALA C 74 26.55 -15.18 19.01
CA ALA C 74 26.96 -15.55 20.36
C ALA C 74 28.20 -14.83 20.92
N PRO C 75 29.34 -14.92 20.21
CA PRO C 75 30.56 -14.27 20.69
C PRO C 75 30.45 -12.76 20.86
N ALA C 76 29.90 -12.09 19.86
CA ALA C 76 29.75 -10.66 19.93
C ALA C 76 28.85 -10.33 21.12
N ILE C 77 27.87 -11.19 21.35
CA ILE C 77 26.92 -10.99 22.44
C ILE C 77 27.60 -11.05 23.80
N GLY C 78 28.41 -12.08 24.01
CA GLY C 78 29.11 -12.21 25.28
C GLY C 78 30.07 -11.08 25.50
N ILE C 79 30.56 -10.49 24.42
CA ILE C 79 31.51 -9.38 24.51
C ILE C 79 30.80 -8.06 24.78
N THR C 80 29.79 -7.76 23.99
CA THR C 80 29.05 -6.53 24.17
C THR C 80 28.49 -6.56 25.59
N ALA C 81 28.04 -7.73 26.02
CA ALA C 81 27.50 -7.90 27.37
C ALA C 81 28.53 -7.60 28.45
N ALA C 82 29.72 -8.16 28.32
CA ALA C 82 30.79 -7.94 29.30
C ALA C 82 31.09 -6.45 29.45
N PHE C 83 31.44 -5.79 28.35
CA PHE C 83 31.74 -4.36 28.39
C PHE C 83 30.55 -3.66 28.99
N GLY C 84 29.36 -4.21 28.71
CA GLY C 84 28.14 -3.64 29.22
C GLY C 84 28.16 -3.61 30.73
N LEU C 85 28.40 -4.77 31.35
CA LEU C 85 28.46 -4.85 32.79
C LEU C 85 29.59 -3.97 33.35
N ALA C 86 30.71 -3.93 32.65
CA ALA C 86 31.86 -3.13 33.10
C ALA C 86 31.55 -1.63 33.11
N LEU C 87 30.87 -1.17 32.07
CA LEU C 87 30.53 0.23 31.96
C LEU C 87 29.50 0.63 33.03
N ALA C 88 28.45 -0.17 33.16
CA ALA C 88 27.39 0.09 34.14
C ALA C 88 27.90 0.00 35.58
N ALA C 89 28.89 -0.86 35.81
CA ALA C 89 29.45 -1.02 37.14
C ALA C 89 30.24 0.21 37.59
N LYS C 90 30.60 1.07 36.64
CA LYS C 90 31.34 2.28 36.96
C LYS C 90 30.45 3.33 37.63
N ASP C 91 29.19 3.38 37.25
CA ASP C 91 28.25 4.35 37.81
C ASP C 91 27.79 3.99 39.21
N ILE C 92 28.11 2.77 39.65
CA ILE C 92 27.70 2.34 40.98
C ILE C 92 28.65 3.00 41.97
N GLU C 93 28.09 3.78 42.91
CA GLU C 93 28.94 4.45 43.88
C GLU C 93 28.72 3.99 45.30
N THR C 94 29.76 3.36 45.84
CA THR C 94 29.76 2.83 47.20
C THR C 94 31.21 2.46 47.48
N ASP C 95 31.57 2.37 48.75
CA ASP C 95 32.93 2.02 49.12
C ASP C 95 32.90 0.65 49.78
N ASN C 96 31.72 0.07 49.84
CA ASN C 96 31.54 -1.24 50.44
C ASN C 96 31.70 -2.30 49.35
N VAL C 97 32.90 -2.83 49.23
CA VAL C 97 33.19 -3.85 48.22
C VAL C 97 32.20 -5.02 48.23
N THR C 98 31.56 -5.25 49.38
CA THR C 98 30.58 -6.33 49.49
C THR C 98 29.29 -5.83 48.87
N GLU C 99 29.00 -4.54 49.11
CA GLU C 99 27.81 -3.91 48.59
C GLU C 99 27.95 -3.79 47.07
N PHE C 100 29.17 -3.50 46.62
CA PHE C 100 29.45 -3.38 45.21
C PHE C 100 29.05 -4.66 44.48
N ARG C 101 29.38 -5.81 45.06
CA ARG C 101 29.03 -7.08 44.43
C ARG C 101 27.52 -7.27 44.38
N ARG C 102 26.85 -6.95 45.48
CA ARG C 102 25.40 -7.07 45.55
C ARG C 102 24.76 -6.32 44.40
N ARG C 103 25.18 -5.07 44.24
CA ARG C 103 24.67 -4.19 43.20
C ARG C 103 25.13 -4.67 41.82
N LEU C 104 26.31 -5.26 41.77
CA LEU C 104 26.86 -5.75 40.53
C LEU C 104 26.04 -6.92 40.00
N GLU C 105 25.53 -7.72 40.93
CA GLU C 105 24.73 -8.90 40.63
C GLU C 105 23.39 -8.63 39.95
N ASP C 106 22.68 -7.60 40.38
CA ASP C 106 21.38 -7.30 39.79
C ASP C 106 21.53 -6.73 38.38
N ILE C 107 22.67 -6.13 38.10
CA ILE C 107 22.90 -5.59 36.77
C ILE C 107 23.20 -6.80 35.90
N LYS C 108 24.03 -7.69 36.42
CA LYS C 108 24.39 -8.90 35.69
C LYS C 108 23.13 -9.70 35.43
N GLN C 109 22.26 -9.75 36.43
CA GLN C 109 20.99 -10.46 36.33
C GLN C 109 20.09 -9.81 35.28
N TYR C 110 20.19 -8.49 35.16
CA TYR C 110 19.40 -7.76 34.19
C TYR C 110 19.88 -8.05 32.77
N LEU C 111 21.16 -7.80 32.51
CA LEU C 111 21.74 -8.03 31.19
C LEU C 111 21.56 -9.47 30.71
N ASN C 112 21.74 -10.43 31.62
CA ASN C 112 21.65 -11.84 31.28
C ASN C 112 20.27 -12.33 30.87
N SER C 113 19.23 -11.54 31.15
CA SER C 113 17.86 -11.94 30.81
C SER C 113 17.49 -11.50 29.39
N SER C 114 18.37 -10.76 28.73
CA SER C 114 18.10 -10.31 27.37
C SER C 114 17.78 -11.49 26.46
N ARG C 115 18.70 -12.44 26.32
CA ARG C 115 18.44 -13.61 25.48
C ARG C 115 18.86 -14.88 26.22
N PRO C 116 18.09 -15.98 26.04
CA PRO C 116 18.33 -17.28 26.69
C PRO C 116 19.28 -18.32 26.11
N THR C 117 19.23 -18.53 24.80
CA THR C 117 20.02 -19.57 24.14
C THR C 117 21.55 -19.48 24.11
N ALA C 118 22.10 -18.39 23.59
CA ALA C 118 23.56 -18.23 23.51
C ALA C 118 24.18 -18.27 24.90
N ILE C 119 25.01 -19.26 25.17
CA ILE C 119 25.61 -19.31 26.49
C ILE C 119 26.69 -18.25 26.71
N ASN C 120 27.33 -17.79 25.64
CA ASN C 120 28.38 -16.79 25.74
C ASN C 120 28.01 -15.56 26.56
N LEU C 121 26.74 -15.21 26.55
CA LEU C 121 26.25 -14.06 27.32
C LEU C 121 26.39 -14.38 28.81
N SER C 122 25.78 -15.48 29.21
CA SER C 122 25.83 -15.93 30.57
C SER C 122 27.28 -16.12 31.00
N TRP C 123 28.05 -16.73 30.11
CA TRP C 123 29.45 -17.01 30.33
C TRP C 123 30.30 -15.77 30.64
N ALA C 124 30.18 -14.74 29.81
CA ALA C 124 30.97 -13.53 29.99
C ALA C 124 30.66 -12.80 31.28
N LEU C 125 29.36 -12.66 31.58
CA LEU C 125 28.93 -11.98 32.80
C LEU C 125 29.37 -12.77 34.03
N GLU C 126 29.24 -14.09 33.95
CA GLU C 126 29.63 -14.98 35.05
C GLU C 126 31.14 -14.94 35.26
N ARG C 127 31.86 -14.63 34.18
CA ARG C 127 33.30 -14.54 34.21
C ARG C 127 33.72 -13.23 34.85
N LEU C 128 33.01 -12.15 34.52
CA LEU C 128 33.31 -10.84 35.08
C LEU C 128 32.96 -10.77 36.57
N SER C 129 31.79 -11.26 36.96
CA SER C 129 31.42 -11.20 38.38
C SER C 129 32.42 -11.98 39.22
N HIS C 130 33.02 -12.98 38.59
CA HIS C 130 34.00 -13.80 39.27
C HIS C 130 35.37 -13.13 39.37
N SER C 131 35.62 -12.14 38.53
CA SER C 131 36.90 -11.44 38.56
C SER C 131 36.93 -10.43 39.72
N VAL C 132 35.77 -10.17 40.31
CA VAL C 132 35.69 -9.24 41.43
C VAL C 132 35.33 -9.98 42.72
N GLU C 133 35.40 -11.30 42.68
CA GLU C 133 35.06 -12.13 43.84
C GLU C 133 36.01 -11.92 45.03
N ASN C 134 37.30 -11.85 44.75
CA ASN C 134 38.29 -11.69 45.80
C ASN C 134 38.85 -10.27 45.93
N ALA C 135 38.17 -9.30 45.34
CA ALA C 135 38.62 -7.91 45.39
C ALA C 135 38.41 -7.30 46.78
N ILE C 136 39.37 -6.48 47.21
CA ILE C 136 39.32 -5.81 48.52
C ILE C 136 38.94 -4.35 48.36
N SER C 137 38.79 -3.90 47.13
CA SER C 137 38.46 -2.51 46.90
C SER C 137 37.44 -2.31 45.81
N VAL C 138 36.68 -1.23 45.93
CA VAL C 138 35.66 -0.90 44.95
C VAL C 138 36.36 -0.47 43.66
N ASN C 139 37.34 0.44 43.78
CA ASN C 139 38.10 0.94 42.64
C ASN C 139 38.75 -0.22 41.91
N GLU C 140 39.25 -1.17 42.69
CA GLU C 140 39.91 -2.33 42.14
C GLU C 140 38.92 -3.22 41.39
N ALA C 141 37.80 -3.53 42.04
CA ALA C 141 36.77 -4.38 41.46
C ALA C 141 36.29 -3.82 40.12
N LYS C 142 36.18 -2.50 40.03
CA LYS C 142 35.75 -1.87 38.80
C LYS C 142 36.80 -2.13 37.73
N THR C 143 38.05 -1.84 38.05
CA THR C 143 39.15 -2.06 37.13
C THR C 143 39.24 -3.53 36.70
N ASN C 144 38.90 -4.44 37.61
CA ASN C 144 38.94 -5.85 37.27
C ASN C 144 37.92 -6.08 36.17
N LEU C 145 36.73 -5.49 36.35
CA LEU C 145 35.69 -5.65 35.36
C LEU C 145 36.09 -5.16 33.97
N VAL C 146 36.63 -3.95 33.86
CA VAL C 146 37.02 -3.45 32.55
C VAL C 146 38.13 -4.30 31.92
N HIS C 147 39.13 -4.67 32.73
CA HIS C 147 40.25 -5.49 32.27
C HIS C 147 39.82 -6.90 31.83
N GLU C 148 38.81 -7.43 32.51
CA GLU C 148 38.32 -8.78 32.23
C GLU C 148 37.45 -8.84 30.97
N ALA C 149 36.72 -7.77 30.68
CA ALA C 149 35.88 -7.76 29.48
C ALA C 149 36.76 -7.58 28.25
N ILE C 150 37.81 -6.77 28.38
CA ILE C 150 38.73 -6.58 27.26
C ILE C 150 39.46 -7.89 27.00
N GLN C 151 39.84 -8.59 28.07
CA GLN C 151 40.52 -9.86 27.89
C GLN C 151 39.63 -10.81 27.12
N ILE C 152 38.32 -10.75 27.36
CA ILE C 152 37.39 -11.61 26.64
C ILE C 152 37.49 -11.35 25.15
N GLN C 153 37.36 -10.09 24.75
CA GLN C 153 37.44 -9.71 23.34
C GLN C 153 38.74 -10.17 22.68
N VAL C 154 39.86 -9.80 23.29
CA VAL C 154 41.17 -10.17 22.76
C VAL C 154 41.33 -11.70 22.62
N GLU C 155 40.85 -12.46 23.60
CA GLU C 155 40.96 -13.92 23.48
C GLU C 155 40.09 -14.43 22.31
N ASP C 156 38.90 -13.86 22.16
CA ASP C 156 37.98 -14.27 21.09
C ASP C 156 38.65 -14.13 19.72
N GLU C 157 39.40 -13.05 19.55
CA GLU C 157 40.09 -12.80 18.28
C GLU C 157 41.06 -13.93 17.98
N GLU C 158 41.86 -14.29 18.98
CA GLU C 158 42.84 -15.34 18.82
C GLU C 158 42.17 -16.69 18.57
N THR C 159 41.02 -16.93 19.20
CA THR C 159 40.31 -18.19 18.99
C THR C 159 39.73 -18.23 17.57
N CYS C 160 39.21 -17.11 17.08
CA CYS C 160 38.66 -17.10 15.73
C CYS C 160 39.76 -17.38 14.72
N ARG C 161 40.97 -16.87 14.98
CA ARG C 161 42.09 -17.12 14.07
C ARG C 161 42.37 -18.63 14.02
N LEU C 162 42.49 -19.25 15.19
CA LEU C 162 42.78 -20.67 15.28
C LEU C 162 41.68 -21.55 14.69
N ILE C 163 40.45 -21.13 14.86
CA ILE C 163 39.31 -21.85 14.33
C ILE C 163 39.33 -21.80 12.81
N GLY C 164 39.64 -20.64 12.27
CA GLY C 164 39.68 -20.49 10.82
C GLY C 164 40.80 -21.30 10.23
N GLN C 165 41.91 -21.35 10.95
CA GLN C 165 43.10 -22.07 10.53
C GLN C 165 42.93 -23.59 10.62
N ASN C 166 42.16 -24.06 11.60
CA ASN C 166 41.96 -25.50 11.75
C ASN C 166 40.83 -26.07 10.90
N ALA C 167 39.79 -25.30 10.69
CA ALA C 167 38.68 -25.79 9.87
C ALA C 167 39.11 -25.87 8.41
N LEU C 168 40.09 -25.06 8.03
CA LEU C 168 40.54 -25.03 6.64
C LEU C 168 41.11 -26.35 6.16
N GLN C 169 41.73 -27.13 7.04
CA GLN C 169 42.29 -28.39 6.60
C GLN C 169 41.21 -29.38 6.24
N LEU C 170 39.96 -29.03 6.51
CA LEU C 170 38.83 -29.88 6.18
C LEU C 170 38.46 -29.77 4.72
N PHE C 171 38.90 -28.68 4.07
CA PHE C 171 38.55 -28.44 2.69
C PHE C 171 39.69 -28.48 1.67
N LYS C 172 39.32 -28.49 0.40
CA LYS C 172 40.29 -28.50 -0.68
C LYS C 172 39.86 -27.56 -1.79
N LYS C 173 40.81 -27.22 -2.67
CA LYS C 173 40.55 -26.32 -3.78
C LYS C 173 39.29 -26.68 -4.56
N GLY C 174 38.49 -25.66 -4.85
CA GLY C 174 37.31 -25.89 -5.65
C GLY C 174 36.07 -26.46 -4.99
N ASP C 175 36.14 -26.92 -3.74
CA ASP C 175 34.91 -27.47 -3.16
C ASP C 175 33.91 -26.40 -2.74
N ARG C 176 32.63 -26.75 -2.80
CA ARG C 176 31.55 -25.85 -2.46
C ARG C 176 30.99 -26.10 -1.05
N ILE C 177 31.01 -25.06 -0.24
CA ILE C 177 30.56 -25.14 1.16
C ILE C 177 29.27 -24.38 1.43
N MET C 178 28.29 -25.06 2.03
CA MET C 178 27.02 -24.42 2.38
C MET C 178 27.09 -23.98 3.84
N THR C 179 26.42 -22.89 4.17
CA THR C 179 26.39 -22.42 5.54
C THR C 179 25.04 -21.79 5.86
N ILE C 180 24.83 -21.42 7.11
CA ILE C 180 23.56 -20.82 7.53
C ILE C 180 23.80 -19.72 8.55
N CYS C 181 22.85 -18.80 8.68
CA CYS C 181 23.00 -17.67 9.58
C CYS C 181 24.26 -16.89 9.20
N ASN C 182 24.88 -16.24 10.20
CA ASN C 182 26.09 -15.45 9.96
C ASN C 182 27.11 -15.57 11.08
N ALA C 183 27.98 -16.56 10.98
CA ALA C 183 29.02 -16.78 11.97
C ALA C 183 30.34 -16.21 11.42
N GLY C 184 30.36 -14.89 11.25
CA GLY C 184 31.53 -14.22 10.70
C GLY C 184 32.16 -13.11 11.52
N SER C 185 32.91 -12.26 10.83
CA SER C 185 33.67 -11.16 11.43
C SER C 185 32.90 -10.18 12.29
N ILE C 186 31.62 -9.99 12.01
CA ILE C 186 30.83 -9.06 12.80
C ILE C 186 29.99 -9.72 13.89
N ALA C 187 30.01 -11.05 13.95
CA ALA C 187 29.23 -11.76 14.97
C ALA C 187 30.18 -12.26 16.07
N THR C 188 31.41 -11.76 16.02
CA THR C 188 32.47 -12.12 16.96
C THR C 188 33.35 -10.87 17.02
N SER C 189 34.44 -10.91 17.79
CA SER C 189 35.34 -9.75 17.85
C SER C 189 35.71 -9.32 16.43
N ARG C 190 36.14 -10.31 15.64
CA ARG C 190 36.52 -10.14 14.24
C ARG C 190 36.95 -11.48 13.67
N TYR C 191 37.15 -11.55 12.36
CA TYR C 191 37.55 -12.79 11.68
C TYR C 191 36.38 -13.78 11.57
N GLY C 192 35.71 -14.06 12.69
CA GLY C 192 34.60 -14.97 12.65
C GLY C 192 34.94 -16.40 13.04
N THR C 193 33.94 -17.28 12.97
CA THR C 193 34.13 -18.68 13.31
C THR C 193 33.87 -19.57 12.10
N ALA C 194 32.61 -19.74 11.70
CA ALA C 194 32.31 -20.59 10.56
C ALA C 194 32.85 -20.03 9.25
N LEU C 195 32.86 -18.70 9.10
CA LEU C 195 33.35 -18.07 7.89
C LEU C 195 34.88 -17.83 7.90
N ALA C 196 35.49 -17.86 9.07
CA ALA C 196 36.94 -17.62 9.17
C ALA C 196 37.76 -18.36 8.12
N PRO C 197 37.49 -19.66 7.91
CA PRO C 197 38.24 -20.46 6.92
C PRO C 197 38.17 -19.89 5.51
N PHE C 198 37.06 -19.24 5.17
CA PHE C 198 36.88 -18.67 3.83
C PHE C 198 37.82 -17.51 3.61
N TYR C 199 37.93 -16.65 4.62
CA TYR C 199 38.81 -15.51 4.52
C TYR C 199 40.26 -16.01 4.40
N LEU C 200 40.58 -17.05 5.17
CA LEU C 200 41.91 -17.64 5.14
C LEU C 200 42.16 -18.33 3.80
N ALA C 201 41.23 -19.18 3.38
CA ALA C 201 41.35 -19.87 2.10
C ALA C 201 41.64 -18.86 1.00
N LYS C 202 41.05 -17.69 1.13
CA LYS C 202 41.23 -16.63 0.14
C LYS C 202 42.67 -16.13 0.09
N GLN C 203 43.28 -15.95 1.26
CA GLN C 203 44.66 -15.46 1.34
C GLN C 203 45.67 -16.46 0.81
N LYS C 204 45.33 -17.74 0.82
CA LYS C 204 46.27 -18.74 0.32
C LYS C 204 45.86 -19.34 -1.02
N ASP C 205 44.87 -18.71 -1.65
CA ASP C 205 44.35 -19.14 -2.95
C ASP C 205 43.86 -20.58 -3.00
N LEU C 206 43.12 -20.99 -1.97
CA LEU C 206 42.54 -22.32 -1.98
C LEU C 206 41.09 -22.03 -2.41
N GLY C 207 40.86 -22.05 -3.73
CA GLY C 207 39.55 -21.77 -4.27
C GLY C 207 38.39 -22.34 -3.50
N LEU C 208 37.43 -21.49 -3.14
CA LEU C 208 36.24 -21.92 -2.41
C LEU C 208 35.01 -21.21 -2.93
N HIS C 209 33.90 -21.95 -3.01
CA HIS C 209 32.62 -21.41 -3.46
C HIS C 209 31.65 -21.65 -2.34
N ILE C 210 31.15 -20.57 -1.74
CA ILE C 210 30.25 -20.66 -0.63
C ILE C 210 28.79 -20.34 -0.97
N TYR C 211 27.90 -21.22 -0.53
CA TYR C 211 26.49 -21.04 -0.76
C TYR C 211 25.86 -20.67 0.57
N ALA C 212 25.25 -19.48 0.63
CA ALA C 212 24.64 -19.02 1.86
C ALA C 212 23.11 -18.99 1.85
N CYS C 213 22.51 -19.67 2.81
CA CYS C 213 21.06 -19.70 2.95
C CYS C 213 20.72 -18.34 3.58
N GLU C 214 19.80 -17.59 2.98
CA GLU C 214 19.47 -16.27 3.51
C GLU C 214 19.14 -16.30 5.00
N THR C 215 18.70 -17.45 5.49
CA THR C 215 18.41 -17.62 6.90
C THR C 215 17.23 -16.82 7.43
N ARG C 216 16.03 -17.12 6.96
CA ARG C 216 14.84 -16.42 7.45
C ARG C 216 14.68 -16.71 8.94
N PRO C 217 13.88 -15.90 9.66
CA PRO C 217 13.17 -14.74 9.15
C PRO C 217 13.96 -13.43 9.24
N VAL C 218 14.95 -13.40 10.11
CA VAL C 218 15.76 -12.19 10.27
C VAL C 218 16.71 -11.93 9.11
N LEU C 219 17.02 -12.98 8.36
CA LEU C 219 17.89 -12.88 7.19
C LEU C 219 19.36 -12.54 7.45
N GLN C 220 19.95 -13.18 8.46
CA GLN C 220 21.36 -12.95 8.76
C GLN C 220 22.28 -13.34 7.60
N GLY C 221 21.97 -14.45 6.93
CA GLY C 221 22.81 -14.90 5.82
C GLY C 221 22.73 -13.98 4.62
N SER C 222 21.52 -13.52 4.35
CA SER C 222 21.25 -12.63 3.23
C SER C 222 21.72 -11.19 3.46
N ARG C 223 21.43 -10.65 4.64
CA ARG C 223 21.79 -9.28 4.99
C ARG C 223 23.21 -9.08 5.54
N LEU C 224 23.70 -10.08 6.27
CA LEU C 224 25.02 -9.98 6.90
C LEU C 224 26.10 -10.84 6.27
N THR C 225 25.77 -12.11 6.07
CA THR C 225 26.69 -13.08 5.49
C THR C 225 27.04 -12.76 4.05
N ALA C 226 26.02 -12.50 3.23
CA ALA C 226 26.25 -12.17 1.83
C ALA C 226 27.00 -10.85 1.75
N TRP C 227 26.74 -9.98 2.73
CA TRP C 227 27.37 -8.67 2.81
C TRP C 227 28.87 -8.64 3.12
N GLU C 228 29.28 -9.29 4.21
CA GLU C 228 30.69 -9.28 4.56
C GLU C 228 31.55 -10.12 3.61
N LEU C 229 30.97 -11.21 3.10
CA LEU C 229 31.68 -12.07 2.18
C LEU C 229 31.99 -11.34 0.88
N MET C 230 31.00 -10.65 0.32
CA MET C 230 31.25 -9.92 -0.92
C MET C 230 32.27 -8.81 -0.69
N GLN C 231 32.25 -8.21 0.49
CA GLN C 231 33.22 -7.16 0.81
C GLN C 231 34.59 -7.82 0.76
N GLY C 232 34.66 -8.97 1.43
CA GLY C 232 35.91 -9.70 1.50
C GLY C 232 36.35 -10.30 0.19
N GLY C 233 35.50 -10.24 -0.83
CA GLY C 233 35.86 -10.79 -2.12
C GLY C 233 35.78 -12.31 -2.16
N ILE C 234 34.91 -12.90 -1.35
CA ILE C 234 34.77 -14.34 -1.33
C ILE C 234 33.66 -14.73 -2.30
N ASP C 235 33.82 -15.88 -2.94
CA ASP C 235 32.84 -16.36 -3.90
C ASP C 235 31.62 -16.92 -3.18
N VAL C 236 30.62 -16.07 -3.00
CA VAL C 236 29.40 -16.45 -2.32
C VAL C 236 28.20 -16.37 -3.26
N THR C 237 27.31 -17.34 -3.13
CA THR C 237 26.10 -17.37 -3.94
C THR C 237 24.95 -17.39 -2.94
N LEU C 238 23.92 -16.61 -3.23
CA LEU C 238 22.77 -16.53 -2.33
C LEU C 238 21.63 -17.45 -2.76
N ILE C 239 21.06 -18.17 -1.79
CA ILE C 239 19.92 -19.06 -2.02
C ILE C 239 18.97 -18.95 -0.84
N THR C 240 17.72 -19.36 -1.03
CA THR C 240 16.77 -19.31 0.09
C THR C 240 16.98 -20.62 0.81
N ASP C 241 16.48 -20.70 2.04
CA ASP C 241 16.65 -21.89 2.85
C ASP C 241 15.98 -23.14 2.30
N SER C 242 14.80 -22.99 1.71
CA SER C 242 14.07 -24.12 1.16
C SER C 242 14.80 -24.74 -0.04
N MET C 243 15.85 -24.06 -0.50
CA MET C 243 16.62 -24.57 -1.64
C MET C 243 17.78 -25.50 -1.27
N ALA C 244 18.09 -25.62 0.02
CA ALA C 244 19.22 -26.46 0.44
C ALA C 244 19.31 -27.84 -0.22
N ALA C 245 18.25 -28.63 -0.10
CA ALA C 245 18.24 -29.97 -0.65
C ALA C 245 18.53 -30.01 -2.13
N HIS C 246 17.75 -29.26 -2.91
CA HIS C 246 17.97 -29.24 -4.34
C HIS C 246 19.35 -28.72 -4.73
N THR C 247 19.89 -27.80 -3.93
CA THR C 247 21.20 -27.23 -4.20
C THR C 247 22.31 -28.24 -3.87
N MET C 248 22.23 -28.86 -2.69
CA MET C 248 23.24 -29.83 -2.29
C MET C 248 23.38 -30.90 -3.35
N LYS C 249 22.27 -31.15 -4.03
CA LYS C 249 22.21 -32.14 -5.07
C LYS C 249 22.77 -31.63 -6.40
N GLU C 250 22.16 -30.59 -6.94
CA GLU C 250 22.61 -30.04 -8.21
C GLU C 250 24.00 -29.38 -8.16
N LYS C 251 24.30 -28.70 -7.06
CA LYS C 251 25.60 -28.05 -6.90
C LYS C 251 26.69 -29.00 -6.38
N GLN C 252 26.29 -30.19 -5.94
CA GLN C 252 27.27 -31.14 -5.42
C GLN C 252 28.06 -30.52 -4.28
N ILE C 253 27.35 -30.01 -3.27
CA ILE C 253 27.98 -29.38 -2.13
C ILE C 253 28.98 -30.32 -1.47
N SER C 254 30.18 -29.82 -1.25
CA SER C 254 31.24 -30.60 -0.65
C SER C 254 31.07 -30.78 0.86
N ALA C 255 30.50 -29.78 1.51
CA ALA C 255 30.32 -29.85 2.95
C ALA C 255 29.44 -28.73 3.48
N VAL C 256 29.05 -28.85 4.74
CA VAL C 256 28.25 -27.84 5.42
C VAL C 256 28.98 -27.42 6.69
N ILE C 257 29.16 -26.11 6.87
CA ILE C 257 29.83 -25.61 8.06
C ILE C 257 28.98 -24.49 8.66
N VAL C 258 28.76 -24.56 9.97
CA VAL C 258 27.96 -23.59 10.68
C VAL C 258 28.59 -23.23 12.04
N GLY C 259 28.17 -22.10 12.60
CA GLY C 259 28.67 -21.70 13.90
C GLY C 259 27.81 -22.34 14.97
N ALA C 260 27.76 -21.77 16.17
CA ALA C 260 26.94 -22.35 17.22
C ALA C 260 26.67 -21.37 18.35
N ASP C 261 25.46 -21.46 18.89
CA ASP C 261 25.03 -20.62 20.01
C ASP C 261 25.33 -21.30 21.33
N ARG C 262 25.27 -22.63 21.33
CA ARG C 262 25.54 -23.40 22.52
C ARG C 262 25.76 -24.86 22.22
N ILE C 263 26.89 -25.39 22.68
CA ILE C 263 27.19 -26.80 22.49
C ILE C 263 27.11 -27.48 23.84
N ALA C 264 26.21 -28.45 23.93
CA ALA C 264 26.04 -29.20 25.18
C ALA C 264 27.25 -30.09 25.39
N LYS C 265 27.51 -30.41 26.65
CA LYS C 265 28.64 -31.24 27.03
C LYS C 265 28.56 -32.53 26.21
N ASN C 266 27.40 -32.68 25.60
CA ASN C 266 27.05 -33.81 24.76
C ASN C 266 27.62 -33.66 23.35
N GLY C 267 27.67 -32.42 22.88
CA GLY C 267 28.13 -32.15 21.54
C GLY C 267 26.91 -31.70 20.74
N ASP C 268 25.72 -31.89 21.30
CA ASP C 268 24.50 -31.48 20.63
C ASP C 268 24.62 -29.98 20.41
N THR C 269 24.30 -29.54 19.20
CA THR C 269 24.44 -28.13 18.92
C THR C 269 23.16 -27.33 18.83
N ALA C 270 23.11 -26.25 19.59
CA ALA C 270 21.98 -25.34 19.57
C ALA C 270 22.52 -24.27 18.65
N ASN C 271 21.82 -24.02 17.56
CA ASN C 271 22.25 -23.03 16.60
C ASN C 271 21.01 -22.44 15.95
N LYS C 272 21.21 -21.42 15.12
CA LYS C 272 20.12 -20.75 14.41
C LYS C 272 19.12 -21.72 13.80
N ILE C 273 17.83 -21.39 13.94
CA ILE C 273 16.72 -22.20 13.40
C ILE C 273 17.02 -22.51 11.95
N GLY C 274 16.90 -23.78 11.58
CA GLY C 274 17.19 -24.20 10.23
C GLY C 274 18.42 -25.08 10.20
N THR C 275 19.32 -24.89 11.16
CA THR C 275 20.56 -25.69 11.21
C THR C 275 20.29 -27.19 11.35
N TYR C 276 19.26 -27.53 12.10
CA TYR C 276 18.91 -28.93 12.32
C TYR C 276 18.54 -29.68 11.03
N GLY C 277 17.67 -29.08 10.23
CA GLY C 277 17.28 -29.71 8.98
C GLY C 277 18.46 -29.80 8.05
N LEU C 278 19.26 -28.74 8.01
CA LEU C 278 20.44 -28.70 7.16
C LEU C 278 21.32 -29.91 7.48
N ALA C 279 21.43 -30.23 8.77
CA ALA C 279 22.20 -31.36 9.23
C ALA C 279 21.52 -32.67 8.80
N ILE C 280 20.19 -32.67 8.80
CA ILE C 280 19.44 -33.87 8.41
C ILE C 280 19.58 -34.09 6.91
N LEU C 281 19.60 -33.00 6.17
CA LEU C 281 19.75 -33.05 4.72
C LEU C 281 21.17 -33.46 4.34
N ALA C 282 22.16 -32.82 4.95
CA ALA C 282 23.56 -33.13 4.65
C ALA C 282 23.84 -34.62 4.85
N ASN C 283 23.27 -35.20 5.90
CA ASN C 283 23.45 -36.60 6.19
C ASN C 283 22.81 -37.47 5.11
N ALA C 284 21.68 -37.04 4.58
CA ALA C 284 21.00 -37.80 3.53
C ALA C 284 21.87 -37.85 2.29
N PHE C 285 22.55 -36.75 1.99
CA PHE C 285 23.42 -36.70 0.83
C PHE C 285 24.83 -37.14 1.18
N ASP C 286 25.02 -37.60 2.40
CA ASP C 286 26.32 -38.04 2.87
C ASP C 286 27.37 -36.95 2.64
N ILE C 287 27.01 -35.73 3.02
CA ILE C 287 27.87 -34.58 2.91
C ILE C 287 28.24 -34.22 4.35
N PRO C 288 29.54 -34.23 4.67
CA PRO C 288 29.99 -33.91 6.04
C PRO C 288 29.41 -32.60 6.58
N PHE C 289 29.03 -32.62 7.85
CA PHE C 289 28.43 -31.48 8.53
C PHE C 289 29.36 -31.03 9.65
N PHE C 290 29.81 -29.78 9.61
CA PHE C 290 30.72 -29.27 10.63
C PHE C 290 30.21 -28.10 11.44
N VAL C 291 30.67 -28.06 12.69
CA VAL C 291 30.30 -26.99 13.61
C VAL C 291 31.58 -26.31 14.06
N ALA C 292 31.63 -24.98 13.96
CA ALA C 292 32.81 -24.21 14.34
C ALA C 292 32.45 -23.29 15.48
N ALA C 293 33.12 -23.46 16.61
CA ALA C 293 32.83 -22.64 17.77
C ALA C 293 33.96 -22.56 18.80
N PRO C 294 34.08 -21.41 19.46
CA PRO C 294 35.12 -21.22 20.47
C PRO C 294 34.70 -21.93 21.76
N LEU C 295 35.69 -22.40 22.52
CA LEU C 295 35.43 -23.11 23.77
C LEU C 295 34.40 -22.39 24.65
N SER C 296 34.36 -21.06 24.59
CA SER C 296 33.42 -20.29 25.39
C SER C 296 31.98 -20.51 24.96
N THR C 297 31.78 -21.31 23.92
CA THR C 297 30.43 -21.58 23.42
C THR C 297 29.96 -22.96 23.88
N PHE C 298 30.75 -23.59 24.71
CA PHE C 298 30.41 -24.89 25.23
C PHE C 298 29.80 -24.71 26.61
N ASP C 299 28.71 -25.43 26.87
CA ASP C 299 28.03 -25.37 28.15
C ASP C 299 27.99 -26.78 28.75
N THR C 300 28.92 -27.06 29.65
CA THR C 300 29.00 -28.36 30.28
C THR C 300 27.93 -28.61 31.35
N LYS C 301 27.30 -27.55 31.86
CA LYS C 301 26.28 -27.77 32.87
C LYS C 301 25.11 -28.42 32.17
N VAL C 302 25.14 -28.40 30.85
CA VAL C 302 24.10 -28.99 30.05
C VAL C 302 24.59 -30.37 29.64
N LYS C 303 23.70 -31.36 29.73
CA LYS C 303 24.07 -32.73 29.42
C LYS C 303 23.86 -33.06 27.97
N CYS C 304 22.81 -32.51 27.38
CA CYS C 304 22.49 -32.79 25.99
C CYS C 304 21.69 -31.63 25.44
N GLY C 305 21.51 -31.63 24.12
CA GLY C 305 20.76 -30.58 23.49
C GLY C 305 19.38 -30.43 24.09
N ALA C 306 18.84 -31.53 24.61
CA ALA C 306 17.50 -31.51 25.21
C ALA C 306 17.31 -30.55 26.38
N ASP C 307 18.40 -30.13 27.03
CA ASP C 307 18.29 -29.20 28.16
C ASP C 307 18.39 -27.74 27.74
N ILE C 308 18.81 -27.51 26.50
CA ILE C 308 18.97 -26.16 25.99
C ILE C 308 17.68 -25.43 25.68
N PRO C 309 17.39 -24.35 26.42
CA PRO C 309 16.16 -23.59 26.18
C PRO C 309 16.23 -22.86 24.85
N ILE C 310 15.12 -22.88 24.11
CA ILE C 310 15.03 -22.27 22.80
C ILE C 310 14.21 -20.99 22.79
N GLU C 311 14.85 -19.91 22.37
CA GLU C 311 14.20 -18.62 22.31
C GLU C 311 13.23 -18.51 21.15
N GLU C 312 11.99 -18.15 21.46
CA GLU C 312 10.99 -17.96 20.43
C GLU C 312 10.80 -16.46 20.41
N ARG C 313 11.00 -15.84 19.24
CA ARG C 313 10.90 -14.40 19.13
C ARG C 313 9.58 -13.89 18.57
N ASP C 314 9.40 -12.58 18.65
CA ASP C 314 8.18 -11.93 18.19
C ASP C 314 7.67 -12.42 16.84
N PRO C 315 6.42 -12.88 16.80
CA PRO C 315 5.76 -13.39 15.58
C PRO C 315 5.85 -12.47 14.38
N GLU C 316 5.98 -11.16 14.62
CA GLU C 316 6.04 -10.21 13.53
C GLU C 316 7.20 -10.48 12.58
N GLU C 317 8.31 -10.97 13.14
CA GLU C 317 9.47 -11.27 12.31
C GLU C 317 9.08 -12.12 11.11
N VAL C 318 8.01 -12.89 11.26
CA VAL C 318 7.54 -13.74 10.18
C VAL C 318 6.43 -13.10 9.36
N ARG C 319 5.60 -12.28 9.99
CA ARG C 319 4.50 -11.62 9.29
C ARG C 319 4.91 -10.46 8.40
N GLN C 320 5.62 -9.49 8.97
CA GLN C 320 6.07 -8.34 8.17
C GLN C 320 7.58 -8.35 8.08
N ILE C 321 8.09 -8.34 6.85
CA ILE C 321 9.52 -8.41 6.55
C ILE C 321 10.16 -7.11 6.03
N SER C 322 11.18 -6.65 6.74
CA SER C 322 11.89 -5.42 6.41
C SER C 322 10.95 -4.23 6.61
N GLY C 323 9.81 -4.51 7.23
CA GLY C 323 8.83 -3.47 7.46
C GLY C 323 7.71 -3.61 6.45
N VAL C 324 7.77 -4.69 5.68
CA VAL C 324 6.76 -4.96 4.66
C VAL C 324 5.97 -6.24 4.94
N ARG C 325 4.65 -6.13 4.91
CA ARG C 325 3.79 -7.29 5.15
C ARG C 325 3.91 -8.37 4.10
N THR C 326 4.02 -9.62 4.56
CA THR C 326 4.13 -10.77 3.67
C THR C 326 3.18 -11.87 4.11
N ALA C 327 2.25 -11.52 4.99
CA ALA C 327 1.26 -12.47 5.47
C ALA C 327 0.12 -11.68 6.08
N PRO C 328 -1.04 -12.31 6.25
CA PRO C 328 -2.16 -11.58 6.84
C PRO C 328 -1.82 -11.29 8.30
N SER C 329 -2.17 -10.11 8.78
CA SER C 329 -1.90 -9.80 10.18
C SER C 329 -2.80 -10.79 10.90
N ASN C 330 -2.40 -11.19 12.10
CA ASN C 330 -3.18 -12.13 12.89
C ASN C 330 -2.96 -13.61 12.63
N VAL C 331 -2.30 -13.97 11.54
CA VAL C 331 -2.12 -15.39 11.32
C VAL C 331 -1.21 -15.91 12.42
N PRO C 332 -1.57 -17.06 13.02
CA PRO C 332 -0.75 -17.64 14.08
C PRO C 332 0.65 -17.92 13.55
N VAL C 333 1.64 -17.82 14.41
CA VAL C 333 3.01 -18.05 14.02
C VAL C 333 3.80 -18.83 15.07
N PHE C 334 4.68 -19.71 14.63
CA PHE C 334 5.55 -20.43 15.52
C PHE C 334 6.90 -19.86 15.10
N ASN C 335 7.52 -19.07 15.96
CA ASN C 335 8.79 -18.44 15.60
C ASN C 335 10.01 -18.79 16.43
N PRO C 336 10.45 -20.05 16.39
CA PRO C 336 11.63 -20.46 17.15
C PRO C 336 12.87 -19.87 16.46
N ALA C 337 13.79 -19.29 17.24
CA ALA C 337 15.00 -18.71 16.65
C ALA C 337 16.17 -19.67 16.64
N PHE C 338 15.96 -20.90 17.15
CA PHE C 338 17.01 -21.91 17.20
C PHE C 338 16.41 -23.31 17.19
N ASP C 339 17.28 -24.29 16.95
CA ASP C 339 16.90 -25.70 16.98
C ASP C 339 18.13 -26.46 17.46
N ILE C 340 18.00 -27.78 17.65
CA ILE C 340 19.13 -28.56 18.13
C ILE C 340 19.52 -29.68 17.18
N THR C 341 20.80 -29.72 16.86
CA THR C 341 21.36 -30.74 15.98
C THR C 341 22.00 -31.82 16.83
N PRO C 342 21.50 -33.06 16.72
CA PRO C 342 22.03 -34.20 17.48
C PRO C 342 23.48 -34.47 17.08
N HIS C 343 24.32 -34.84 18.03
CA HIS C 343 25.72 -35.08 17.72
C HIS C 343 26.03 -36.21 16.74
N ASP C 344 25.15 -37.20 16.60
CA ASP C 344 25.44 -38.27 15.65
C ASP C 344 25.25 -37.81 14.22
N LEU C 345 24.87 -36.55 14.06
CA LEU C 345 24.68 -35.96 12.74
C LEU C 345 25.74 -34.90 12.53
N ILE C 346 26.75 -34.91 13.39
CA ILE C 346 27.82 -33.93 13.27
C ILE C 346 29.15 -34.61 13.01
N SER C 347 29.61 -34.53 11.77
CA SER C 347 30.88 -35.12 11.35
C SER C 347 32.07 -34.54 12.11
N GLY C 348 32.01 -33.25 12.45
CA GLY C 348 33.12 -32.66 13.17
C GLY C 348 32.87 -31.31 13.81
N ILE C 349 33.41 -31.13 15.01
CA ILE C 349 33.29 -29.86 15.71
C ILE C 349 34.69 -29.25 15.76
N ILE C 350 34.80 -28.00 15.34
CA ILE C 350 36.08 -27.31 15.31
C ILE C 350 36.18 -26.28 16.40
N THR C 351 37.28 -26.32 17.15
CA THR C 351 37.53 -25.35 18.21
C THR C 351 38.95 -24.85 18.03
N GLU C 352 39.37 -23.92 18.87
CA GLU C 352 40.71 -23.37 18.78
C GLU C 352 41.72 -24.44 19.12
N LYS C 353 41.27 -25.45 19.84
CA LYS C 353 42.13 -26.56 20.24
C LYS C 353 42.25 -27.59 19.13
N GLY C 354 41.45 -27.43 18.09
CA GLY C 354 41.49 -28.38 17.00
C GLY C 354 40.13 -28.97 16.67
N ILE C 355 40.15 -30.05 15.91
CA ILE C 355 38.93 -30.69 15.46
C ILE C 355 38.56 -32.01 16.12
N MET C 356 37.31 -32.11 16.56
CA MET C 356 36.78 -33.32 17.18
C MET C 356 35.85 -33.97 16.15
N THR C 357 36.01 -35.27 15.95
CA THR C 357 35.20 -36.01 14.97
C THR C 357 34.31 -37.09 15.53
N GLY C 358 34.28 -37.24 16.86
CA GLY C 358 33.45 -38.26 17.46
C GLY C 358 33.83 -38.55 18.90
N ASN C 359 32.91 -39.11 19.67
CA ASN C 359 33.17 -39.38 21.08
C ASN C 359 33.32 -38.03 21.77
N TYR C 360 32.52 -37.08 21.28
CA TYR C 360 32.51 -35.70 21.77
C TYR C 360 32.44 -35.53 23.28
N GLU C 361 31.47 -36.18 23.90
CA GLU C 361 31.29 -36.13 25.34
C GLU C 361 32.63 -36.25 26.04
N GLU C 362 33.39 -37.29 25.69
CA GLU C 362 34.70 -37.52 26.29
C GLU C 362 35.72 -36.51 25.77
N GLU C 363 35.64 -36.19 24.48
CA GLU C 363 36.56 -35.24 23.86
C GLU C 363 36.43 -33.88 24.53
N ILE C 364 35.19 -33.47 24.81
CA ILE C 364 34.91 -32.19 25.47
C ILE C 364 35.41 -32.28 26.90
N GLU C 365 35.46 -33.50 27.42
CA GLU C 365 35.94 -33.78 28.77
C GLU C 365 37.41 -33.39 28.82
N GLN C 366 38.14 -33.78 27.78
CA GLN C 366 39.55 -33.49 27.66
C GLN C 366 39.81 -31.99 27.64
N LEU C 367 39.16 -31.30 26.71
CA LEU C 367 39.33 -29.86 26.53
C LEU C 367 39.09 -29.00 27.76
N PHE C 368 38.19 -29.43 28.64
CA PHE C 368 37.89 -28.65 29.83
C PHE C 368 38.59 -29.10 31.09
N LYS C 369 39.76 -29.70 30.92
CA LYS C 369 40.55 -30.16 32.05
C LYS C 369 41.51 -29.01 32.37
N GLY C 370 41.00 -28.00 33.07
CA GLY C 370 41.82 -26.86 33.43
C GLY C 370 41.14 -25.55 33.04
N MET D 22 -15.54 -14.37 3.12
CA MET D 22 -16.41 -15.45 3.66
C MET D 22 -15.72 -16.80 3.76
N THR D 23 -16.39 -17.67 4.50
CA THR D 23 -15.95 -19.02 4.73
C THR D 23 -16.34 -19.90 3.54
N HIS D 24 -16.89 -19.30 2.49
CA HIS D 24 -17.32 -20.09 1.35
C HIS D 24 -16.70 -19.66 0.05
N SER D 25 -15.83 -18.66 0.13
CA SER D 25 -15.18 -18.12 -1.05
C SER D 25 -14.32 -19.16 -1.78
N PHE D 26 -13.81 -20.13 -1.05
CA PHE D 26 -12.97 -21.16 -1.64
C PHE D 26 -13.75 -22.00 -2.64
N ALA D 27 -15.04 -22.22 -2.36
CA ALA D 27 -15.89 -23.04 -3.19
C ALA D 27 -16.46 -22.33 -4.42
N VAL D 28 -16.03 -21.10 -4.66
CA VAL D 28 -16.46 -20.36 -5.83
C VAL D 28 -15.19 -20.03 -6.61
N PRO D 29 -15.31 -19.71 -7.91
CA PRO D 29 -14.11 -19.39 -8.68
C PRO D 29 -13.59 -17.95 -8.59
N ARG D 30 -12.32 -17.82 -8.26
CA ARG D 30 -11.69 -16.51 -8.11
C ARG D 30 -10.40 -16.40 -8.95
N SER D 31 -9.72 -17.54 -9.14
CA SER D 31 -8.48 -17.53 -9.90
C SER D 31 -8.66 -17.07 -11.33
N VAL D 32 -9.58 -17.71 -12.05
CA VAL D 32 -9.81 -17.36 -13.44
C VAL D 32 -11.28 -17.53 -13.83
N GLU D 33 -11.76 -16.66 -14.70
CA GLU D 33 -13.14 -16.72 -15.12
C GLU D 33 -13.23 -16.18 -16.56
N TRP D 34 -14.06 -16.83 -17.37
CA TRP D 34 -14.20 -16.47 -18.77
C TRP D 34 -15.41 -15.60 -19.13
N LYS D 35 -15.23 -14.78 -20.16
CA LYS D 35 -16.28 -13.92 -20.69
C LYS D 35 -16.19 -14.17 -22.19
N GLU D 36 -17.21 -13.76 -22.93
CA GLU D 36 -17.18 -13.96 -24.36
C GLU D 36 -16.00 -13.18 -24.94
N THR D 37 -15.68 -12.05 -24.33
CA THR D 37 -14.62 -11.19 -24.82
C THR D 37 -13.51 -10.82 -23.82
N ALA D 38 -13.50 -11.51 -22.68
CA ALA D 38 -12.46 -11.24 -21.68
C ALA D 38 -12.25 -12.41 -20.73
N ILE D 39 -11.06 -12.47 -20.14
CA ILE D 39 -10.70 -13.49 -19.16
C ILE D 39 -10.32 -12.75 -17.90
N THR D 40 -11.10 -12.90 -16.84
CA THR D 40 -10.75 -12.21 -15.62
C THR D 40 -10.07 -13.13 -14.63
N ILE D 41 -8.98 -12.65 -14.05
CA ILE D 41 -8.21 -13.40 -13.06
C ILE D 41 -8.01 -12.61 -11.78
N LEU D 42 -7.60 -13.33 -10.74
CA LEU D 42 -7.33 -12.71 -9.46
C LEU D 42 -5.85 -12.34 -9.57
N ASN D 43 -5.51 -11.09 -9.23
CA ASN D 43 -4.13 -10.63 -9.28
C ASN D 43 -3.40 -11.08 -8.01
N GLN D 44 -2.82 -12.28 -8.06
CA GLN D 44 -2.14 -12.84 -6.90
C GLN D 44 -0.87 -12.15 -6.42
N GLN D 45 -0.41 -11.13 -7.16
CA GLN D 45 0.78 -10.40 -6.76
C GLN D 45 0.44 -9.48 -5.59
N LYS D 46 -0.73 -8.87 -5.63
CA LYS D 46 -1.17 -7.94 -4.58
C LYS D 46 -1.73 -8.55 -3.30
N LEU D 47 -1.88 -9.86 -3.29
CA LEU D 47 -2.36 -10.55 -2.10
C LEU D 47 -1.17 -10.53 -1.15
N PRO D 48 -1.41 -10.60 0.17
CA PRO D 48 -2.69 -10.70 0.84
C PRO D 48 -3.35 -9.36 1.23
N ASP D 49 -2.64 -8.25 1.07
CA ASP D 49 -3.21 -6.95 1.43
C ASP D 49 -4.38 -6.50 0.59
N GLU D 50 -4.21 -6.54 -0.73
CA GLU D 50 -5.28 -6.14 -1.63
C GLU D 50 -5.90 -7.35 -2.31
N THR D 51 -7.07 -7.15 -2.90
CA THR D 51 -7.75 -8.20 -3.64
C THR D 51 -8.26 -7.53 -4.90
N GLU D 52 -7.39 -7.53 -5.91
CA GLU D 52 -7.64 -6.91 -7.19
C GLU D 52 -7.85 -7.94 -8.30
N TYR D 53 -8.95 -7.81 -9.03
CA TYR D 53 -9.26 -8.73 -10.13
C TYR D 53 -8.91 -8.07 -11.46
N LEU D 54 -8.27 -8.83 -12.34
CA LEU D 54 -7.84 -8.30 -13.62
C LEU D 54 -8.54 -8.88 -14.84
N GLU D 55 -8.70 -8.03 -15.85
CA GLU D 55 -9.32 -8.45 -17.10
C GLU D 55 -8.21 -8.55 -18.16
N LEU D 56 -8.03 -9.74 -18.72
CA LEU D 56 -7.00 -9.95 -19.74
C LEU D 56 -7.69 -10.08 -21.11
N THR D 57 -7.19 -9.38 -22.13
CA THR D 57 -7.84 -9.44 -23.44
C THR D 57 -6.99 -9.90 -24.63
N THR D 58 -5.67 -9.81 -24.50
CA THR D 58 -4.81 -10.28 -25.58
C THR D 58 -3.97 -11.43 -25.05
N LYS D 59 -3.35 -12.15 -25.97
CA LYS D 59 -2.54 -13.29 -25.57
C LYS D 59 -1.26 -12.77 -24.92
N GLU D 60 -1.01 -11.48 -25.10
CA GLU D 60 0.13 -10.86 -24.48
C GLU D 60 -0.25 -10.67 -23.03
N ASP D 61 -1.50 -10.28 -22.80
CA ASP D 61 -2.03 -10.09 -21.44
C ASP D 61 -1.95 -11.39 -20.70
N VAL D 62 -2.24 -12.47 -21.41
CA VAL D 62 -2.23 -13.80 -20.83
C VAL D 62 -0.81 -14.28 -20.62
N PHE D 63 0.07 -13.97 -21.56
CA PHE D 63 1.47 -14.36 -21.46
C PHE D 63 2.09 -13.65 -20.26
N ASP D 64 1.93 -12.33 -20.22
CA ASP D 64 2.46 -11.54 -19.11
C ASP D 64 1.94 -12.05 -17.75
N ALA D 65 0.63 -12.30 -17.68
CA ALA D 65 0.00 -12.78 -16.44
C ALA D 65 0.59 -14.07 -15.91
N ILE D 66 1.06 -14.93 -16.81
CA ILE D 66 1.63 -16.21 -16.42
C ILE D 66 3.09 -16.04 -16.00
N VAL D 67 3.89 -15.45 -16.89
CA VAL D 67 5.30 -15.22 -16.62
C VAL D 67 5.59 -14.50 -15.30
N THR D 68 4.78 -13.50 -14.98
CA THR D 68 4.98 -12.71 -13.76
C THR D 68 4.23 -13.26 -12.54
N LEU D 69 3.56 -14.39 -12.72
CA LEU D 69 2.82 -15.05 -11.64
C LEU D 69 1.58 -14.33 -11.11
N LYS D 70 0.92 -13.56 -11.96
CA LYS D 70 -0.29 -12.85 -11.55
C LYS D 70 -1.36 -13.94 -11.43
N VAL D 71 -1.13 -15.02 -12.16
CA VAL D 71 -1.96 -16.21 -12.06
C VAL D 71 -0.88 -17.29 -11.98
N ARG D 72 -1.08 -18.27 -11.11
CA ARG D 72 -0.12 -19.35 -10.97
C ARG D 72 -0.72 -20.60 -10.33
N GLY D 73 0.05 -21.68 -10.35
CA GLY D 73 -0.42 -22.97 -9.87
C GLY D 73 -0.74 -23.73 -11.14
N ALA D 74 -0.19 -24.93 -11.29
CA ALA D 74 -0.38 -25.71 -12.50
C ALA D 74 -1.80 -25.75 -13.10
N PRO D 75 -2.80 -26.23 -12.33
CA PRO D 75 -4.18 -26.30 -12.86
C PRO D 75 -4.73 -24.97 -13.36
N ALA D 76 -4.60 -23.92 -12.55
CA ALA D 76 -5.10 -22.61 -12.94
C ALA D 76 -4.34 -22.10 -14.15
N ILE D 77 -3.05 -22.40 -14.20
CA ILE D 77 -2.24 -21.97 -15.34
C ILE D 77 -2.69 -22.63 -16.62
N GLY D 78 -3.10 -23.89 -16.53
CA GLY D 78 -3.59 -24.57 -17.71
C GLY D 78 -4.94 -23.99 -18.16
N ILE D 79 -5.83 -23.75 -17.21
CA ILE D 79 -7.13 -23.21 -17.57
C ILE D 79 -6.96 -21.85 -18.19
N THR D 80 -6.15 -21.01 -17.56
CA THR D 80 -5.91 -19.67 -18.04
C THR D 80 -5.30 -19.67 -19.44
N ALA D 81 -4.36 -20.57 -19.67
CA ALA D 81 -3.73 -20.66 -20.97
C ALA D 81 -4.77 -21.09 -22.01
N ALA D 82 -5.60 -22.06 -21.66
CA ALA D 82 -6.63 -22.55 -22.57
C ALA D 82 -7.58 -21.43 -22.99
N PHE D 83 -8.07 -20.66 -22.02
CA PHE D 83 -8.98 -19.57 -22.33
C PHE D 83 -8.22 -18.50 -23.11
N GLY D 84 -6.95 -18.34 -22.78
CA GLY D 84 -6.15 -17.37 -23.48
C GLY D 84 -6.06 -17.73 -24.95
N LEU D 85 -5.74 -18.99 -25.24
CA LEU D 85 -5.62 -19.46 -26.61
C LEU D 85 -6.97 -19.36 -27.30
N ALA D 86 -8.02 -19.81 -26.63
CA ALA D 86 -9.35 -19.75 -27.21
C ALA D 86 -9.70 -18.32 -27.60
N LEU D 87 -9.61 -17.41 -26.64
CA LEU D 87 -9.94 -16.01 -26.87
C LEU D 87 -9.19 -15.38 -28.05
N ALA D 88 -7.88 -15.60 -28.11
CA ALA D 88 -7.05 -15.03 -29.19
C ALA D 88 -7.34 -15.61 -30.57
N ALA D 89 -7.87 -16.83 -30.60
CA ALA D 89 -8.19 -17.50 -31.85
C ALA D 89 -9.39 -16.83 -32.53
N LYS D 90 -10.23 -16.17 -31.74
CA LYS D 90 -11.39 -15.50 -32.30
C LYS D 90 -10.94 -14.46 -33.31
N ASP D 91 -9.83 -13.79 -33.01
CA ASP D 91 -9.32 -12.77 -33.90
C ASP D 91 -8.67 -13.32 -35.15
N ILE D 92 -8.56 -14.64 -35.28
CA ILE D 92 -7.98 -15.19 -36.50
C ILE D 92 -9.04 -15.07 -37.59
N GLU D 93 -8.63 -14.52 -38.73
CA GLU D 93 -9.55 -14.32 -39.85
C GLU D 93 -9.12 -15.05 -41.10
N THR D 94 -10.07 -15.80 -41.66
CA THR D 94 -9.88 -16.61 -42.84
C THR D 94 -11.08 -17.54 -42.89
N ASP D 95 -11.05 -18.52 -43.77
CA ASP D 95 -12.14 -19.48 -43.86
C ASP D 95 -11.55 -20.79 -44.36
N ASN D 96 -10.23 -20.87 -44.29
CA ASN D 96 -9.47 -22.05 -44.67
C ASN D 96 -9.09 -22.61 -43.29
N VAL D 97 -9.89 -23.56 -42.82
CA VAL D 97 -9.65 -24.13 -41.50
C VAL D 97 -8.26 -24.72 -41.33
N THR D 98 -7.54 -24.92 -42.43
CA THR D 98 -6.19 -25.46 -42.36
C THR D 98 -5.25 -24.30 -42.03
N GLU D 99 -5.60 -23.11 -42.49
CA GLU D 99 -4.79 -21.91 -42.24
C GLU D 99 -4.99 -21.48 -40.78
N PHE D 100 -6.19 -21.75 -40.27
CA PHE D 100 -6.57 -21.42 -38.90
C PHE D 100 -5.73 -22.24 -37.93
N ARG D 101 -5.65 -23.55 -38.18
CA ARG D 101 -4.87 -24.44 -37.34
C ARG D 101 -3.42 -24.03 -37.35
N ARG D 102 -2.91 -23.77 -38.55
CA ARG D 102 -1.52 -23.37 -38.75
C ARG D 102 -1.20 -22.11 -37.95
N ARG D 103 -2.12 -21.17 -37.95
CA ARG D 103 -1.94 -19.93 -37.21
C ARG D 103 -2.16 -20.16 -35.73
N LEU D 104 -3.15 -21.00 -35.40
CA LEU D 104 -3.49 -21.34 -34.02
C LEU D 104 -2.22 -21.86 -33.34
N GLU D 105 -1.46 -22.62 -34.11
CA GLU D 105 -0.21 -23.22 -33.63
C GLU D 105 0.80 -22.17 -33.20
N ASP D 106 0.90 -21.07 -33.94
CA ASP D 106 1.86 -20.01 -33.59
C ASP D 106 1.47 -19.39 -32.25
N ILE D 107 0.18 -19.15 -32.06
CA ILE D 107 -0.29 -18.58 -30.80
C ILE D 107 0.03 -19.54 -29.65
N LYS D 108 -0.23 -20.82 -29.89
CA LYS D 108 -0.02 -21.86 -28.90
C LYS D 108 1.44 -21.96 -28.44
N GLN D 109 2.38 -21.86 -29.37
CA GLN D 109 3.79 -21.97 -29.02
C GLN D 109 4.22 -20.78 -28.17
N TYR D 110 3.74 -19.61 -28.56
CA TYR D 110 4.05 -18.39 -27.85
C TYR D 110 3.61 -18.52 -26.40
N LEU D 111 2.39 -19.01 -26.23
CA LEU D 111 1.78 -19.19 -24.91
C LEU D 111 2.51 -20.26 -24.11
N ASN D 112 3.00 -21.28 -24.80
CA ASN D 112 3.70 -22.36 -24.14
C ASN D 112 5.08 -21.88 -23.67
N SER D 113 5.68 -20.95 -24.41
CA SER D 113 7.00 -20.41 -24.06
C SER D 113 6.93 -19.81 -22.65
N SER D 114 5.71 -19.51 -22.22
CA SER D 114 5.43 -18.93 -20.91
C SER D 114 6.36 -19.47 -19.82
N ARG D 115 5.98 -20.58 -19.21
CA ARG D 115 6.79 -21.22 -18.17
C ARG D 115 6.92 -22.68 -18.59
N PRO D 116 8.06 -23.32 -18.31
CA PRO D 116 8.37 -24.71 -18.66
C PRO D 116 7.97 -25.91 -17.80
N THR D 117 8.13 -25.80 -16.49
CA THR D 117 7.88 -26.91 -15.58
C THR D 117 6.49 -27.52 -15.43
N ALA D 118 5.46 -26.69 -15.27
CA ALA D 118 4.10 -27.21 -15.11
C ALA D 118 3.57 -27.72 -16.45
N ILE D 119 3.34 -29.02 -16.50
CA ILE D 119 2.86 -29.69 -17.70
C ILE D 119 1.41 -29.32 -18.09
N ASN D 120 0.64 -28.78 -17.14
CA ASN D 120 -0.74 -28.39 -17.42
C ASN D 120 -0.84 -27.36 -18.52
N LEU D 121 0.20 -26.51 -18.63
CA LEU D 121 0.23 -25.48 -19.65
C LEU D 121 0.16 -26.17 -21.02
N SER D 122 1.11 -27.04 -21.29
CA SER D 122 1.16 -27.76 -22.57
C SER D 122 -0.08 -28.60 -22.72
N TRP D 123 -0.35 -29.38 -21.67
CA TRP D 123 -1.49 -30.27 -21.62
C TRP D 123 -2.78 -29.63 -22.13
N ALA D 124 -3.09 -28.46 -21.60
CA ALA D 124 -4.31 -27.74 -21.96
C ALA D 124 -4.25 -27.17 -23.38
N LEU D 125 -3.07 -26.77 -23.83
CA LEU D 125 -2.95 -26.22 -25.18
C LEU D 125 -3.05 -27.35 -26.21
N GLU D 126 -2.40 -28.46 -25.91
CA GLU D 126 -2.43 -29.62 -26.78
C GLU D 126 -3.86 -30.10 -26.87
N ARG D 127 -4.54 -30.13 -25.73
CA ARG D 127 -5.91 -30.57 -25.69
C ARG D 127 -6.74 -29.70 -26.64
N LEU D 128 -6.53 -28.39 -26.60
CA LEU D 128 -7.29 -27.52 -27.49
C LEU D 128 -6.98 -27.73 -28.98
N SER D 129 -5.71 -27.80 -29.38
CA SER D 129 -5.43 -27.98 -30.81
C SER D 129 -5.94 -29.33 -31.32
N HIS D 130 -6.12 -30.27 -30.40
CA HIS D 130 -6.65 -31.57 -30.78
C HIS D 130 -8.14 -31.45 -31.08
N SER D 131 -8.81 -30.55 -30.36
CA SER D 131 -10.25 -30.36 -30.52
C SER D 131 -10.62 -29.73 -31.86
N VAL D 132 -9.66 -29.09 -32.53
CA VAL D 132 -9.96 -28.49 -33.84
C VAL D 132 -9.26 -29.25 -34.95
N GLU D 133 -8.67 -30.38 -34.62
CA GLU D 133 -7.96 -31.16 -35.63
C GLU D 133 -8.89 -31.69 -36.70
N ASN D 134 -10.14 -31.93 -36.33
CA ASN D 134 -11.08 -32.45 -37.29
C ASN D 134 -12.23 -31.50 -37.58
N ALA D 135 -11.97 -30.21 -37.40
CA ALA D 135 -13.00 -29.21 -37.67
C ALA D 135 -12.98 -29.00 -39.17
N ILE D 136 -14.15 -28.70 -39.75
CA ILE D 136 -14.24 -28.49 -41.18
C ILE D 136 -14.48 -27.03 -41.52
N SER D 137 -14.71 -26.21 -40.51
CA SER D 137 -14.92 -24.78 -40.71
C SER D 137 -14.27 -24.00 -39.58
N VAL D 138 -13.98 -22.73 -39.85
CA VAL D 138 -13.33 -21.87 -38.86
C VAL D 138 -14.20 -21.52 -37.65
N ASN D 139 -15.46 -21.19 -37.88
CA ASN D 139 -16.35 -20.85 -36.77
C ASN D 139 -16.66 -22.07 -35.92
N GLU D 140 -16.43 -23.24 -36.47
CA GLU D 140 -16.65 -24.45 -35.72
C GLU D 140 -15.41 -24.63 -34.86
N ALA D 141 -14.26 -24.33 -35.46
CA ALA D 141 -12.98 -24.44 -34.78
C ALA D 141 -12.93 -23.54 -33.55
N LYS D 142 -13.27 -22.27 -33.74
CA LYS D 142 -13.25 -21.33 -32.64
C LYS D 142 -14.23 -21.75 -31.55
N THR D 143 -15.43 -22.12 -31.96
CA THR D 143 -16.43 -22.53 -31.00
C THR D 143 -15.90 -23.71 -30.21
N ASN D 144 -15.33 -24.69 -30.91
CA ASN D 144 -14.78 -25.88 -30.26
C ASN D 144 -13.75 -25.50 -29.19
N LEU D 145 -12.89 -24.54 -29.49
CA LEU D 145 -11.87 -24.12 -28.54
C LEU D 145 -12.50 -23.59 -27.26
N VAL D 146 -13.39 -22.62 -27.40
CA VAL D 146 -14.06 -22.03 -26.26
C VAL D 146 -14.77 -23.07 -25.40
N HIS D 147 -15.29 -24.10 -26.06
CA HIS D 147 -15.99 -25.21 -25.42
C HIS D 147 -14.99 -26.12 -24.76
N GLU D 148 -13.85 -26.29 -25.40
CA GLU D 148 -12.82 -27.16 -24.86
C GLU D 148 -12.25 -26.50 -23.60
N ALA D 149 -11.89 -25.23 -23.70
CA ALA D 149 -11.34 -24.53 -22.56
C ALA D 149 -12.32 -24.62 -21.40
N ILE D 150 -13.58 -24.29 -21.67
CA ILE D 150 -14.60 -24.34 -20.65
C ILE D 150 -14.77 -25.75 -20.07
N GLN D 151 -14.73 -26.77 -20.91
CA GLN D 151 -14.85 -28.12 -20.39
C GLN D 151 -13.66 -28.45 -19.48
N ILE D 152 -12.49 -27.88 -19.78
CA ILE D 152 -11.29 -28.13 -18.98
C ILE D 152 -11.44 -27.62 -17.57
N GLN D 153 -11.99 -26.41 -17.41
CA GLN D 153 -12.18 -25.81 -16.09
C GLN D 153 -13.22 -26.52 -15.25
N VAL D 154 -14.37 -26.80 -15.86
CA VAL D 154 -15.45 -27.48 -15.16
C VAL D 154 -14.96 -28.83 -14.66
N GLU D 155 -14.18 -29.53 -15.48
CA GLU D 155 -13.64 -30.82 -15.09
C GLU D 155 -12.67 -30.68 -13.92
N ASP D 156 -11.81 -29.67 -13.94
CA ASP D 156 -10.88 -29.49 -12.85
C ASP D 156 -11.62 -29.31 -11.52
N GLU D 157 -12.74 -28.60 -11.55
CA GLU D 157 -13.55 -28.36 -10.36
C GLU D 157 -13.97 -29.69 -9.75
N GLU D 158 -14.36 -30.63 -10.61
CA GLU D 158 -14.80 -31.94 -10.16
C GLU D 158 -13.64 -32.73 -9.57
N THR D 159 -12.52 -32.74 -10.27
CA THR D 159 -11.35 -33.46 -9.80
C THR D 159 -10.87 -32.90 -8.48
N CYS D 160 -10.94 -31.58 -8.34
CA CYS D 160 -10.53 -30.94 -7.11
C CYS D 160 -11.40 -31.41 -5.94
N ARG D 161 -12.71 -31.51 -6.17
CA ARG D 161 -13.65 -31.99 -5.13
C ARG D 161 -13.29 -33.41 -4.72
N LEU D 162 -13.05 -34.25 -5.74
CA LEU D 162 -12.70 -35.64 -5.49
C LEU D 162 -11.39 -35.80 -4.73
N ILE D 163 -10.38 -35.03 -5.12
CA ILE D 163 -9.08 -35.11 -4.47
C ILE D 163 -9.16 -34.76 -2.99
N GLY D 164 -9.86 -33.69 -2.65
CA GLY D 164 -10.00 -33.33 -1.25
C GLY D 164 -10.73 -34.45 -0.52
N GLN D 165 -11.72 -35.01 -1.20
CA GLN D 165 -12.52 -36.10 -0.69
C GLN D 165 -11.60 -37.29 -0.36
N ASN D 166 -10.85 -37.74 -1.36
CA ASN D 166 -9.97 -38.87 -1.19
C ASN D 166 -8.78 -38.65 -0.26
N ALA D 167 -8.21 -37.46 -0.28
CA ALA D 167 -7.05 -37.18 0.57
C ALA D 167 -7.43 -37.14 2.04
N LEU D 168 -8.71 -36.93 2.31
CA LEU D 168 -9.20 -36.83 3.68
C LEU D 168 -9.10 -38.08 4.56
N GLN D 169 -9.40 -39.25 3.99
CA GLN D 169 -9.33 -40.49 4.77
C GLN D 169 -7.94 -40.79 5.29
N LEU D 170 -6.97 -39.94 4.95
CA LEU D 170 -5.59 -40.13 5.36
C LEU D 170 -5.28 -39.34 6.62
N PHE D 171 -6.25 -38.59 7.13
CA PHE D 171 -6.01 -37.79 8.31
C PHE D 171 -6.99 -38.08 9.42
N LYS D 172 -6.50 -38.01 10.65
CA LYS D 172 -7.31 -38.27 11.81
C LYS D 172 -7.64 -36.94 12.47
N LYS D 173 -8.67 -36.94 13.31
CA LYS D 173 -9.10 -35.74 14.02
C LYS D 173 -7.94 -35.16 14.81
N GLY D 174 -7.76 -33.84 14.74
CA GLY D 174 -6.68 -33.20 15.47
C GLY D 174 -5.30 -33.39 14.86
N ASP D 175 -5.25 -33.88 13.62
CA ASP D 175 -3.97 -34.10 12.94
C ASP D 175 -3.27 -32.80 12.62
N ARG D 176 -1.95 -32.84 12.68
CA ARG D 176 -1.13 -31.67 12.37
C ARG D 176 -0.49 -32.01 11.03
N ILE D 177 -0.84 -31.24 10.01
CA ILE D 177 -0.30 -31.47 8.69
C ILE D 177 0.52 -30.27 8.24
N MET D 178 1.66 -30.55 7.61
CA MET D 178 2.51 -29.51 7.09
C MET D 178 2.33 -29.48 5.58
N THR D 179 2.43 -28.29 5.00
CA THR D 179 2.31 -28.13 3.56
C THR D 179 3.27 -27.02 3.12
N ILE D 180 3.47 -26.92 1.81
CA ILE D 180 4.35 -25.91 1.23
C ILE D 180 3.62 -25.37 0.00
N CYS D 181 4.06 -24.20 -0.47
CA CYS D 181 3.43 -23.54 -1.60
C CYS D 181 1.92 -23.33 -1.39
N ASN D 182 1.17 -23.18 -2.47
CA ASN D 182 -0.26 -22.90 -2.35
C ASN D 182 -1.13 -23.70 -3.32
N ALA D 183 -1.27 -25.00 -3.08
CA ALA D 183 -2.06 -25.86 -3.94
C ALA D 183 -3.52 -25.76 -3.49
N GLY D 184 -4.02 -24.52 -3.41
CA GLY D 184 -5.38 -24.29 -2.96
C GLY D 184 -6.46 -23.78 -3.90
N SER D 185 -7.32 -22.95 -3.33
CA SER D 185 -8.48 -22.36 -4.00
C SER D 185 -8.23 -21.45 -5.19
N ILE D 186 -7.13 -20.70 -5.16
CA ILE D 186 -6.81 -19.79 -6.25
C ILE D 186 -5.72 -20.31 -7.18
N ALA D 187 -5.31 -21.55 -6.94
CA ALA D 187 -4.30 -22.22 -7.74
C ALA D 187 -5.00 -23.14 -8.74
N THR D 188 -6.31 -23.29 -8.56
CA THR D 188 -7.14 -24.15 -9.41
C THR D 188 -8.41 -23.38 -9.77
N SER D 189 -9.39 -24.05 -10.37
CA SER D 189 -10.65 -23.40 -10.70
C SER D 189 -11.27 -22.97 -9.38
N ARG D 190 -11.18 -23.87 -8.40
CA ARG D 190 -11.67 -23.66 -7.06
C ARG D 190 -11.48 -24.94 -6.24
N TYR D 191 -11.73 -24.85 -4.94
CA TYR D 191 -11.57 -25.99 -4.03
C TYR D 191 -10.10 -26.30 -3.74
N GLY D 192 -9.30 -26.47 -4.79
CA GLY D 192 -7.88 -26.75 -4.59
C GLY D 192 -7.55 -28.23 -4.69
N THR D 193 -6.29 -28.57 -4.43
CA THR D 193 -5.84 -29.97 -4.45
C THR D 193 -5.36 -30.36 -3.06
N ALA D 194 -4.11 -30.03 -2.75
CA ALA D 194 -3.55 -30.36 -1.45
C ALA D 194 -4.36 -29.73 -0.35
N LEU D 195 -4.81 -28.51 -0.57
CA LEU D 195 -5.59 -27.80 0.44
C LEU D 195 -7.05 -28.20 0.48
N ALA D 196 -7.52 -28.84 -0.60
CA ALA D 196 -8.92 -29.27 -0.67
C ALA D 196 -9.40 -30.08 0.54
N PRO D 197 -8.61 -31.04 1.03
CA PRO D 197 -8.99 -31.86 2.18
C PRO D 197 -9.28 -31.05 3.44
N PHE D 198 -8.57 -29.94 3.57
CA PHE D 198 -8.69 -29.08 4.74
C PHE D 198 -10.00 -28.32 4.80
N TYR D 199 -10.56 -27.96 3.64
CA TYR D 199 -11.84 -27.25 3.64
C TYR D 199 -12.92 -28.26 3.95
N LEU D 200 -12.73 -29.48 3.47
CA LEU D 200 -13.70 -30.53 3.73
C LEU D 200 -13.63 -30.92 5.20
N ALA D 201 -12.43 -31.23 5.66
CA ALA D 201 -12.21 -31.61 7.05
C ALA D 201 -12.94 -30.67 7.98
N LYS D 202 -12.72 -29.38 7.77
CA LYS D 202 -13.32 -28.36 8.61
C LYS D 202 -14.84 -28.48 8.64
N GLN D 203 -15.41 -28.92 7.52
CA GLN D 203 -16.85 -29.08 7.41
C GLN D 203 -17.29 -30.22 8.31
N LYS D 204 -16.37 -31.13 8.60
CA LYS D 204 -16.64 -32.28 9.45
C LYS D 204 -16.09 -32.05 10.85
N ASP D 205 -15.76 -30.80 11.15
CA ASP D 205 -15.21 -30.43 12.43
C ASP D 205 -14.19 -31.41 12.97
N LEU D 206 -13.04 -31.50 12.29
CA LEU D 206 -11.95 -32.37 12.73
C LEU D 206 -10.98 -31.41 13.42
N GLY D 207 -10.03 -31.95 14.17
CA GLY D 207 -9.11 -31.06 14.85
C GLY D 207 -7.93 -30.59 14.01
N LEU D 208 -8.03 -30.76 12.69
CA LEU D 208 -6.94 -30.39 11.78
C LEU D 208 -6.29 -29.03 11.98
N HIS D 209 -4.99 -29.07 12.26
CA HIS D 209 -4.18 -27.89 12.46
C HIS D 209 -3.17 -27.92 11.32
N ILE D 210 -3.16 -26.89 10.49
CA ILE D 210 -2.24 -26.83 9.36
C ILE D 210 -0.99 -25.98 9.58
N TYR D 211 0.16 -26.54 9.22
CA TYR D 211 1.43 -25.84 9.33
C TYR D 211 1.89 -25.53 7.91
N ALA D 212 1.75 -24.27 7.52
CA ALA D 212 2.11 -23.81 6.19
C ALA D 212 3.50 -23.18 6.13
N CYS D 213 4.33 -23.63 5.20
CA CYS D 213 5.67 -23.07 5.03
C CYS D 213 5.44 -21.83 4.17
N GLU D 214 6.01 -20.69 4.57
CA GLU D 214 5.80 -19.44 3.83
C GLU D 214 6.20 -19.56 2.37
N THR D 215 7.10 -20.48 2.07
CA THR D 215 7.51 -20.72 0.69
C THR D 215 8.27 -19.58 0.03
N ARG D 216 9.51 -19.36 0.44
CA ARG D 216 10.33 -18.33 -0.19
C ARG D 216 10.68 -18.89 -1.57
N PRO D 217 11.08 -18.03 -2.51
CA PRO D 217 11.25 -16.58 -2.46
C PRO D 217 10.00 -15.78 -2.78
N VAL D 218 9.08 -16.41 -3.52
CA VAL D 218 7.83 -15.78 -3.96
C VAL D 218 6.79 -15.68 -2.84
N LEU D 219 6.95 -16.52 -1.81
CA LEU D 219 6.05 -16.49 -0.66
C LEU D 219 4.57 -16.80 -0.91
N GLN D 220 4.30 -17.83 -1.71
CA GLN D 220 2.91 -18.22 -1.96
C GLN D 220 2.33 -18.75 -0.64
N GLY D 221 3.19 -19.41 0.15
CA GLY D 221 2.76 -19.97 1.42
C GLY D 221 2.19 -19.00 2.44
N SER D 222 2.79 -17.83 2.58
CA SER D 222 2.32 -16.86 3.56
C SER D 222 1.46 -15.78 2.94
N ARG D 223 1.59 -15.58 1.63
CA ARG D 223 0.79 -14.56 0.96
C ARG D 223 -0.52 -15.13 0.44
N LEU D 224 -0.48 -16.41 0.06
CA LEU D 224 -1.63 -17.09 -0.50
C LEU D 224 -2.28 -18.17 0.36
N THR D 225 -1.48 -19.09 0.89
CA THR D 225 -2.00 -20.18 1.70
C THR D 225 -2.51 -19.75 3.07
N ALA D 226 -1.71 -19.00 3.82
CA ALA D 226 -2.18 -18.55 5.13
C ALA D 226 -3.41 -17.67 4.93
N TRP D 227 -3.43 -16.92 3.83
CA TRP D 227 -4.54 -16.02 3.50
C TRP D 227 -5.88 -16.73 3.28
N GLU D 228 -5.93 -17.66 2.33
CA GLU D 228 -7.19 -18.35 2.04
C GLU D 228 -7.59 -19.29 3.16
N LEU D 229 -6.62 -19.88 3.83
CA LEU D 229 -6.95 -20.77 4.91
C LEU D 229 -7.63 -19.99 6.01
N MET D 230 -7.16 -18.77 6.24
CA MET D 230 -7.75 -17.94 7.29
C MET D 230 -9.20 -17.55 6.98
N GLN D 231 -9.45 -17.16 5.73
CA GLN D 231 -10.81 -16.79 5.32
C GLN D 231 -11.72 -17.97 5.59
N GLY D 232 -11.22 -19.16 5.25
CA GLY D 232 -11.99 -20.38 5.43
C GLY D 232 -12.26 -20.80 6.87
N GLY D 233 -11.52 -20.22 7.81
CA GLY D 233 -11.69 -20.58 9.20
C GLY D 233 -10.94 -21.84 9.55
N ILE D 234 -9.87 -22.11 8.80
CA ILE D 234 -9.07 -23.30 9.04
C ILE D 234 -7.88 -22.95 9.94
N ASP D 235 -7.67 -23.76 10.96
CA ASP D 235 -6.57 -23.54 11.90
C ASP D 235 -5.24 -23.76 11.20
N VAL D 236 -4.52 -22.66 11.01
CA VAL D 236 -3.23 -22.70 10.35
C VAL D 236 -2.24 -21.85 11.16
N THR D 237 -0.96 -22.16 11.01
CA THR D 237 0.09 -21.42 11.69
C THR D 237 1.20 -21.26 10.66
N LEU D 238 1.75 -20.06 10.58
CA LEU D 238 2.82 -19.80 9.63
C LEU D 238 4.20 -20.06 10.25
N ILE D 239 5.14 -20.49 9.42
CA ILE D 239 6.52 -20.74 9.83
C ILE D 239 7.39 -20.52 8.60
N THR D 240 8.69 -20.34 8.82
CA THR D 240 9.62 -20.18 7.72
C THR D 240 9.91 -21.61 7.27
N ASP D 241 10.51 -21.74 6.09
CA ASP D 241 10.82 -23.04 5.55
C ASP D 241 11.90 -23.72 6.39
N SER D 242 12.83 -22.92 6.90
CA SER D 242 13.93 -23.47 7.69
C SER D 242 13.42 -24.09 9.01
N MET D 243 12.19 -23.77 9.41
CA MET D 243 11.63 -24.33 10.63
C MET D 243 11.07 -25.75 10.50
N ALA D 244 10.85 -26.19 9.26
CA ALA D 244 10.27 -27.51 9.03
C ALA D 244 10.76 -28.64 9.95
N ALA D 245 12.06 -28.89 10.00
CA ALA D 245 12.59 -29.98 10.83
C ALA D 245 12.29 -29.83 12.32
N HIS D 246 12.49 -28.63 12.85
CA HIS D 246 12.26 -28.38 14.26
C HIS D 246 10.78 -28.50 14.58
N THR D 247 9.95 -28.20 13.59
CA THR D 247 8.49 -28.29 13.76
C THR D 247 8.01 -29.73 13.69
N MET D 248 8.42 -30.45 12.65
CA MET D 248 8.01 -31.84 12.50
C MET D 248 8.26 -32.59 13.81
N LYS D 249 9.33 -32.21 14.50
CA LYS D 249 9.72 -32.85 15.76
C LYS D 249 9.03 -32.25 16.99
N GLU D 250 9.15 -30.95 17.19
CA GLU D 250 8.56 -30.30 18.37
C GLU D 250 7.03 -30.31 18.35
N LYS D 251 6.47 -30.21 17.14
CA LYS D 251 5.03 -30.20 16.96
C LYS D 251 4.49 -31.57 16.54
N GLN D 252 5.37 -32.56 16.45
CA GLN D 252 4.96 -33.90 16.08
C GLN D 252 4.00 -33.87 14.90
N ILE D 253 4.50 -33.50 13.73
CA ILE D 253 3.69 -33.43 12.51
C ILE D 253 3.16 -34.82 12.14
N SER D 254 1.86 -34.90 11.88
CA SER D 254 1.22 -36.17 11.53
C SER D 254 1.53 -36.56 10.11
N ALA D 255 1.54 -35.57 9.22
CA ALA D 255 1.81 -35.85 7.81
C ALA D 255 2.17 -34.59 7.05
N VAL D 256 2.69 -34.79 5.85
CA VAL D 256 3.08 -33.72 4.95
C VAL D 256 2.36 -33.94 3.64
N ILE D 257 1.65 -32.92 3.14
CA ILE D 257 0.94 -33.03 1.87
C ILE D 257 1.18 -31.80 0.99
N VAL D 258 1.46 -32.05 -0.29
CA VAL D 258 1.73 -30.97 -1.24
C VAL D 258 1.12 -31.26 -2.61
N GLY D 259 1.00 -30.21 -3.41
CA GLY D 259 0.48 -30.36 -4.77
C GLY D 259 1.62 -30.81 -5.66
N ALA D 260 1.53 -30.55 -6.96
CA ALA D 260 2.60 -30.94 -7.87
C ALA D 260 2.52 -30.16 -9.16
N ASP D 261 3.68 -29.93 -9.77
CA ASP D 261 3.74 -29.20 -11.03
C ASP D 261 3.83 -30.17 -12.22
N ARG D 262 4.50 -31.30 -12.00
CA ARG D 262 4.62 -32.34 -13.03
C ARG D 262 5.10 -33.64 -12.43
N ILE D 263 4.37 -34.71 -12.73
CA ILE D 263 4.70 -36.04 -12.22
C ILE D 263 5.10 -36.95 -13.37
N ALA D 264 6.33 -37.47 -13.35
CA ALA D 264 6.81 -38.36 -14.40
C ALA D 264 6.12 -39.71 -14.23
N LYS D 265 6.07 -40.52 -15.28
CA LYS D 265 5.39 -41.81 -15.18
C LYS D 265 5.96 -42.65 -14.06
N ASN D 266 7.22 -42.46 -13.74
CA ASN D 266 7.78 -43.28 -12.67
C ASN D 266 7.33 -42.80 -11.31
N GLY D 267 6.76 -41.60 -11.25
CA GLY D 267 6.29 -41.10 -9.97
C GLY D 267 7.05 -39.90 -9.45
N ASP D 268 8.31 -39.73 -9.88
CA ASP D 268 9.09 -38.58 -9.44
C ASP D 268 8.21 -37.37 -9.67
N THR D 269 8.19 -36.45 -8.72
CA THR D 269 7.36 -35.28 -8.87
C THR D 269 8.09 -33.97 -8.73
N ALA D 270 7.77 -33.07 -9.64
CA ALA D 270 8.35 -31.73 -9.67
C ALA D 270 7.32 -30.88 -8.99
N ASN D 271 7.77 -30.07 -8.05
CA ASN D 271 6.88 -29.20 -7.34
C ASN D 271 7.71 -28.04 -6.83
N LYS D 272 7.02 -27.05 -6.27
CA LYS D 272 7.65 -25.85 -5.73
C LYS D 272 8.94 -26.15 -5.03
N ILE D 273 9.98 -25.36 -5.33
CA ILE D 273 11.29 -25.50 -4.71
C ILE D 273 11.08 -25.61 -3.19
N GLY D 274 11.81 -26.51 -2.56
CA GLY D 274 11.66 -26.70 -1.14
C GLY D 274 10.97 -28.02 -0.87
N THR D 275 10.06 -28.42 -1.76
CA THR D 275 9.32 -29.66 -1.59
C THR D 275 10.24 -30.86 -1.37
N TYR D 276 11.25 -30.99 -2.22
CA TYR D 276 12.20 -32.09 -2.12
C TYR D 276 12.83 -32.12 -0.74
N GLY D 277 13.13 -30.94 -0.20
CA GLY D 277 13.71 -30.85 1.13
C GLY D 277 12.73 -31.36 2.19
N LEU D 278 11.45 -31.07 2.01
CA LEU D 278 10.46 -31.52 2.98
C LEU D 278 10.30 -33.05 2.92
N ALA D 279 10.34 -33.60 1.72
CA ALA D 279 10.19 -35.05 1.57
C ALA D 279 11.35 -35.80 2.24
N ILE D 280 12.56 -35.27 2.11
CA ILE D 280 13.71 -35.90 2.74
C ILE D 280 13.57 -35.84 4.27
N LEU D 281 13.14 -34.69 4.79
CA LEU D 281 12.98 -34.54 6.24
C LEU D 281 11.88 -35.48 6.72
N ALA D 282 10.73 -35.42 6.04
CA ALA D 282 9.58 -36.23 6.39
C ALA D 282 9.96 -37.69 6.58
N ASN D 283 10.84 -38.18 5.72
CA ASN D 283 11.31 -39.55 5.76
C ASN D 283 12.33 -39.79 6.86
N ALA D 284 12.91 -38.71 7.37
CA ALA D 284 13.91 -38.83 8.45
C ALA D 284 13.17 -38.99 9.77
N PHE D 285 11.97 -38.40 9.85
CA PHE D 285 11.12 -38.44 11.03
C PHE D 285 10.00 -39.47 10.92
N ASP D 286 10.01 -40.26 9.86
CA ASP D 286 8.96 -41.25 9.66
C ASP D 286 7.56 -40.66 9.49
N ILE D 287 7.47 -39.49 8.86
CA ILE D 287 6.18 -38.83 8.62
C ILE D 287 5.73 -39.09 7.18
N PRO D 288 4.47 -39.52 6.98
CA PRO D 288 4.01 -39.79 5.62
C PRO D 288 4.10 -38.54 4.75
N PHE D 289 4.54 -38.71 3.52
CA PHE D 289 4.68 -37.58 2.57
C PHE D 289 3.71 -37.79 1.42
N PHE D 290 2.70 -36.93 1.32
CA PHE D 290 1.68 -37.03 0.29
C PHE D 290 1.67 -35.94 -0.78
N VAL D 291 1.44 -36.36 -2.01
CA VAL D 291 1.36 -35.46 -3.16
C VAL D 291 -0.05 -35.60 -3.68
N ALA D 292 -0.76 -34.48 -3.82
CA ALA D 292 -2.13 -34.49 -4.32
C ALA D 292 -2.17 -33.76 -5.65
N ALA D 293 -2.64 -34.44 -6.70
CA ALA D 293 -2.74 -33.83 -8.01
C ALA D 293 -3.66 -34.57 -8.99
N PRO D 294 -4.23 -33.84 -9.95
CA PRO D 294 -5.13 -34.40 -10.97
C PRO D 294 -4.34 -35.01 -12.13
N LEU D 295 -4.95 -35.95 -12.83
CA LEU D 295 -4.32 -36.64 -13.96
C LEU D 295 -3.70 -35.69 -14.99
N SER D 296 -4.22 -34.48 -15.07
CA SER D 296 -3.70 -33.49 -16.00
C SER D 296 -2.31 -32.99 -15.59
N THR D 297 -1.88 -33.31 -14.36
CA THR D 297 -0.57 -32.89 -13.87
C THR D 297 0.51 -33.95 -14.09
N PHE D 298 0.10 -35.15 -14.52
CA PHE D 298 1.05 -36.24 -14.79
C PHE D 298 1.62 -36.08 -16.20
N ASP D 299 2.86 -36.52 -16.38
CA ASP D 299 3.51 -36.46 -17.69
C ASP D 299 4.05 -37.84 -18.00
N THR D 300 3.30 -38.61 -18.78
CA THR D 300 3.69 -39.96 -19.12
C THR D 300 4.77 -40.02 -20.20
N LYS D 301 5.08 -38.88 -20.81
CA LYS D 301 6.11 -38.86 -21.84
C LYS D 301 7.50 -38.80 -21.20
N VAL D 302 7.63 -38.10 -20.08
CA VAL D 302 8.92 -38.00 -19.40
C VAL D 302 9.08 -39.19 -18.44
N LYS D 303 10.19 -39.90 -18.59
CA LYS D 303 10.41 -41.09 -17.80
C LYS D 303 10.82 -40.96 -16.34
N CYS D 304 11.46 -39.84 -15.99
CA CYS D 304 11.88 -39.64 -14.61
C CYS D 304 12.00 -38.16 -14.27
N GLY D 305 12.16 -37.87 -12.99
CA GLY D 305 12.28 -36.49 -12.56
C GLY D 305 13.43 -35.75 -13.19
N ALA D 306 14.54 -36.44 -13.39
CA ALA D 306 15.72 -35.81 -13.99
C ALA D 306 15.47 -35.26 -15.39
N ASP D 307 14.40 -35.69 -16.04
CA ASP D 307 14.09 -35.22 -17.40
C ASP D 307 13.18 -34.00 -17.43
N ILE D 308 12.68 -33.60 -16.27
CA ILE D 308 11.77 -32.46 -16.16
C ILE D 308 12.44 -31.09 -16.18
N PRO D 309 12.18 -30.29 -17.21
CA PRO D 309 12.82 -28.97 -17.24
C PRO D 309 12.47 -28.19 -15.97
N ILE D 310 13.49 -27.62 -15.32
CA ILE D 310 13.32 -26.85 -14.09
C ILE D 310 13.49 -25.34 -14.30
N GLU D 311 12.40 -24.59 -14.16
CA GLU D 311 12.47 -23.16 -14.34
C GLU D 311 13.41 -22.50 -13.33
N GLU D 312 14.15 -21.50 -13.80
CA GLU D 312 15.04 -20.73 -12.94
C GLU D 312 14.59 -19.29 -13.18
N ARG D 313 14.19 -18.62 -12.10
CA ARG D 313 13.69 -17.28 -12.24
C ARG D 313 14.62 -16.16 -11.84
N ASP D 314 14.15 -14.95 -12.11
CA ASP D 314 14.83 -13.70 -11.86
C ASP D 314 15.54 -13.65 -10.51
N PRO D 315 16.87 -13.48 -10.52
CA PRO D 315 17.63 -13.41 -9.27
C PRO D 315 17.11 -12.34 -8.31
N GLU D 316 16.45 -11.32 -8.84
CA GLU D 316 15.89 -10.25 -8.00
C GLU D 316 14.83 -10.79 -7.05
N GLU D 317 14.21 -11.89 -7.42
CA GLU D 317 13.21 -12.49 -6.55
C GLU D 317 13.82 -12.78 -5.17
N VAL D 318 15.11 -13.14 -5.17
CA VAL D 318 15.80 -13.47 -3.92
C VAL D 318 16.47 -12.34 -3.14
N ARG D 319 16.66 -11.15 -3.72
CA ARG D 319 17.33 -10.12 -2.93
C ARG D 319 16.52 -8.91 -2.55
N GLN D 320 15.22 -9.01 -2.76
CA GLN D 320 14.35 -7.92 -2.40
C GLN D 320 12.96 -8.45 -2.59
N ILE D 321 12.01 -7.92 -1.81
CA ILE D 321 10.61 -8.34 -1.97
C ILE D 321 9.69 -7.35 -2.66
N SER D 322 9.57 -6.19 -2.04
CA SER D 322 8.64 -5.16 -2.40
C SER D 322 9.23 -3.91 -3.07
N GLY D 323 10.55 -4.00 -3.18
CA GLY D 323 11.35 -2.92 -3.76
C GLY D 323 12.47 -2.68 -2.76
N VAL D 324 12.33 -3.38 -1.63
CA VAL D 324 13.28 -3.31 -0.55
C VAL D 324 14.33 -4.45 -0.62
N ARG D 325 15.58 -4.02 -0.72
CA ARG D 325 16.72 -4.90 -0.79
C ARG D 325 16.83 -5.62 0.55
N THR D 326 17.25 -6.88 0.49
CA THR D 326 17.41 -7.74 1.65
C THR D 326 18.79 -8.42 1.51
N ALA D 327 19.51 -8.02 0.47
CA ALA D 327 20.84 -8.55 0.19
C ALA D 327 21.59 -7.52 -0.63
N PRO D 328 22.93 -7.65 -0.69
CA PRO D 328 23.63 -6.64 -1.50
C PRO D 328 23.16 -6.80 -2.93
N SER D 329 22.94 -5.71 -3.64
CA SER D 329 22.52 -5.81 -5.03
C SER D 329 23.73 -6.42 -5.71
N ASN D 330 23.50 -7.22 -6.74
CA ASN D 330 24.59 -7.87 -7.47
C ASN D 330 25.14 -9.16 -6.89
N VAL D 331 24.67 -9.58 -5.73
CA VAL D 331 25.19 -10.83 -5.18
C VAL D 331 24.71 -11.99 -6.04
N PRO D 332 25.63 -12.85 -6.49
CA PRO D 332 25.19 -13.98 -7.31
C PRO D 332 24.06 -14.74 -6.60
N VAL D 333 23.10 -15.23 -7.38
CA VAL D 333 21.95 -15.94 -6.83
C VAL D 333 21.60 -17.21 -7.60
N PHE D 334 21.25 -18.26 -6.86
CA PHE D 334 20.79 -19.50 -7.49
C PHE D 334 19.31 -19.48 -7.17
N ASN D 335 18.48 -19.43 -8.22
CA ASN D 335 17.06 -19.34 -7.97
C ASN D 335 16.14 -20.31 -8.69
N PRO D 336 16.19 -21.60 -8.34
CA PRO D 336 15.29 -22.53 -9.01
C PRO D 336 13.94 -22.37 -8.35
N ALA D 337 12.88 -22.43 -9.15
CA ALA D 337 11.53 -22.27 -8.63
C ALA D 337 10.92 -23.63 -8.34
N PHE D 338 11.68 -24.68 -8.64
CA PHE D 338 11.19 -26.05 -8.44
C PHE D 338 12.31 -27.04 -8.17
N ASP D 339 11.93 -28.20 -7.64
CA ASP D 339 12.87 -29.29 -7.42
C ASP D 339 12.15 -30.64 -7.66
N ILE D 340 12.89 -31.74 -7.61
CA ILE D 340 12.34 -33.06 -7.85
C ILE D 340 12.38 -33.96 -6.62
N THR D 341 11.25 -34.59 -6.32
CA THR D 341 11.20 -35.52 -5.19
C THR D 341 11.07 -36.89 -5.85
N PRO D 342 12.09 -37.74 -5.70
CA PRO D 342 12.03 -39.08 -6.30
C PRO D 342 10.85 -39.84 -5.69
N HIS D 343 10.16 -40.63 -6.50
CA HIS D 343 8.99 -41.36 -6.01
C HIS D 343 9.32 -42.13 -4.73
N ASP D 344 10.60 -42.44 -4.58
CA ASP D 344 11.14 -43.18 -3.43
C ASP D 344 10.69 -42.59 -2.09
N LEU D 345 10.45 -41.29 -2.06
CA LEU D 345 10.06 -40.61 -0.84
C LEU D 345 8.57 -40.31 -0.73
N ILE D 346 7.80 -40.62 -1.77
CA ILE D 346 6.37 -40.35 -1.73
C ILE D 346 5.57 -41.52 -1.17
N SER D 347 4.85 -41.30 -0.09
CA SER D 347 4.04 -42.37 0.51
C SER D 347 2.79 -42.59 -0.33
N GLY D 348 2.20 -41.51 -0.78
CA GLY D 348 1.00 -41.64 -1.57
C GLY D 348 0.70 -40.51 -2.51
N ILE D 349 0.19 -40.85 -3.69
CA ILE D 349 -0.17 -39.82 -4.65
C ILE D 349 -1.68 -39.83 -4.75
N ILE D 350 -2.29 -38.68 -4.48
CA ILE D 350 -3.74 -38.53 -4.50
C ILE D 350 -4.21 -37.91 -5.79
N THR D 351 -5.09 -38.62 -6.50
CA THR D 351 -5.65 -38.11 -7.75
C THR D 351 -7.16 -38.20 -7.64
N GLU D 352 -7.87 -37.69 -8.63
CA GLU D 352 -9.34 -37.75 -8.60
C GLU D 352 -9.76 -39.21 -8.62
N LYS D 353 -8.87 -40.08 -9.10
CA LYS D 353 -9.17 -41.51 -9.19
C LYS D 353 -8.97 -42.28 -7.89
N GLY D 354 -8.18 -41.71 -6.98
CA GLY D 354 -7.92 -42.39 -5.72
C GLY D 354 -6.51 -42.15 -5.27
N ILE D 355 -6.00 -43.05 -4.43
CA ILE D 355 -4.65 -42.93 -3.90
C ILE D 355 -3.76 -44.07 -4.37
N MET D 356 -2.60 -43.75 -4.92
CA MET D 356 -1.65 -44.77 -5.36
C MET D 356 -0.65 -44.90 -4.22
N THR D 357 -0.11 -46.10 -4.03
CA THR D 357 0.80 -46.31 -2.92
C THR D 357 2.20 -46.85 -3.17
N GLY D 358 2.36 -47.73 -4.16
CA GLY D 358 3.68 -48.30 -4.35
C GLY D 358 4.40 -48.14 -5.68
N ASN D 359 4.17 -49.09 -6.59
CA ASN D 359 4.82 -49.03 -7.88
C ASN D 359 4.11 -47.99 -8.72
N TYR D 360 4.44 -46.72 -8.47
CA TYR D 360 3.83 -45.62 -9.20
C TYR D 360 3.96 -45.85 -10.68
N GLU D 361 5.10 -46.35 -11.12
CA GLU D 361 5.33 -46.60 -12.53
C GLU D 361 4.30 -47.55 -13.15
N GLU D 362 3.97 -48.62 -12.45
CA GLU D 362 3.00 -49.58 -12.96
C GLU D 362 1.58 -49.04 -12.88
N GLU D 363 1.24 -48.45 -11.74
CA GLU D 363 -0.11 -47.95 -11.55
C GLU D 363 -0.47 -46.64 -12.25
N ILE D 364 0.53 -45.93 -12.74
CA ILE D 364 0.25 -44.70 -13.46
C ILE D 364 -0.15 -45.18 -14.86
N GLU D 365 0.50 -46.26 -15.30
CA GLU D 365 0.20 -46.83 -16.62
C GLU D 365 -1.22 -47.36 -16.57
N GLN D 366 -1.51 -48.11 -15.51
CA GLN D 366 -2.83 -48.68 -15.31
C GLN D 366 -3.83 -47.55 -15.15
N LEU D 367 -3.36 -46.43 -14.62
CA LEU D 367 -4.21 -45.27 -14.40
C LEU D 367 -4.56 -44.51 -15.68
N PHE D 368 -3.59 -44.37 -16.57
CA PHE D 368 -3.84 -43.67 -17.82
C PHE D 368 -4.25 -44.65 -18.89
N LYS D 369 -4.41 -45.90 -18.47
CA LYS D 369 -4.82 -46.96 -19.38
C LYS D 369 -6.20 -46.57 -19.93
N GLY D 370 -6.20 -45.61 -20.86
CA GLY D 370 -7.42 -45.14 -21.48
C GLY D 370 -7.74 -43.69 -21.15
O3P MRU E . -25.01 21.89 -16.94
P1 MRU E . -24.04 21.75 -16.08
O1P MRU E . -22.93 22.38 -16.24
O2P MRU E . -24.51 21.92 -14.84
O1 MRU E . -23.71 20.30 -16.23
C1 MRU E . -24.10 19.19 -15.46
C2 MRU E . -23.56 17.75 -15.32
O2 MRU E . -22.51 17.60 -15.24
C3 MRU E . -24.26 16.41 -15.23
O3 MRU E . -24.94 16.28 -14.08
C4 MRU E . -25.24 15.96 -16.32
O4 MRU E . -25.50 16.80 -17.40
C5 MRU E . -26.44 15.18 -15.78
S1 MRU E . -27.89 16.05 -15.47
C6 MRU E . -29.31 15.24 -15.42
O3P MRU F . -5.56 26.18 8.28
P1 MRU F . -4.92 25.29 9.20
O1P MRU F . -4.51 25.93 10.44
O2P MRU F . -5.60 24.01 9.37
O1 MRU F . -3.69 24.64 8.42
C1 MRU F . -3.82 23.37 7.76
C2 MRU F . -2.63 22.82 6.93
O2 MRU F . -2.66 21.85 6.26
C3 MRU F . -1.27 23.41 6.89
O3 MRU F . -0.82 23.15 5.57
C4 MRU F . -0.30 22.76 7.88
O4 MRU F . -0.73 22.98 9.19
C5 MRU F . 1.09 23.29 7.70
S1 MRU F . 1.17 24.94 7.12
C6 MRU F . 2.65 25.48 7.76
O3P MRU G . 22.47 -13.98 17.10
P1 MRU G . 21.72 -14.75 16.05
O1P MRU G . 22.04 -14.33 14.63
O2P MRU G . 20.25 -14.93 16.32
O1 MRU G . 22.33 -16.23 16.16
C1 MRU G . 23.50 -16.60 15.43
C2 MRU G . 23.66 -18.10 15.46
O2 MRU G . 22.70 -18.83 15.31
C3 MRU G . 25.03 -18.69 15.68
O3 MRU G . 25.67 -18.87 14.41
C4 MRU G . 25.86 -17.75 16.54
O4 MRU G . 25.62 -18.05 17.92
C5 MRU G . 27.34 -17.89 16.23
S1 MRU G . 27.86 -16.57 15.20
C6 MRU G . 29.61 -16.38 15.33
O3P MRU H . 2.31 -21.38 -9.15
P1 MRU H . 3.78 -21.47 -8.82
O1P MRU H . 4.66 -21.72 -10.02
O2P MRU H . 4.29 -20.39 -7.90
O1 MRU H . 3.90 -22.82 -7.95
C1 MRU H . 3.19 -23.99 -8.33
C2 MRU H . 3.43 -25.08 -7.32
O2 MRU H . 4.56 -25.30 -6.91
C3 MRU H . 2.27 -25.89 -6.80
O3 MRU H . 2.68 -26.61 -5.63
C4 MRU H . 1.83 -26.87 -7.88
O4 MRU H . 1.92 -26.24 -9.16
C5 MRU H . 0.39 -27.32 -7.64
S1 MRU H . -0.54 -26.00 -6.94
C6 MRU H . -2.19 -26.05 -7.57
#